data_9AVA
#
_entry.id   9AVA
#
_cell.length_a   136.120
_cell.length_b   288.960
_cell.length_c   178.840
_cell.angle_alpha   90.00
_cell.angle_beta   90.00
_cell.angle_gamma   90.00
#
_symmetry.space_group_name_H-M   'C 2 2 21'
#
loop_
_entity.id
_entity.type
_entity.pdbx_description
1 polymer 'Three-prime repair exonuclease 1'
2 non-polymer 'POTASSIUM ION'
3 non-polymer (2R)-2-[(5R,6S,8R,9aS)-8-amino-1-oxo-5-(2-phenylethyl)hexahydro-1H-pyrrolo[1,2-a][1,4]diazepin-2(3H)-yl]-N-[(3,4-dichlorophenyl)methyl]-4-methylpentanamide
4 non-polymer 'UNKNOWN ATOM OR ION'
5 water water
#
_entity_poly.entity_id   1
_entity_poly.type   'polypeptide(L)'
_entity_poly.pdbx_seq_one_letter_code
;GALPPGPMQTLIFFDMEATGLPFSQPKVTELCLLAVHRCALESPPTSQGPPPTVPPPPRVVDKLSLCVAPGKACSPAASE
ITGLSTAVLAAHGRQCFDDNLANLLLAFLRRQPQPWCLVAHNGDRYDFPLLQAELAMLGLTSALDGAFCVDSITALKALE
RASSPSEHGPRKSYSLGSIYTRLYGQSPPDSHTAEGDVLALLSICQWRPQALLRWVDAHARPFGTIRPMYG
;
_entity_poly.pdbx_strand_id   A,B,C,D,E,F,G,H,I,J,K,L
#
# COMPACT_ATOMS: atom_id res chain seq x y z
N LEU A 3 9.74 -9.16 -19.11
CA LEU A 3 10.95 -8.37 -19.30
C LEU A 3 11.83 -8.28 -18.01
N PRO A 4 11.33 -7.93 -16.79
CA PRO A 4 12.23 -7.88 -15.61
C PRO A 4 12.85 -9.27 -15.32
N PRO A 5 14.13 -9.33 -14.87
CA PRO A 5 14.81 -10.63 -14.76
C PRO A 5 14.46 -11.54 -13.58
N GLY A 6 13.99 -10.97 -12.47
CA GLY A 6 13.78 -11.72 -11.24
C GLY A 6 15.11 -11.85 -10.49
N PRO A 7 15.17 -12.63 -9.38
CA PRO A 7 16.43 -12.75 -8.61
C PRO A 7 17.63 -13.32 -9.38
N MET A 8 18.80 -12.68 -9.23
CA MET A 8 20.08 -13.09 -9.81
C MET A 8 20.41 -14.48 -9.24
N GLN A 9 20.64 -15.46 -10.12
CA GLN A 9 20.92 -16.82 -9.68
C GLN A 9 22.40 -17.00 -9.38
N THR A 10 23.30 -16.30 -10.10
CA THR A 10 24.76 -16.37 -9.92
C THR A 10 25.35 -14.98 -9.77
N LEU A 11 26.28 -14.83 -8.84
CA LEU A 11 27.05 -13.59 -8.69
C LEU A 11 28.43 -13.94 -9.14
N ILE A 12 28.91 -13.26 -10.19
CA ILE A 12 30.24 -13.53 -10.73
C ILE A 12 31.14 -12.40 -10.28
N PHE A 13 31.85 -12.66 -9.19
CA PHE A 13 32.82 -11.72 -8.61
C PHE A 13 33.95 -11.59 -9.64
N PHE A 14 34.28 -10.34 -10.01
CA PHE A 14 35.14 -10.03 -11.13
C PHE A 14 36.13 -8.94 -10.84
N ASP A 15 37.37 -9.13 -11.35
CA ASP A 15 38.46 -8.17 -11.25
C ASP A 15 39.42 -8.38 -12.39
N MET A 16 39.99 -7.26 -12.85
CA MET A 16 41.01 -7.22 -13.90
C MET A 16 42.17 -6.30 -13.52
N GLU A 17 43.38 -6.65 -14.04
CA GLU A 17 44.57 -5.81 -13.98
C GLU A 17 44.73 -5.33 -15.44
N ALA A 18 45.40 -4.18 -15.67
CA ALA A 18 45.59 -3.66 -17.03
C ALA A 18 47.00 -3.08 -17.19
N THR A 19 47.34 -2.52 -18.35
CA THR A 19 48.66 -1.87 -18.60
C THR A 19 48.77 -0.52 -17.87
N GLY A 20 47.65 0.08 -17.56
CA GLY A 20 47.61 1.36 -16.89
C GLY A 20 46.20 1.75 -16.56
N LEU A 21 46.02 3.02 -16.21
CA LEU A 21 44.75 3.58 -15.84
C LEU A 21 43.94 4.03 -17.11
N PRO A 22 42.62 4.32 -16.99
CA PRO A 22 41.79 4.64 -18.19
C PRO A 22 42.31 5.71 -19.16
N PHE A 23 42.98 6.77 -18.67
CA PHE A 23 43.50 7.87 -19.51
C PHE A 23 44.60 7.43 -20.50
N SER A 24 45.25 6.27 -20.28
CA SER A 24 46.29 5.72 -21.13
C SER A 24 45.75 4.75 -22.23
N GLN A 25 44.40 4.52 -22.29
CA GLN A 25 43.69 3.53 -23.16
C GLN A 25 44.28 2.14 -22.86
N PRO A 26 44.03 1.62 -21.64
CA PRO A 26 44.70 0.39 -21.24
C PRO A 26 44.19 -0.89 -21.90
N LYS A 27 44.99 -1.94 -21.80
CA LYS A 27 44.69 -3.28 -22.27
C LYS A 27 44.77 -4.23 -21.06
N VAL A 28 43.92 -5.25 -21.03
CA VAL A 28 43.83 -6.26 -19.98
C VAL A 28 45.16 -7.03 -19.96
N THR A 29 45.68 -7.31 -18.75
CA THR A 29 46.89 -8.11 -18.56
C THR A 29 46.51 -9.34 -17.71
N GLU A 30 45.39 -9.24 -16.99
CA GLU A 30 44.92 -10.30 -16.11
C GLU A 30 43.45 -10.14 -15.80
N LEU A 31 42.76 -11.26 -15.63
CA LEU A 31 41.35 -11.25 -15.27
C LEU A 31 41.05 -12.43 -14.37
N CYS A 32 40.14 -12.23 -13.42
CA CYS A 32 39.62 -13.30 -12.59
C CYS A 32 38.11 -13.19 -12.50
N LEU A 33 37.45 -14.34 -12.70
CA LEU A 33 36.00 -14.54 -12.60
C LEU A 33 35.77 -15.63 -11.54
N LEU A 34 34.93 -15.32 -10.54
CA LEU A 34 34.53 -16.26 -9.50
C LEU A 34 33.01 -16.29 -9.37
N ALA A 35 32.40 -17.37 -9.92
CA ALA A 35 30.96 -17.60 -9.94
C ALA A 35 30.49 -18.28 -8.68
N VAL A 36 29.57 -17.62 -7.97
CA VAL A 36 29.02 -18.08 -6.71
C VAL A 36 27.48 -18.07 -6.88
N HIS A 37 26.83 -19.22 -6.65
CA HIS A 37 25.36 -19.33 -6.71
C HIS A 37 24.79 -18.46 -5.60
N ARG A 38 23.58 -17.92 -5.81
CA ARG A 38 22.93 -17.03 -4.83
C ARG A 38 22.67 -17.75 -3.48
N CYS A 39 22.44 -19.09 -3.48
CA CYS A 39 22.19 -19.86 -2.24
C CYS A 39 23.38 -19.80 -1.28
N ALA A 40 24.63 -19.55 -1.79
CA ALA A 40 25.82 -19.45 -0.92
C ALA A 40 25.80 -18.17 -0.08
N LEU A 41 25.00 -17.18 -0.51
CA LEU A 41 24.82 -15.88 0.15
C LEU A 41 23.50 -15.80 0.91
N GLU A 42 22.41 -16.38 0.37
CA GLU A 42 21.12 -16.35 1.07
C GLU A 42 21.06 -17.43 2.14
N SER A 43 21.60 -18.61 1.85
CA SER A 43 21.60 -19.71 2.82
C SER A 43 23.05 -20.13 3.17
N PRO A 44 23.88 -19.25 3.81
CA PRO A 44 25.26 -19.66 4.12
C PRO A 44 25.35 -20.60 5.33
N PRO A 45 26.36 -21.50 5.39
CA PRO A 45 26.45 -22.42 6.54
C PRO A 45 26.91 -21.72 7.81
N THR A 53 36.66 -14.71 12.20
CA THR A 53 36.09 -13.40 11.85
C THR A 53 35.88 -13.31 10.32
N VAL A 54 36.86 -13.75 9.49
CA VAL A 54 36.70 -13.72 8.04
C VAL A 54 35.89 -14.96 7.65
N PRO A 55 34.75 -14.78 6.94
CA PRO A 55 33.95 -15.95 6.55
C PRO A 55 34.72 -16.80 5.56
N PRO A 56 34.59 -18.14 5.62
CA PRO A 56 35.30 -18.98 4.65
C PRO A 56 34.60 -18.86 3.28
N PRO A 57 35.31 -18.97 2.13
CA PRO A 57 34.58 -18.92 0.86
C PRO A 57 33.65 -20.15 0.73
N PRO A 58 32.59 -20.13 -0.12
CA PRO A 58 31.75 -21.35 -0.23
C PRO A 58 32.58 -22.52 -0.77
N ARG A 59 32.17 -23.75 -0.45
CA ARG A 59 32.84 -24.95 -0.93
C ARG A 59 32.66 -25.09 -2.46
N VAL A 60 31.47 -24.76 -2.96
CA VAL A 60 31.11 -24.91 -4.37
C VAL A 60 31.24 -23.54 -5.08
N VAL A 61 32.31 -23.36 -5.86
CA VAL A 61 32.56 -22.15 -6.67
C VAL A 61 33.17 -22.59 -8.02
N ASP A 62 33.01 -21.76 -9.04
CA ASP A 62 33.65 -21.92 -10.34
C ASP A 62 34.58 -20.73 -10.41
N LYS A 63 35.85 -20.97 -10.69
CA LYS A 63 36.89 -19.91 -10.77
C LYS A 63 37.66 -20.01 -12.09
N LEU A 64 38.04 -18.85 -12.62
CA LEU A 64 38.83 -18.68 -13.85
C LEU A 64 39.73 -17.44 -13.68
N SER A 65 41.06 -17.64 -13.64
CA SER A 65 42.11 -16.61 -13.56
C SER A 65 42.97 -16.74 -14.81
N LEU A 66 43.13 -15.66 -15.57
CA LEU A 66 43.92 -15.72 -16.80
C LEU A 66 44.79 -14.51 -16.95
N CYS A 67 46.00 -14.73 -17.47
CA CYS A 67 46.92 -13.68 -17.83
C CYS A 67 46.84 -13.45 -19.32
N VAL A 68 46.93 -12.18 -19.75
CA VAL A 68 46.71 -11.79 -21.14
C VAL A 68 47.89 -10.97 -21.66
N ALA A 69 48.37 -11.24 -22.89
CA ALA A 69 49.43 -10.43 -23.50
C ALA A 69 48.77 -9.12 -23.96
N PRO A 70 49.14 -7.93 -23.45
CA PRO A 70 48.39 -6.71 -23.83
C PRO A 70 48.75 -6.10 -25.20
N GLY A 71 49.84 -6.53 -25.84
CA GLY A 71 50.30 -5.99 -27.14
C GLY A 71 51.08 -4.69 -27.06
N LYS A 72 51.27 -4.18 -25.84
CA LYS A 72 51.99 -2.91 -25.58
C LYS A 72 52.49 -2.92 -24.15
N ALA A 73 53.47 -2.05 -23.83
CA ALA A 73 54.07 -1.98 -22.51
C ALA A 73 53.09 -1.53 -21.42
N CYS A 74 53.30 -2.08 -20.21
CA CYS A 74 52.60 -1.67 -18.99
C CYS A 74 53.36 -0.46 -18.54
N SER A 75 52.64 0.50 -17.94
CA SER A 75 53.28 1.67 -17.39
C SER A 75 54.11 1.19 -16.19
N PRO A 76 55.24 1.85 -15.87
CA PRO A 76 56.04 1.41 -14.72
C PRO A 76 55.24 1.32 -13.39
N ALA A 77 54.19 2.17 -13.23
CA ALA A 77 53.31 2.19 -12.05
C ALA A 77 52.51 0.90 -11.99
N ALA A 78 51.93 0.49 -13.12
CA ALA A 78 51.16 -0.75 -13.25
C ALA A 78 51.99 -1.96 -12.86
N SER A 79 53.25 -2.05 -13.35
CA SER A 79 54.14 -3.17 -13.03
C SER A 79 54.48 -3.25 -11.54
N GLU A 80 54.80 -2.09 -10.90
CA GLU A 80 55.15 -2.05 -9.49
C GLU A 80 54.00 -2.52 -8.61
N ILE A 81 52.75 -2.10 -8.93
CA ILE A 81 51.56 -2.40 -8.16
C ILE A 81 51.06 -3.83 -8.41
N THR A 82 51.00 -4.27 -9.67
CA THR A 82 50.42 -5.58 -9.99
C THR A 82 51.44 -6.71 -10.06
N GLY A 83 52.73 -6.39 -10.26
CA GLY A 83 53.77 -7.41 -10.39
C GLY A 83 53.77 -8.07 -11.77
N LEU A 84 53.11 -7.45 -12.75
CA LEU A 84 53.08 -7.96 -14.12
C LEU A 84 53.76 -6.94 -15.04
N SER A 85 54.35 -7.42 -16.13
CA SER A 85 54.93 -6.60 -17.18
C SER A 85 54.72 -7.36 -18.50
N THR A 86 54.58 -6.65 -19.64
CA THR A 86 54.41 -7.23 -20.99
C THR A 86 55.54 -8.25 -21.30
N ALA A 87 56.80 -7.90 -20.93
CA ALA A 87 57.98 -8.76 -21.12
C ALA A 87 57.88 -10.06 -20.30
N VAL A 88 57.36 -10.00 -19.07
CA VAL A 88 57.22 -11.22 -18.23
C VAL A 88 56.06 -12.06 -18.75
N LEU A 89 55.00 -11.41 -19.23
CA LEU A 89 53.85 -12.08 -19.83
C LEU A 89 54.28 -12.83 -21.10
N ALA A 90 55.15 -12.21 -21.95
CA ALA A 90 55.72 -12.81 -23.16
C ALA A 90 56.64 -13.99 -22.80
N ALA A 91 57.49 -13.82 -21.74
CA ALA A 91 58.36 -14.92 -21.26
C ALA A 91 57.48 -16.14 -20.90
N HIS A 92 56.26 -15.90 -20.40
CA HIS A 92 55.32 -16.95 -20.00
C HIS A 92 54.40 -17.44 -21.15
N GLY A 93 54.69 -17.04 -22.39
CA GLY A 93 53.98 -17.42 -23.61
C GLY A 93 52.52 -17.07 -23.65
N ARG A 94 52.12 -15.95 -22.98
CA ARG A 94 50.71 -15.53 -22.93
C ARG A 94 50.26 -14.99 -24.28
N GLN A 95 49.02 -15.30 -24.63
CA GLN A 95 48.32 -14.87 -25.85
C GLN A 95 47.51 -13.61 -25.60
N CYS A 96 47.16 -12.91 -26.67
CA CYS A 96 46.42 -11.66 -26.54
C CYS A 96 44.93 -11.93 -26.29
N PHE A 97 44.15 -10.85 -26.16
CA PHE A 97 42.69 -10.86 -25.98
C PHE A 97 42.13 -11.04 -27.38
N ASP A 98 41.77 -12.31 -27.72
CA ASP A 98 41.27 -12.76 -29.03
C ASP A 98 39.92 -13.45 -28.95
N ASP A 99 39.44 -13.94 -30.12
CA ASP A 99 38.18 -14.64 -30.29
C ASP A 99 38.05 -15.84 -29.35
N ASN A 100 39.11 -16.66 -29.26
CA ASN A 100 39.18 -17.83 -28.38
C ASN A 100 39.06 -17.40 -26.91
N LEU A 101 39.67 -16.27 -26.51
CA LEU A 101 39.54 -15.80 -25.14
C LEU A 101 38.06 -15.43 -24.86
N ALA A 102 37.40 -14.70 -25.81
CA ALA A 102 35.99 -14.32 -25.63
C ALA A 102 35.08 -15.56 -25.61
N ASN A 103 35.37 -16.55 -26.47
CA ASN A 103 34.67 -17.83 -26.54
C ASN A 103 34.83 -18.60 -25.22
N LEU A 104 36.04 -18.56 -24.62
CA LEU A 104 36.35 -19.15 -23.30
C LEU A 104 35.47 -18.47 -22.20
N LEU A 105 35.42 -17.12 -22.19
CA LEU A 105 34.64 -16.34 -21.21
C LEU A 105 33.16 -16.68 -21.28
N LEU A 106 32.59 -16.79 -22.50
CA LEU A 106 31.18 -17.13 -22.73
C LEU A 106 30.89 -18.56 -22.31
N ALA A 107 31.80 -19.51 -22.60
CA ALA A 107 31.63 -20.91 -22.21
C ALA A 107 31.58 -21.06 -20.67
N PHE A 108 32.42 -20.31 -19.94
CA PHE A 108 32.49 -20.27 -18.47
C PHE A 108 31.17 -19.72 -17.89
N LEU A 109 30.69 -18.60 -18.44
CA LEU A 109 29.43 -17.95 -18.03
C LEU A 109 28.23 -18.86 -18.34
N ARG A 110 28.22 -19.57 -19.49
CA ARG A 110 27.17 -20.51 -19.89
C ARG A 110 27.03 -21.69 -18.91
N ARG A 111 28.04 -21.95 -18.07
CA ARG A 111 27.97 -23.00 -17.05
C ARG A 111 27.24 -22.49 -15.80
N GLN A 112 26.86 -21.19 -15.77
CA GLN A 112 26.19 -20.60 -14.62
C GLN A 112 24.69 -20.40 -14.82
N PRO A 113 23.80 -20.73 -13.84
CA PRO A 113 22.37 -20.46 -14.08
C PRO A 113 22.14 -18.95 -14.21
N GLN A 114 21.26 -18.57 -15.14
CA GLN A 114 20.89 -17.19 -15.42
C GLN A 114 19.68 -16.77 -14.57
N PRO A 115 19.51 -15.47 -14.23
CA PRO A 115 20.33 -14.29 -14.61
C PRO A 115 21.70 -14.26 -13.93
N TRP A 116 22.74 -13.88 -14.71
CA TRP A 116 24.12 -13.72 -14.22
C TRP A 116 24.28 -12.26 -13.85
N CYS A 117 25.02 -11.99 -12.74
CA CYS A 117 25.40 -10.65 -12.34
C CYS A 117 26.88 -10.57 -12.06
N LEU A 118 27.61 -9.78 -12.87
CA LEU A 118 29.03 -9.50 -12.65
C LEU A 118 29.09 -8.52 -11.48
N VAL A 119 30.01 -8.73 -10.54
CA VAL A 119 30.20 -7.85 -9.37
C VAL A 119 31.66 -7.44 -9.37
N ALA A 120 31.92 -6.15 -9.44
CA ALA A 120 33.27 -5.63 -9.44
C ALA A 120 33.37 -4.34 -8.64
N HIS A 121 34.41 -4.24 -7.82
CA HIS A 121 34.66 -3.07 -6.99
C HIS A 121 35.16 -1.91 -7.86
N ASN A 122 34.34 -0.85 -8.01
CA ASN A 122 34.63 0.31 -8.90
C ASN A 122 34.56 -0.21 -10.34
N GLY A 123 33.69 -1.19 -10.56
CA GLY A 123 33.47 -1.84 -11.85
C GLY A 123 32.98 -0.91 -12.93
N ASP A 124 32.09 0.05 -12.59
CA ASP A 124 31.50 0.99 -13.56
C ASP A 124 32.51 1.90 -14.22
N ARG A 125 33.59 2.25 -13.52
N ARG A 125 33.58 2.24 -13.51
CA ARG A 125 34.62 3.14 -14.04
CA ARG A 125 34.65 3.13 -13.99
C ARG A 125 35.81 2.38 -14.65
C ARG A 125 35.80 2.38 -14.63
N TYR A 126 36.10 1.16 -14.15
CA TYR A 126 37.27 0.42 -14.62
C TYR A 126 36.98 -0.92 -15.36
N ASP A 127 36.69 -2.01 -14.66
CA ASP A 127 36.54 -3.38 -15.20
C ASP A 127 35.45 -3.53 -16.26
N PHE A 128 34.24 -2.97 -16.02
CA PHE A 128 33.14 -3.10 -16.96
C PHE A 128 33.44 -2.36 -18.27
N PRO A 129 33.83 -1.05 -18.33
CA PRO A 129 34.11 -0.43 -19.63
C PRO A 129 35.31 -1.02 -20.36
N LEU A 130 36.33 -1.52 -19.63
CA LEU A 130 37.49 -2.12 -20.28
C LEU A 130 37.11 -3.49 -20.87
N LEU A 131 36.26 -4.27 -20.17
CA LEU A 131 35.80 -5.54 -20.72
C LEU A 131 35.02 -5.25 -22.02
N GLN A 132 34.09 -4.25 -21.98
CA GLN A 132 33.32 -3.83 -23.16
C GLN A 132 34.22 -3.37 -24.30
N ALA A 133 35.30 -2.59 -24.01
CA ALA A 133 36.24 -2.10 -25.01
C ALA A 133 37.01 -3.27 -25.67
N GLU A 134 37.43 -4.26 -24.86
CA GLU A 134 38.17 -5.42 -25.39
C GLU A 134 37.30 -6.25 -26.35
N LEU A 135 36.04 -6.49 -25.99
CA LEU A 135 35.11 -7.24 -26.82
C LEU A 135 34.77 -6.50 -28.11
N ALA A 136 34.56 -5.17 -28.01
CA ALA A 136 34.25 -4.30 -29.15
C ALA A 136 35.37 -4.27 -30.19
N MET A 137 36.64 -4.34 -29.72
CA MET A 137 37.84 -4.36 -30.56
C MET A 137 37.94 -5.67 -31.37
N LEU A 138 37.19 -6.71 -30.96
CA LEU A 138 37.14 -8.01 -31.62
C LEU A 138 35.90 -8.15 -32.49
N GLY A 139 35.13 -7.06 -32.59
CA GLY A 139 33.87 -7.04 -33.32
C GLY A 139 32.76 -7.77 -32.61
N LEU A 140 32.84 -7.91 -31.27
CA LEU A 140 31.83 -8.62 -30.49
C LEU A 140 31.20 -7.70 -29.44
N THR A 141 30.71 -6.53 -29.90
CA THR A 141 30.09 -5.46 -29.09
C THR A 141 28.85 -5.91 -28.25
N SER A 142 28.19 -7.04 -28.60
CA SER A 142 27.00 -7.49 -27.85
C SER A 142 27.17 -8.91 -27.23
N ALA A 143 28.44 -9.41 -27.15
CA ALA A 143 28.80 -10.76 -26.69
C ALA A 143 28.30 -11.09 -25.27
N LEU A 144 28.48 -10.18 -24.31
CA LEU A 144 28.09 -10.39 -22.92
C LEU A 144 26.83 -9.59 -22.51
N ASP A 145 25.97 -9.25 -23.49
CA ASP A 145 24.72 -8.51 -23.26
C ASP A 145 23.64 -9.33 -22.50
N GLY A 146 23.90 -10.61 -22.23
CA GLY A 146 22.99 -11.44 -21.44
C GLY A 146 23.05 -11.08 -19.97
N ALA A 147 24.27 -10.82 -19.50
CA ALA A 147 24.67 -10.49 -18.15
C ALA A 147 24.09 -9.19 -17.60
N PHE A 148 24.14 -9.08 -16.28
CA PHE A 148 23.81 -7.90 -15.51
C PHE A 148 25.11 -7.53 -14.80
N CYS A 149 25.18 -6.32 -14.21
CA CYS A 149 26.39 -5.93 -13.50
C CYS A 149 26.03 -5.02 -12.32
N VAL A 150 26.87 -5.06 -11.27
CA VAL A 150 26.76 -4.20 -10.09
C VAL A 150 28.17 -3.77 -9.69
N ASP A 151 28.28 -2.51 -9.25
CA ASP A 151 29.49 -1.95 -8.69
C ASP A 151 29.32 -2.14 -7.18
N SER A 152 30.21 -2.92 -6.54
CA SER A 152 30.14 -3.22 -5.12
C SER A 152 30.36 -1.99 -4.25
N ILE A 153 31.00 -0.91 -4.77
CA ILE A 153 31.13 0.34 -4.02
C ILE A 153 29.72 0.92 -3.85
N THR A 154 28.95 1.01 -4.97
CA THR A 154 27.57 1.53 -4.97
C THR A 154 26.73 0.72 -3.98
N ALA A 155 26.95 -0.62 -3.97
CA ALA A 155 26.27 -1.58 -3.12
C ALA A 155 26.60 -1.41 -1.64
N LEU A 156 27.89 -1.28 -1.29
CA LEU A 156 28.30 -1.23 0.11
C LEU A 156 28.05 0.15 0.75
N LYS A 157 27.98 1.23 -0.07
CA LYS A 157 27.66 2.57 0.44
C LYS A 157 26.17 2.59 0.80
N ALA A 158 25.34 1.92 -0.03
CA ALA A 158 23.88 1.82 0.16
C ALA A 158 23.54 1.05 1.43
N LEU A 159 24.30 -0.01 1.75
CA LEU A 159 24.10 -0.86 2.93
C LEU A 159 24.51 -0.18 4.25
N GLU A 160 25.27 0.93 4.18
CA GLU A 160 25.71 1.69 5.36
C GLU A 160 25.22 3.13 5.33
N LYS A 172 35.95 9.16 4.53
CA LYS A 172 35.83 7.71 4.49
C LYS A 172 36.26 7.17 3.12
N SER A 173 37.17 6.18 3.14
CA SER A 173 37.66 5.56 1.90
C SER A 173 36.85 4.32 1.60
N TYR A 174 36.43 4.17 0.33
CA TYR A 174 35.66 2.98 -0.06
C TYR A 174 36.51 2.13 -1.00
N SER A 175 37.84 2.10 -0.74
CA SER A 175 38.81 1.27 -1.45
C SER A 175 38.66 -0.13 -0.85
N LEU A 176 39.00 -1.16 -1.63
CA LEU A 176 38.86 -2.57 -1.23
C LEU A 176 39.54 -2.85 0.13
N GLY A 177 40.78 -2.35 0.31
CA GLY A 177 41.55 -2.49 1.53
C GLY A 177 40.93 -1.82 2.75
N SER A 178 40.44 -0.57 2.57
CA SER A 178 39.78 0.20 3.63
C SER A 178 38.54 -0.53 4.13
N ILE A 179 37.67 -0.98 3.21
CA ILE A 179 36.43 -1.72 3.55
C ILE A 179 36.78 -3.01 4.29
N TYR A 180 37.77 -3.78 3.77
CA TYR A 180 38.25 -5.03 4.35
C TYR A 180 38.79 -4.82 5.77
N THR A 181 39.71 -3.83 5.96
CA THR A 181 40.33 -3.47 7.25
C THR A 181 39.24 -3.12 8.30
N ARG A 182 38.23 -2.32 7.94
CA ARG A 182 37.13 -1.92 8.84
C ARG A 182 36.28 -3.10 9.32
N LEU A 183 36.08 -4.14 8.48
CA LEU A 183 35.23 -5.29 8.86
C LEU A 183 36.00 -6.42 9.52
N TYR A 184 37.24 -6.70 9.09
CA TYR A 184 37.98 -7.86 9.59
C TYR A 184 39.36 -7.54 10.20
N GLY A 185 39.60 -6.27 10.54
CA GLY A 185 40.82 -5.77 11.19
C GLY A 185 42.14 -6.34 10.73
N GLN A 186 42.29 -6.57 9.43
CA GLN A 186 43.50 -7.15 8.83
C GLN A 186 43.56 -6.75 7.36
N SER A 187 44.77 -6.76 6.78
CA SER A 187 45.00 -6.50 5.36
C SER A 187 44.75 -7.84 4.58
N PRO A 188 44.08 -7.82 3.41
CA PRO A 188 43.84 -9.10 2.70
C PRO A 188 45.09 -9.66 2.01
N PRO A 189 45.21 -11.01 1.90
CA PRO A 189 46.38 -11.58 1.21
C PRO A 189 46.37 -11.38 -0.31
N ASP A 190 47.56 -11.45 -0.94
CA ASP A 190 47.81 -11.35 -2.40
C ASP A 190 47.10 -10.15 -3.07
N SER A 191 47.17 -8.96 -2.41
CA SER A 191 46.58 -7.71 -2.88
C SER A 191 47.12 -7.31 -4.26
N HIS A 192 46.28 -6.63 -5.04
CA HIS A 192 46.56 -6.12 -6.39
C HIS A 192 46.90 -7.25 -7.41
N THR A 193 46.28 -8.43 -7.22
CA THR A 193 46.29 -9.56 -8.17
C THR A 193 44.81 -9.77 -8.44
N ALA A 194 44.42 -10.04 -9.71
CA ALA A 194 43.00 -10.19 -10.04
C ALA A 194 42.30 -11.20 -9.11
N GLU A 195 42.94 -12.37 -8.84
CA GLU A 195 42.36 -13.40 -7.98
C GLU A 195 42.30 -12.96 -6.52
N GLY A 196 43.37 -12.35 -6.01
CA GLY A 196 43.43 -11.88 -4.64
C GLY A 196 42.36 -10.87 -4.30
N ASP A 197 42.12 -9.94 -5.23
CA ASP A 197 41.14 -8.87 -5.06
C ASP A 197 39.70 -9.41 -5.16
N VAL A 198 39.52 -10.46 -5.96
CA VAL A 198 38.20 -11.11 -6.14
C VAL A 198 37.83 -11.85 -4.82
N LEU A 199 38.80 -12.58 -4.24
CA LEU A 199 38.65 -13.29 -2.97
C LEU A 199 38.40 -12.30 -1.82
N ALA A 200 39.09 -11.13 -1.82
CA ALA A 200 38.89 -10.09 -0.82
C ALA A 200 37.49 -9.50 -0.98
N LEU A 201 37.05 -9.22 -2.24
CA LEU A 201 35.70 -8.71 -2.55
C LEU A 201 34.61 -9.66 -2.04
N LEU A 202 34.77 -10.98 -2.29
CA LEU A 202 33.83 -12.03 -1.86
C LEU A 202 33.63 -12.01 -0.34
N SER A 203 34.74 -11.94 0.44
CA SER A 203 34.74 -11.90 1.90
C SER A 203 34.00 -10.67 2.39
N ILE A 204 34.18 -9.54 1.72
CA ILE A 204 33.50 -8.28 2.03
C ILE A 204 31.97 -8.44 1.76
N CYS A 205 31.60 -9.10 0.65
CA CYS A 205 30.20 -9.31 0.28
C CYS A 205 29.52 -10.38 1.16
N GLN A 206 30.31 -11.22 1.85
CA GLN A 206 29.82 -12.25 2.78
C GLN A 206 29.63 -11.68 4.21
N TRP A 207 30.02 -10.41 4.46
CA TRP A 207 29.86 -9.75 5.76
C TRP A 207 28.37 -9.72 6.15
N ARG A 208 27.52 -9.17 5.28
CA ARG A 208 26.05 -9.13 5.43
C ARG A 208 25.51 -9.71 4.09
N PRO A 209 25.51 -11.06 3.95
CA PRO A 209 25.21 -11.67 2.65
C PRO A 209 23.76 -11.54 2.17
N GLN A 210 22.79 -11.57 3.09
CA GLN A 210 21.37 -11.44 2.72
C GLN A 210 21.05 -10.00 2.32
N ALA A 211 21.61 -9.01 3.02
CA ALA A 211 21.39 -7.60 2.69
C ALA A 211 22.02 -7.28 1.32
N LEU A 212 23.28 -7.69 1.08
CA LEU A 212 24.00 -7.48 -0.19
C LEU A 212 23.23 -8.08 -1.38
N LEU A 213 22.65 -9.28 -1.19
CA LEU A 213 21.89 -9.99 -2.21
C LEU A 213 20.62 -9.25 -2.58
N ARG A 214 19.83 -8.78 -1.58
CA ARG A 214 18.58 -8.03 -1.82
C ARG A 214 18.83 -6.76 -2.63
N TRP A 215 19.93 -6.05 -2.32
CA TRP A 215 20.30 -4.84 -3.04
C TRP A 215 20.63 -5.17 -4.50
N VAL A 216 21.40 -6.24 -4.75
CA VAL A 216 21.83 -6.70 -6.07
C VAL A 216 20.63 -7.04 -6.91
N ASP A 217 19.70 -7.81 -6.33
CA ASP A 217 18.46 -8.25 -6.97
C ASP A 217 17.63 -7.08 -7.45
N ALA A 218 17.64 -5.98 -6.69
CA ALA A 218 16.90 -4.76 -6.97
C ALA A 218 17.66 -3.76 -7.84
N HIS A 219 19.00 -3.78 -7.84
CA HIS A 219 19.73 -2.74 -8.57
C HIS A 219 20.65 -3.25 -9.66
N ALA A 220 20.62 -4.56 -10.02
CA ALA A 220 21.45 -5.13 -11.11
C ALA A 220 21.14 -4.39 -12.43
N ARG A 221 22.18 -3.99 -13.14
CA ARG A 221 22.00 -3.20 -14.36
C ARG A 221 22.41 -4.03 -15.61
N PRO A 222 21.62 -3.98 -16.72
CA PRO A 222 22.02 -4.73 -17.94
C PRO A 222 23.43 -4.33 -18.40
N PHE A 223 24.25 -5.33 -18.74
CA PHE A 223 25.65 -5.12 -19.12
C PHE A 223 25.77 -4.30 -20.39
N GLY A 224 24.79 -4.40 -21.28
CA GLY A 224 24.74 -3.64 -22.52
C GLY A 224 24.71 -2.14 -22.37
N THR A 225 24.25 -1.64 -21.18
CA THR A 225 24.21 -0.21 -20.86
C THR A 225 25.62 0.29 -20.46
N ILE A 226 26.60 -0.62 -20.35
CA ILE A 226 27.99 -0.24 -20.09
C ILE A 226 28.60 0.10 -21.45
N ARG A 227 29.04 1.34 -21.59
CA ARG A 227 29.68 1.87 -22.80
C ARG A 227 31.14 1.44 -22.78
N PRO A 228 31.76 1.13 -23.95
CA PRO A 228 33.18 0.75 -23.93
C PRO A 228 34.06 1.93 -23.50
N MET A 229 35.17 1.66 -22.79
CA MET A 229 36.13 2.67 -22.30
C MET A 229 36.66 3.56 -23.43
N TYR A 230 36.91 2.98 -24.60
CA TYR A 230 37.38 3.68 -25.79
C TYR A 230 37.01 2.81 -26.99
N GLY A 231 36.94 3.40 -28.17
CA GLY A 231 36.57 2.72 -29.41
C GLY A 231 35.08 2.50 -29.53
N LEU B 3 -18.50 49.06 31.31
CA LEU B 3 -19.43 47.98 30.95
C LEU B 3 -19.61 47.80 29.41
N PRO B 4 -19.73 48.87 28.56
CA PRO B 4 -19.85 48.62 27.10
C PRO B 4 -18.55 48.03 26.51
N PRO B 5 -18.56 46.86 25.84
CA PRO B 5 -17.30 46.33 25.30
C PRO B 5 -16.76 47.09 24.09
N GLY B 6 -17.68 47.68 23.33
CA GLY B 6 -17.36 48.35 22.08
C GLY B 6 -17.41 47.32 20.95
N PRO B 7 -17.06 47.72 19.70
CA PRO B 7 -17.11 46.75 18.59
C PRO B 7 -16.08 45.61 18.75
N MET B 8 -16.48 44.39 18.40
CA MET B 8 -15.67 43.17 18.44
C MET B 8 -14.49 43.34 17.50
N GLN B 9 -13.28 43.01 17.98
CA GLN B 9 -12.06 43.19 17.20
C GLN B 9 -11.79 41.96 16.35
N THR B 10 -12.15 40.77 16.87
CA THR B 10 -12.03 39.47 16.20
C THR B 10 -13.32 38.71 16.29
N LEU B 11 -13.72 38.07 15.20
CA LEU B 11 -14.86 37.15 15.15
C LEU B 11 -14.19 35.79 15.04
N ILE B 12 -14.51 34.86 15.96
CA ILE B 12 -13.94 33.52 15.91
C ILE B 12 -15.05 32.52 15.55
N PHE B 13 -15.06 32.07 14.31
CA PHE B 13 -16.05 31.10 13.78
C PHE B 13 -15.76 29.74 14.44
N PHE B 14 -16.80 29.11 14.96
CA PHE B 14 -16.66 27.93 15.81
C PHE B 14 -17.68 26.85 15.53
N ASP B 15 -17.24 25.60 15.56
CA ASP B 15 -18.10 24.45 15.35
C ASP B 15 -17.42 23.26 15.98
N MET B 16 -18.25 22.37 16.55
CA MET B 16 -17.80 21.14 17.21
C MET B 16 -18.68 19.96 16.84
N GLU B 17 -18.07 18.78 16.84
CA GLU B 17 -18.74 17.50 16.65
C GLU B 17 -18.71 16.84 18.01
N ALA B 18 -19.69 15.96 18.29
CA ALA B 18 -19.74 15.27 19.60
C ALA B 18 -20.18 13.80 19.50
N THR B 19 -20.20 13.10 20.64
CA THR B 19 -20.65 11.70 20.74
C THR B 19 -22.16 11.51 20.53
N GLY B 20 -22.94 12.57 20.69
CA GLY B 20 -24.38 12.49 20.51
C GLY B 20 -25.09 13.81 20.73
N LEU B 21 -26.41 13.76 20.80
CA LEU B 21 -27.21 14.98 21.01
C LEU B 21 -27.26 15.31 22.54
N PRO B 22 -27.68 16.54 22.97
CA PRO B 22 -27.58 16.93 24.39
C PRO B 22 -28.16 15.98 25.47
N PHE B 23 -29.28 15.28 25.21
N PHE B 23 -29.24 15.28 25.17
CA PHE B 23 -29.88 14.37 26.20
CA PHE B 23 -29.92 14.34 26.06
C PHE B 23 -28.86 13.29 26.68
C PHE B 23 -28.95 13.25 26.61
N SER B 24 -27.98 12.84 25.77
CA SER B 24 -27.02 11.79 26.07
C SER B 24 -25.78 12.28 26.84
N GLN B 25 -25.74 13.57 27.29
CA GLN B 25 -24.61 14.20 27.99
C GLN B 25 -23.34 13.96 27.15
N PRO B 26 -23.30 14.54 25.95
CA PRO B 26 -22.21 14.21 25.04
C PRO B 26 -20.87 14.84 25.40
N LYS B 27 -19.83 14.33 24.76
CA LYS B 27 -18.47 14.80 24.91
C LYS B 27 -17.97 15.23 23.56
N VAL B 28 -17.09 16.24 23.52
CA VAL B 28 -16.47 16.74 22.28
C VAL B 28 -15.61 15.66 21.60
N THR B 29 -15.79 15.52 20.28
CA THR B 29 -14.99 14.62 19.43
C THR B 29 -14.11 15.43 18.46
N GLU B 30 -14.50 16.66 18.16
CA GLU B 30 -13.83 17.50 17.18
C GLU B 30 -14.21 18.94 17.39
N LEU B 31 -13.29 19.85 17.17
CA LEU B 31 -13.57 21.28 17.28
C LEU B 31 -12.77 22.04 16.23
N CYS B 32 -13.32 23.14 15.76
CA CYS B 32 -12.64 24.04 14.83
C CYS B 32 -12.93 25.46 15.19
N LEU B 33 -11.87 26.28 15.23
CA LEU B 33 -11.85 27.71 15.56
C LEU B 33 -11.16 28.45 14.42
N LEU B 34 -11.83 29.45 13.84
CA LEU B 34 -11.29 30.26 12.76
C LEU B 34 -11.41 31.74 13.15
N ALA B 35 -10.28 32.35 13.52
CA ALA B 35 -10.27 33.75 13.98
C ALA B 35 -10.03 34.72 12.81
N VAL B 36 -10.94 35.66 12.66
CA VAL B 36 -10.89 36.64 11.59
C VAL B 36 -10.98 38.03 12.22
N HIS B 37 -10.00 38.90 11.88
CA HIS B 37 -10.03 40.28 12.35
C HIS B 37 -11.23 41.01 11.71
N ARG B 38 -11.86 41.93 12.46
CA ARG B 38 -13.03 42.66 11.99
C ARG B 38 -12.75 43.46 10.70
N CYS B 39 -11.47 43.86 10.43
CA CYS B 39 -11.15 44.64 9.22
C CYS B 39 -11.39 43.80 7.93
N ALA B 40 -11.39 42.46 8.04
CA ALA B 40 -11.67 41.57 6.90
C ALA B 40 -13.17 41.55 6.55
N LEU B 41 -14.03 41.90 7.51
CA LEU B 41 -15.49 41.99 7.33
C LEU B 41 -16.00 43.43 7.16
N GLU B 42 -15.26 44.45 7.61
CA GLU B 42 -15.77 45.79 7.46
C GLU B 42 -15.17 46.48 6.23
N SER B 43 -13.96 46.08 5.80
CA SER B 43 -13.27 46.61 4.62
C SER B 43 -12.86 45.43 3.70
N PRO B 44 -13.82 44.77 2.99
CA PRO B 44 -13.44 43.61 2.15
C PRO B 44 -13.00 43.99 0.75
N THR B 53 -18.58 33.61 -7.33
CA THR B 53 -19.85 33.71 -6.60
C THR B 53 -19.59 33.62 -5.07
N VAL B 54 -18.98 32.51 -4.58
CA VAL B 54 -18.65 32.34 -3.17
C VAL B 54 -17.42 33.21 -2.83
N PRO B 55 -17.48 34.08 -1.78
CA PRO B 55 -16.30 34.91 -1.45
C PRO B 55 -15.15 34.05 -0.95
N PRO B 56 -13.89 34.32 -1.36
CA PRO B 56 -12.77 33.52 -0.84
C PRO B 56 -12.49 33.88 0.63
N PRO B 57 -11.93 32.97 1.44
CA PRO B 57 -11.60 33.35 2.83
C PRO B 57 -10.61 34.52 2.90
N PRO B 58 -10.55 35.31 3.98
CA PRO B 58 -9.50 36.36 4.03
C PRO B 58 -8.13 35.69 3.99
N ARG B 59 -7.11 36.39 3.45
CA ARG B 59 -5.74 35.94 3.39
C ARG B 59 -5.21 35.70 4.82
N VAL B 60 -5.42 36.65 5.72
CA VAL B 60 -4.92 36.55 7.09
C VAL B 60 -6.01 35.96 8.01
N VAL B 61 -5.81 34.70 8.47
CA VAL B 61 -6.71 33.99 9.40
C VAL B 61 -5.90 33.12 10.37
N ASP B 62 -6.44 32.84 11.58
CA ASP B 62 -5.85 31.88 12.51
C ASP B 62 -6.84 30.71 12.52
N LYS B 63 -6.36 29.48 12.35
CA LYS B 63 -7.23 28.32 12.33
C LYS B 63 -6.67 27.20 13.23
N LEU B 64 -7.56 26.61 14.05
CA LEU B 64 -7.27 25.48 14.91
C LEU B 64 -8.36 24.42 14.74
N SER B 65 -7.99 23.23 14.27
CA SER B 65 -8.90 22.10 14.03
C SER B 65 -8.31 20.86 14.72
N LEU B 66 -9.04 20.30 15.69
CA LEU B 66 -8.54 19.15 16.45
C LEU B 66 -9.62 18.11 16.65
N CYS B 67 -9.20 16.87 16.64
CA CYS B 67 -10.04 15.74 16.98
C CYS B 67 -9.73 15.41 18.46
N VAL B 68 -10.74 14.96 19.21
CA VAL B 68 -10.64 14.74 20.66
C VAL B 68 -11.14 13.33 21.02
N ALA B 69 -10.44 12.61 21.91
CA ALA B 69 -10.88 11.29 22.41
C ALA B 69 -12.00 11.57 23.43
N PRO B 70 -13.24 11.12 23.22
CA PRO B 70 -14.33 11.55 24.11
C PRO B 70 -14.48 10.77 25.46
N GLY B 71 -13.85 9.60 25.59
CA GLY B 71 -13.93 8.82 26.83
C GLY B 71 -15.07 7.83 26.94
N LYS B 72 -15.93 7.81 25.93
CA LYS B 72 -17.10 6.92 25.84
C LYS B 72 -17.48 6.82 24.37
N ALA B 73 -18.36 5.87 24.02
CA ALA B 73 -18.75 5.58 22.65
C ALA B 73 -19.66 6.68 22.06
N CYS B 74 -19.56 6.86 20.73
CA CYS B 74 -20.42 7.74 19.93
C CYS B 74 -21.69 6.94 19.66
N SER B 75 -22.83 7.61 19.51
CA SER B 75 -24.06 6.94 19.12
C SER B 75 -23.89 6.51 17.64
N PRO B 76 -24.60 5.49 17.15
CA PRO B 76 -24.48 5.15 15.71
C PRO B 76 -24.78 6.37 14.81
N ALA B 77 -25.75 7.22 15.21
CA ALA B 77 -26.14 8.44 14.48
C ALA B 77 -24.99 9.42 14.39
N ALA B 78 -24.36 9.78 15.52
CA ALA B 78 -23.20 10.68 15.53
C ALA B 78 -22.06 10.17 14.61
N SER B 79 -21.66 8.88 14.72
CA SER B 79 -20.61 8.28 13.87
C SER B 79 -20.93 8.30 12.37
N GLU B 80 -22.18 7.97 12.03
CA GLU B 80 -22.66 7.92 10.64
C GLU B 80 -22.62 9.30 9.98
N ILE B 81 -23.03 10.33 10.72
CA ILE B 81 -23.07 11.70 10.25
C ILE B 81 -21.68 12.33 10.26
N THR B 82 -20.87 12.14 11.32
CA THR B 82 -19.58 12.86 11.38
C THR B 82 -18.40 12.12 10.74
N GLY B 83 -18.51 10.82 10.56
CA GLY B 83 -17.41 10.03 10.00
C GLY B 83 -16.35 9.72 11.05
N LEU B 84 -16.63 10.00 12.33
CA LEU B 84 -15.75 9.75 13.49
C LEU B 84 -16.36 8.72 14.43
N SER B 85 -15.55 8.00 15.18
CA SER B 85 -16.00 7.05 16.20
C SER B 85 -14.91 6.96 17.25
N THR B 86 -15.24 6.52 18.48
CA THR B 86 -14.29 6.40 19.60
C THR B 86 -13.12 5.46 19.24
N ALA B 87 -13.41 4.36 18.53
CA ALA B 87 -12.40 3.36 18.11
C ALA B 87 -11.41 3.94 17.08
N VAL B 88 -11.91 4.76 16.15
CA VAL B 88 -11.09 5.36 15.09
C VAL B 88 -10.25 6.46 15.71
N LEU B 89 -10.83 7.31 16.59
CA LEU B 89 -10.08 8.35 17.29
C LEU B 89 -8.92 7.75 18.14
N ALA B 90 -9.15 6.56 18.74
CA ALA B 90 -8.13 5.84 19.52
C ALA B 90 -7.03 5.30 18.60
N ALA B 91 -7.42 4.81 17.40
CA ALA B 91 -6.50 4.28 16.37
C ALA B 91 -5.59 5.38 15.85
N HIS B 92 -6.04 6.65 15.94
CA HIS B 92 -5.28 7.84 15.56
C HIS B 92 -4.61 8.49 16.78
N GLY B 93 -4.55 7.74 17.91
CA GLY B 93 -3.93 8.12 19.18
C GLY B 93 -4.37 9.45 19.77
N ARG B 94 -5.68 9.79 19.64
CA ARG B 94 -6.21 11.07 20.14
C ARG B 94 -6.30 11.10 21.67
N GLN B 95 -5.98 12.27 22.24
CA GLN B 95 -6.01 12.53 23.67
C GLN B 95 -7.36 13.11 24.01
N CYS B 96 -7.75 13.05 25.29
CA CYS B 96 -9.03 13.53 25.75
C CYS B 96 -8.99 15.06 26.01
N PHE B 97 -10.14 15.63 26.42
CA PHE B 97 -10.30 17.05 26.74
C PHE B 97 -9.72 17.23 28.15
N ASP B 98 -8.46 17.63 28.21
CA ASP B 98 -7.71 17.72 29.45
C ASP B 98 -7.13 19.12 29.63
N ASP B 99 -6.34 19.34 30.71
CA ASP B 99 -5.74 20.65 31.01
C ASP B 99 -4.92 21.17 29.83
N ASN B 100 -4.09 20.30 29.22
CA ASN B 100 -3.28 20.64 28.06
C ASN B 100 -4.17 21.13 26.90
N LEU B 101 -5.29 20.47 26.63
CA LEU B 101 -6.20 20.94 25.56
C LEU B 101 -6.75 22.33 25.90
N ALA B 102 -7.18 22.53 27.16
CA ALA B 102 -7.69 23.81 27.61
C ALA B 102 -6.61 24.93 27.50
N ASN B 103 -5.35 24.61 27.83
CA ASN B 103 -4.23 25.59 27.74
C ASN B 103 -3.95 26.00 26.30
N LEU B 104 -4.02 25.06 25.38
CA LEU B 104 -3.85 25.22 23.94
C LEU B 104 -4.98 26.18 23.41
N LEU B 105 -6.26 25.90 23.75
CA LEU B 105 -7.39 26.74 23.33
C LEU B 105 -7.26 28.17 23.86
N LEU B 106 -6.88 28.31 25.13
CA LEU B 106 -6.72 29.60 25.76
C LEU B 106 -5.53 30.34 25.16
N ALA B 107 -4.41 29.64 24.86
CA ALA B 107 -3.22 30.26 24.25
C ALA B 107 -3.53 30.76 22.79
N PHE B 108 -4.39 30.04 22.06
CA PHE B 108 -4.85 30.36 20.72
C PHE B 108 -5.78 31.58 20.75
N LEU B 109 -6.73 31.60 21.71
CA LEU B 109 -7.70 32.69 21.90
C LEU B 109 -7.02 33.97 22.37
N ARG B 110 -5.96 33.83 23.19
CA ARG B 110 -5.13 34.93 23.73
C ARG B 110 -4.35 35.68 22.62
N ARG B 111 -4.11 35.05 21.47
CA ARG B 111 -3.42 35.66 20.33
C ARG B 111 -4.36 36.53 19.50
N GLN B 112 -5.65 36.59 19.87
CA GLN B 112 -6.65 37.34 19.12
C GLN B 112 -6.95 38.68 19.78
N PRO B 113 -6.97 39.83 19.03
CA PRO B 113 -7.29 41.12 19.67
C PRO B 113 -8.66 41.11 20.36
N GLN B 114 -8.72 41.66 21.55
CA GLN B 114 -9.91 41.72 22.37
C GLN B 114 -10.68 43.04 22.19
N PRO B 115 -12.00 43.10 22.41
CA PRO B 115 -12.94 42.01 22.75
C PRO B 115 -13.14 41.06 21.57
N TRP B 116 -13.29 39.77 21.84
CA TRP B 116 -13.49 38.85 20.72
C TRP B 116 -14.81 38.10 20.87
N CYS B 117 -15.34 37.61 19.75
CA CYS B 117 -16.64 36.98 19.73
C CYS B 117 -16.64 35.61 19.03
N LEU B 118 -17.07 34.55 19.76
CA LEU B 118 -17.27 33.23 19.17
C LEU B 118 -18.56 33.30 18.32
N VAL B 119 -18.51 32.76 17.08
CA VAL B 119 -19.66 32.75 16.18
C VAL B 119 -19.93 31.29 15.81
N ALA B 120 -21.05 30.73 16.30
CA ALA B 120 -21.41 29.35 15.99
C ALA B 120 -22.89 29.24 15.58
N HIS B 121 -23.16 28.45 14.52
CA HIS B 121 -24.53 28.23 14.00
C HIS B 121 -25.28 27.34 15.00
N ASN B 122 -26.36 27.87 15.60
CA ASN B 122 -27.09 27.16 16.68
C ASN B 122 -26.15 26.94 17.92
N GLY B 123 -25.19 27.84 18.11
CA GLY B 123 -24.23 27.79 19.20
C GLY B 123 -24.83 27.86 20.59
N ASP B 124 -25.92 28.67 20.78
CA ASP B 124 -26.56 28.86 22.08
C ASP B 124 -27.00 27.58 22.73
N ARG B 125 -27.53 26.67 21.94
CA ARG B 125 -28.06 25.40 22.44
C ARG B 125 -27.03 24.29 22.38
N TYR B 126 -26.06 24.35 21.46
CA TYR B 126 -25.13 23.23 21.28
C TYR B 126 -23.67 23.56 21.65
N ASP B 127 -22.91 24.25 20.79
CA ASP B 127 -21.46 24.44 20.93
C ASP B 127 -21.04 25.23 22.17
N PHE B 128 -21.76 26.31 22.50
CA PHE B 128 -21.41 27.15 23.63
C PHE B 128 -21.62 26.40 24.97
N PRO B 129 -22.80 25.80 25.27
CA PRO B 129 -22.94 25.08 26.56
C PRO B 129 -22.08 23.82 26.68
N LEU B 130 -21.76 23.12 25.57
CA LEU B 130 -20.88 21.94 25.67
C LEU B 130 -19.45 22.39 25.97
N LEU B 131 -18.99 23.51 25.36
CA LEU B 131 -17.66 24.03 25.62
C LEU B 131 -17.57 24.42 27.10
N GLN B 132 -18.61 25.10 27.64
CA GLN B 132 -18.68 25.46 29.06
C GLN B 132 -18.65 24.23 29.96
N ALA B 133 -19.31 23.11 29.54
CA ALA B 133 -19.35 21.83 30.27
C ALA B 133 -17.96 21.17 30.36
N GLU B 134 -17.25 21.10 29.22
CA GLU B 134 -15.90 20.53 29.15
C GLU B 134 -14.93 21.37 29.98
N LEU B 135 -15.13 22.71 29.99
CA LEU B 135 -14.28 23.63 30.77
C LEU B 135 -14.55 23.51 32.27
N ALA B 136 -15.84 23.40 32.69
CA ALA B 136 -16.23 23.27 34.10
C ALA B 136 -15.78 21.94 34.71
N MET B 137 -15.79 20.83 33.92
CA MET B 137 -15.35 19.49 34.35
C MET B 137 -13.87 19.48 34.72
N LEU B 138 -13.12 20.45 34.17
CA LEU B 138 -11.70 20.68 34.42
C LEU B 138 -11.49 21.69 35.53
N GLY B 139 -12.58 22.28 36.03
CA GLY B 139 -12.53 23.29 37.09
C GLY B 139 -12.20 24.68 36.58
N LEU B 140 -12.47 24.94 35.28
CA LEU B 140 -12.20 26.23 34.62
C LEU B 140 -13.50 26.96 34.25
N THR B 141 -14.36 27.17 35.24
CA THR B 141 -15.66 27.79 35.05
C THR B 141 -15.56 29.27 34.62
N SER B 142 -14.58 30.02 35.17
CA SER B 142 -14.37 31.44 34.86
C SER B 142 -13.48 31.72 33.63
N ALA B 143 -12.81 30.67 33.07
CA ALA B 143 -11.82 30.73 31.96
C ALA B 143 -12.12 31.76 30.83
N LEU B 144 -13.36 31.80 30.30
CA LEU B 144 -13.72 32.72 29.21
C LEU B 144 -14.74 33.79 29.64
N ASP B 145 -14.63 34.32 30.86
CA ASP B 145 -15.55 35.34 31.34
C ASP B 145 -15.49 36.63 30.48
N GLY B 146 -14.28 37.02 30.05
CA GLY B 146 -14.06 38.21 29.22
C GLY B 146 -14.40 38.06 27.74
N ALA B 147 -14.78 36.85 27.32
CA ALA B 147 -15.13 36.49 25.96
C ALA B 147 -16.57 36.87 25.63
N PHE B 148 -16.88 36.94 24.34
CA PHE B 148 -18.24 37.20 23.87
C PHE B 148 -18.66 36.10 22.91
N CYS B 149 -19.97 35.94 22.67
CA CYS B 149 -20.47 34.91 21.76
C CYS B 149 -21.77 35.37 21.09
N VAL B 150 -22.04 34.83 19.89
CA VAL B 150 -23.26 35.05 19.11
C VAL B 150 -23.63 33.79 18.38
N ASP B 151 -24.94 33.56 18.27
CA ASP B 151 -25.51 32.46 17.53
C ASP B 151 -25.77 33.04 16.16
N SER B 152 -25.14 32.46 15.10
CA SER B 152 -25.33 33.00 13.77
C SER B 152 -26.76 32.72 13.22
N ILE B 153 -27.57 31.83 13.86
CA ILE B 153 -28.97 31.65 13.40
C ILE B 153 -29.74 32.96 13.68
N THR B 154 -29.65 33.50 14.92
CA THR B 154 -30.27 34.75 15.38
C THR B 154 -29.80 35.94 14.51
N ALA B 155 -28.51 35.98 14.13
CA ALA B 155 -27.92 37.03 13.30
C ALA B 155 -28.43 37.00 11.87
N LEU B 156 -28.41 35.83 11.24
CA LEU B 156 -28.78 35.68 9.84
C LEU B 156 -30.32 35.73 9.67
N LYS B 157 -31.11 35.52 10.75
CA LYS B 157 -32.58 35.67 10.69
C LYS B 157 -32.89 37.19 10.68
N ALA B 158 -32.11 37.96 11.48
CA ALA B 158 -32.21 39.42 11.60
C ALA B 158 -31.75 40.16 10.35
N LEU B 159 -30.70 39.66 9.63
CA LEU B 159 -30.20 40.32 8.40
C LEU B 159 -31.24 40.30 7.26
N GLU B 160 -32.13 39.28 7.25
CA GLU B 160 -33.21 39.12 6.26
C GLU B 160 -34.55 39.55 6.85
N LYS B 172 -38.81 29.79 5.72
CA LYS B 172 -37.44 29.43 5.35
C LYS B 172 -36.83 28.41 6.31
N SER B 173 -35.84 27.65 5.81
CA SER B 173 -35.06 26.72 6.62
C SER B 173 -33.81 27.49 7.02
N TYR B 174 -33.37 27.37 8.29
CA TYR B 174 -32.21 28.13 8.73
C TYR B 174 -31.05 27.21 9.13
N SER B 175 -31.04 25.98 8.58
CA SER B 175 -29.91 25.07 8.77
C SER B 175 -28.76 25.62 7.89
N LEU B 176 -27.51 25.34 8.25
CA LEU B 176 -26.32 25.83 7.54
C LEU B 176 -26.38 25.55 6.01
N GLY B 177 -26.66 24.30 5.65
CA GLY B 177 -26.77 23.83 4.27
C GLY B 177 -27.83 24.56 3.46
N SER B 178 -29.01 24.81 4.07
CA SER B 178 -30.11 25.53 3.43
C SER B 178 -29.73 26.99 3.21
N ILE B 179 -29.10 27.65 4.20
CA ILE B 179 -28.71 29.05 4.04
C ILE B 179 -27.66 29.16 2.93
N TYR B 180 -26.64 28.28 2.96
CA TYR B 180 -25.57 28.25 1.97
C TYR B 180 -26.16 28.10 0.56
N THR B 181 -26.88 26.98 0.28
CA THR B 181 -27.55 26.66 -1.00
C THR B 181 -28.39 27.84 -1.53
N ARG B 182 -29.13 28.51 -0.62
CA ARG B 182 -29.99 29.67 -0.92
C ARG B 182 -29.21 30.84 -1.50
N LEU B 183 -27.98 31.08 -1.00
CA LEU B 183 -27.09 32.17 -1.41
C LEU B 183 -26.12 31.79 -2.54
N TYR B 184 -25.63 30.53 -2.56
CA TYR B 184 -24.58 30.13 -3.52
C TYR B 184 -24.91 28.89 -4.40
N GLY B 185 -26.20 28.56 -4.54
CA GLY B 185 -26.67 27.49 -5.41
C GLY B 185 -26.34 26.07 -5.02
N GLN B 186 -25.04 25.75 -4.89
CA GLN B 186 -24.56 24.40 -4.56
C GLN B 186 -24.36 24.23 -3.07
N SER B 187 -24.59 22.99 -2.58
CA SER B 187 -24.40 22.61 -1.18
C SER B 187 -22.91 22.78 -0.75
N PRO B 188 -22.61 23.10 0.53
CA PRO B 188 -21.20 23.31 0.90
C PRO B 188 -20.36 22.02 0.94
N PRO B 189 -19.05 22.10 0.59
CA PRO B 189 -18.19 20.89 0.66
C PRO B 189 -17.76 20.51 2.10
N ASP B 190 -17.42 19.22 2.30
CA ASP B 190 -16.91 18.60 3.56
C ASP B 190 -17.83 18.89 4.78
N SER B 191 -19.15 18.77 4.57
CA SER B 191 -20.15 19.04 5.61
C SER B 191 -20.12 18.00 6.75
N HIS B 192 -20.57 18.43 7.96
CA HIS B 192 -20.64 17.70 9.22
C HIS B 192 -19.25 17.29 9.73
N THR B 193 -18.24 18.07 9.34
CA THR B 193 -16.86 18.03 9.83
C THR B 193 -16.72 19.44 10.40
N ALA B 194 -16.12 19.55 11.60
CA ALA B 194 -16.00 20.81 12.30
C ALA B 194 -15.45 21.94 11.40
N GLU B 195 -14.42 21.63 10.59
CA GLU B 195 -13.77 22.62 9.74
C GLU B 195 -14.63 22.99 8.53
N GLY B 196 -15.24 22.01 7.88
CA GLY B 196 -16.10 22.23 6.73
C GLY B 196 -17.30 23.09 7.11
N ASP B 197 -17.87 22.87 8.32
CA ASP B 197 -19.01 23.64 8.83
C ASP B 197 -18.58 25.06 9.16
N VAL B 198 -17.38 25.23 9.76
CA VAL B 198 -16.82 26.54 10.08
C VAL B 198 -16.56 27.33 8.77
N LEU B 199 -16.00 26.67 7.73
CA LEU B 199 -15.70 27.31 6.45
C LEU B 199 -16.95 27.70 5.68
N ALA B 200 -18.03 26.90 5.81
CA ALA B 200 -19.31 27.16 5.18
C ALA B 200 -19.95 28.38 5.85
N LEU B 201 -19.87 28.44 7.20
CA LEU B 201 -20.40 29.53 8.03
C LEU B 201 -19.67 30.85 7.75
N LEU B 202 -18.35 30.80 7.53
CA LEU B 202 -17.60 32.00 7.18
C LEU B 202 -18.14 32.57 5.84
N SER B 203 -18.27 31.72 4.80
CA SER B 203 -18.74 32.14 3.48
C SER B 203 -20.14 32.80 3.56
N ILE B 204 -21.03 32.25 4.39
CA ILE B 204 -22.39 32.76 4.61
C ILE B 204 -22.32 34.13 5.30
N CYS B 205 -21.44 34.29 6.30
CA CYS B 205 -21.27 35.56 7.02
C CYS B 205 -20.56 36.62 6.16
N GLN B 206 -19.88 36.21 5.06
CA GLN B 206 -19.20 37.13 4.13
C GLN B 206 -20.16 37.62 3.04
N TRP B 207 -21.41 37.08 3.00
CA TRP B 207 -22.44 37.44 2.01
C TRP B 207 -22.72 38.97 2.08
N ARG B 208 -23.04 39.48 3.28
CA ARG B 208 -23.24 40.91 3.60
C ARG B 208 -22.42 41.12 4.87
N PRO B 209 -21.08 41.31 4.73
CA PRO B 209 -20.20 41.30 5.92
C PRO B 209 -20.32 42.51 6.83
N GLN B 210 -20.59 43.70 6.28
CA GLN B 210 -20.73 44.93 7.03
C GLN B 210 -22.00 44.91 7.89
N ALA B 211 -23.13 44.42 7.32
CA ALA B 211 -24.37 44.27 8.07
C ALA B 211 -24.18 43.19 9.15
N LEU B 212 -23.51 42.08 8.80
CA LEU B 212 -23.20 40.99 9.75
C LEU B 212 -22.42 41.52 10.95
N LEU B 213 -21.36 42.31 10.69
CA LEU B 213 -20.48 42.86 11.72
C LEU B 213 -21.24 43.83 12.63
N ARG B 214 -22.05 44.75 12.04
CA ARG B 214 -22.88 45.72 12.76
C ARG B 214 -23.85 45.06 13.76
N TRP B 215 -24.49 43.94 13.37
CA TRP B 215 -25.39 43.22 14.25
C TRP B 215 -24.62 42.55 15.39
N VAL B 216 -23.45 41.97 15.09
CA VAL B 216 -22.61 41.32 16.10
C VAL B 216 -22.17 42.33 17.17
N ASP B 217 -21.73 43.54 16.76
CA ASP B 217 -21.27 44.60 17.67
C ASP B 217 -22.37 45.07 18.65
N ALA B 218 -23.64 45.05 18.21
CA ALA B 218 -24.76 45.48 19.04
C ALA B 218 -25.46 44.30 19.77
N HIS B 219 -25.25 43.05 19.33
CA HIS B 219 -25.94 41.92 19.97
C HIS B 219 -25.00 40.86 20.62
N ALA B 220 -23.65 41.10 20.67
CA ALA B 220 -22.68 40.16 21.28
C ALA B 220 -22.97 39.92 22.78
N ARG B 221 -23.14 38.66 23.14
CA ARG B 221 -23.48 38.19 24.47
C ARG B 221 -22.21 37.76 25.25
N PRO B 222 -22.04 38.16 26.54
CA PRO B 222 -20.85 37.70 27.29
C PRO B 222 -20.91 36.17 27.46
N PHE B 223 -19.76 35.49 27.36
CA PHE B 223 -19.68 34.04 27.43
C PHE B 223 -20.04 33.51 28.82
N GLY B 224 -19.81 34.31 29.87
CA GLY B 224 -20.11 33.96 31.25
C GLY B 224 -21.59 33.72 31.49
N THR B 225 -22.45 34.24 30.60
CA THR B 225 -23.90 34.06 30.72
C THR B 225 -24.32 32.70 30.14
N ILE B 226 -23.41 32.00 29.40
CA ILE B 226 -23.68 30.66 28.88
C ILE B 226 -23.43 29.64 30.01
N ARG B 227 -24.49 28.93 30.39
CA ARG B 227 -24.44 27.92 31.44
C ARG B 227 -23.91 26.61 30.89
N PRO B 228 -23.12 25.83 31.69
CA PRO B 228 -22.66 24.51 31.17
C PRO B 228 -23.84 23.61 30.83
N MET B 229 -23.75 22.86 29.70
CA MET B 229 -24.79 21.91 29.26
C MET B 229 -25.22 20.97 30.42
N TYR B 230 -24.22 20.47 31.20
CA TYR B 230 -24.41 19.57 32.34
C TYR B 230 -23.16 19.69 33.25
N GLY B 231 -23.26 19.15 34.46
CA GLY B 231 -22.19 19.18 35.45
N PRO C 5 -23.28 -15.40 -17.12
CA PRO C 5 -22.43 -16.42 -17.77
C PRO C 5 -23.03 -17.84 -17.76
N GLY C 6 -23.97 -18.09 -16.86
CA GLY C 6 -24.58 -19.40 -16.70
C GLY C 6 -23.94 -20.21 -15.59
N PRO C 7 -24.48 -21.41 -15.28
CA PRO C 7 -23.92 -22.20 -14.17
C PRO C 7 -22.56 -22.80 -14.48
N MET C 8 -21.67 -22.79 -13.47
CA MET C 8 -20.30 -23.31 -13.51
C MET C 8 -20.34 -24.81 -13.78
N GLN C 9 -19.63 -25.25 -14.81
CA GLN C 9 -19.64 -26.67 -15.20
C GLN C 9 -18.56 -27.45 -14.49
N THR C 10 -17.44 -26.79 -14.14
CA THR C 10 -16.36 -27.44 -13.42
C THR C 10 -15.86 -26.56 -12.29
N LEU C 11 -15.71 -27.15 -11.08
CA LEU C 11 -15.08 -26.48 -9.95
C LEU C 11 -13.67 -27.06 -9.84
N ILE C 12 -12.67 -26.19 -9.94
CA ILE C 12 -11.27 -26.56 -9.84
C ILE C 12 -10.78 -26.17 -8.44
N PHE C 13 -10.73 -27.14 -7.52
CA PHE C 13 -10.22 -26.91 -6.16
C PHE C 13 -8.71 -26.62 -6.28
N PHE C 14 -8.23 -25.56 -5.60
CA PHE C 14 -6.89 -25.05 -5.83
C PHE C 14 -6.19 -24.58 -4.58
N ASP C 15 -4.90 -24.94 -4.47
CA ASP C 15 -4.04 -24.55 -3.38
C ASP C 15 -2.61 -24.50 -3.84
N MET C 16 -1.89 -23.50 -3.34
CA MET C 16 -0.48 -23.32 -3.64
C MET C 16 0.33 -23.15 -2.37
N GLU C 17 1.59 -23.62 -2.39
CA GLU C 17 2.61 -23.40 -1.35
C GLU C 17 3.51 -22.32 -1.96
N ALA C 18 4.16 -21.51 -1.13
CA ALA C 18 5.02 -20.42 -1.62
C ALA C 18 6.28 -20.30 -0.75
N THR C 19 7.22 -19.42 -1.13
CA THR C 19 8.49 -19.17 -0.39
C THR C 19 8.25 -18.46 0.95
N GLY C 20 7.13 -17.79 1.08
CA GLY C 20 6.80 -17.04 2.30
C GLY C 20 5.44 -16.39 2.20
N LEU C 21 5.18 -15.45 3.10
CA LEU C 21 3.90 -14.74 3.15
C LEU C 21 3.95 -13.47 2.25
N PRO C 22 2.78 -12.86 1.84
CA PRO C 22 2.80 -11.73 0.89
C PRO C 22 3.79 -10.60 1.13
N PHE C 23 4.01 -10.15 2.37
CA PHE C 23 4.98 -9.07 2.59
C PHE C 23 6.38 -9.32 1.92
N SER C 24 6.79 -10.61 1.74
CA SER C 24 8.12 -10.97 1.21
C SER C 24 8.20 -11.12 -0.32
N GLN C 25 7.11 -10.84 -1.10
CA GLN C 25 7.03 -11.01 -2.57
C GLN C 25 7.30 -12.48 -2.88
N PRO C 26 6.36 -13.35 -2.42
CA PRO C 26 6.60 -14.77 -2.50
C PRO C 26 6.51 -15.34 -3.92
N LYS C 27 7.12 -16.52 -4.08
CA LYS C 27 7.17 -17.26 -5.33
C LYS C 27 6.56 -18.65 -5.08
N VAL C 28 5.79 -19.16 -6.05
CA VAL C 28 5.16 -20.49 -6.00
C VAL C 28 6.26 -21.57 -5.91
N THR C 29 6.11 -22.51 -4.95
CA THR C 29 6.98 -23.69 -4.74
C THR C 29 6.19 -25.00 -5.07
N GLU C 30 4.86 -24.96 -4.95
CA GLU C 30 3.99 -26.12 -5.18
C GLU C 30 2.57 -25.62 -5.50
N LEU C 31 1.84 -26.38 -6.33
CA LEU C 31 0.46 -26.05 -6.70
C LEU C 31 -0.36 -27.33 -6.94
N CYS C 32 -1.64 -27.31 -6.58
CA CYS C 32 -2.49 -28.45 -6.86
C CYS C 32 -3.83 -27.99 -7.38
N LEU C 33 -4.25 -28.60 -8.50
CA LEU C 33 -5.55 -28.39 -9.13
C LEU C 33 -6.28 -29.71 -9.15
N LEU C 34 -7.53 -29.68 -8.63
CA LEU C 34 -8.39 -30.85 -8.63
C LEU C 34 -9.69 -30.42 -9.26
N ALA C 35 -9.89 -30.76 -10.54
CA ALA C 35 -11.10 -30.39 -11.27
C ALA C 35 -12.20 -31.42 -11.01
N VAL C 36 -13.36 -30.95 -10.53
CA VAL C 36 -14.54 -31.77 -10.20
C VAL C 36 -15.73 -31.21 -11.02
N HIS C 37 -16.42 -32.05 -11.84
CA HIS C 37 -17.60 -31.62 -12.63
C HIS C 37 -18.74 -31.33 -11.62
N ARG C 38 -19.66 -30.40 -11.97
CA ARG C 38 -20.76 -30.01 -11.07
C ARG C 38 -21.69 -31.18 -10.72
N CYS C 39 -21.84 -32.20 -11.62
CA CYS C 39 -22.72 -33.34 -11.38
C CYS C 39 -22.27 -34.17 -10.18
N ALA C 40 -20.95 -34.17 -9.89
CA ALA C 40 -20.37 -34.88 -8.76
C ALA C 40 -20.77 -34.27 -7.40
N LEU C 41 -21.24 -33.00 -7.42
CA LEU C 41 -21.69 -32.26 -6.24
C LEU C 41 -23.22 -32.14 -6.18
N GLU C 42 -23.89 -31.92 -7.33
CA GLU C 42 -25.35 -31.80 -7.33
C GLU C 42 -26.01 -33.18 -7.22
N SER C 43 -25.36 -34.23 -7.74
CA SER C 43 -25.89 -35.61 -7.72
C SER C 43 -24.85 -36.65 -7.23
N PRO C 44 -24.54 -36.73 -5.89
CA PRO C 44 -23.61 -37.77 -5.41
C PRO C 44 -24.24 -39.18 -5.51
N PRO C 45 -23.50 -40.24 -5.93
CA PRO C 45 -24.12 -41.57 -6.13
C PRO C 45 -24.75 -42.22 -4.89
N THR C 53 -19.18 -40.87 7.50
CA THR C 53 -18.67 -39.84 8.42
C THR C 53 -18.12 -38.66 7.61
N VAL C 54 -17.08 -38.90 6.80
CA VAL C 54 -16.44 -37.91 5.92
C VAL C 54 -16.83 -38.36 4.50
N PRO C 55 -17.45 -37.49 3.66
CA PRO C 55 -17.81 -37.93 2.31
C PRO C 55 -16.60 -38.37 1.49
N PRO C 56 -16.71 -39.48 0.72
CA PRO C 56 -15.57 -39.91 -0.11
C PRO C 56 -15.38 -38.97 -1.30
N PRO C 57 -14.17 -38.82 -1.86
CA PRO C 57 -14.02 -37.94 -3.05
C PRO C 57 -14.72 -38.55 -4.27
N PRO C 58 -15.12 -37.77 -5.30
CA PRO C 58 -15.74 -38.40 -6.48
C PRO C 58 -14.70 -39.24 -7.23
N ARG C 59 -15.13 -40.38 -7.77
CA ARG C 59 -14.32 -41.34 -8.54
C ARG C 59 -13.71 -40.69 -9.80
N VAL C 60 -14.52 -39.88 -10.50
CA VAL C 60 -14.18 -39.18 -11.73
C VAL C 60 -13.73 -37.76 -11.39
N VAL C 61 -12.40 -37.60 -11.30
CA VAL C 61 -11.72 -36.32 -11.01
C VAL C 61 -10.48 -36.21 -11.92
N ASP C 62 -9.99 -34.97 -12.11
CA ASP C 62 -8.76 -34.67 -12.84
C ASP C 62 -7.90 -33.99 -11.79
N LYS C 63 -6.66 -34.46 -11.62
CA LYS C 63 -5.74 -33.92 -10.62
C LYS C 63 -4.42 -33.57 -11.25
N LEU C 64 -3.86 -32.41 -10.86
CA LEU C 64 -2.56 -31.95 -11.28
C LEU C 64 -1.87 -31.38 -10.07
N SER C 65 -0.77 -32.04 -9.63
CA SER C 65 0.04 -31.62 -8.49
C SER C 65 1.49 -31.46 -9.00
N LEU C 66 2.03 -30.23 -8.89
CA LEU C 66 3.37 -29.89 -9.37
C LEU C 66 4.20 -29.12 -8.39
N CYS C 67 5.52 -29.40 -8.38
CA CYS C 67 6.48 -28.64 -7.60
C CYS C 67 7.25 -27.66 -8.53
N VAL C 68 7.56 -26.44 -8.03
CA VAL C 68 8.15 -25.34 -8.80
C VAL C 68 9.42 -24.81 -8.12
N ALA C 69 10.49 -24.53 -8.92
CA ALA C 69 11.75 -23.93 -8.42
C ALA C 69 11.46 -22.45 -8.30
N PRO C 70 11.49 -21.89 -7.07
CA PRO C 70 11.07 -20.48 -6.89
C PRO C 70 12.08 -19.38 -7.28
N GLY C 71 13.37 -19.68 -7.39
CA GLY C 71 14.38 -18.67 -7.74
C GLY C 71 15.04 -17.99 -6.55
N LYS C 72 14.50 -18.21 -5.35
CA LYS C 72 15.07 -17.60 -4.14
C LYS C 72 14.77 -18.50 -2.97
N ALA C 73 15.41 -18.25 -1.80
CA ALA C 73 15.20 -19.11 -0.63
C ALA C 73 13.76 -19.07 -0.08
N CYS C 74 13.29 -20.18 0.48
CA CYS C 74 12.01 -20.22 1.20
C CYS C 74 12.38 -19.62 2.57
N SER C 75 11.41 -19.05 3.29
CA SER C 75 11.70 -18.56 4.65
C SER C 75 11.76 -19.83 5.56
N PRO C 76 12.42 -19.79 6.75
CA PRO C 76 12.46 -20.99 7.62
C PRO C 76 11.06 -21.46 8.03
N ALA C 77 10.12 -20.52 8.28
CA ALA C 77 8.70 -20.84 8.59
C ALA C 77 8.01 -21.61 7.44
N ALA C 78 8.18 -21.14 6.20
CA ALA C 78 7.56 -21.79 5.03
C ALA C 78 8.07 -23.23 4.87
N SER C 79 9.39 -23.47 5.03
CA SER C 79 10.06 -24.78 4.91
C SER C 79 9.60 -25.76 5.98
N GLU C 80 9.48 -25.26 7.21
CA GLU C 80 9.06 -26.04 8.38
C GLU C 80 7.59 -26.45 8.24
N ILE C 81 6.73 -25.54 7.75
CA ILE C 81 5.29 -25.83 7.57
C ILE C 81 5.06 -26.77 6.35
N THR C 82 5.63 -26.43 5.19
CA THR C 82 5.38 -27.15 3.93
C THR C 82 6.27 -28.38 3.66
N GLY C 83 7.41 -28.51 4.33
CA GLY C 83 8.36 -29.60 4.11
C GLY C 83 9.15 -29.44 2.81
N LEU C 84 9.10 -28.24 2.18
CA LEU C 84 9.82 -27.91 0.95
C LEU C 84 10.89 -26.88 1.25
N SER C 85 11.98 -26.89 0.48
CA SER C 85 13.04 -25.89 0.52
C SER C 85 13.56 -25.74 -0.91
N THR C 86 14.11 -24.56 -1.26
CA THR C 86 14.67 -24.27 -2.59
C THR C 86 15.75 -25.29 -2.94
N ALA C 87 16.59 -25.68 -1.97
CA ALA C 87 17.68 -26.63 -2.12
C ALA C 87 17.19 -28.04 -2.41
N VAL C 88 16.08 -28.46 -1.79
CA VAL C 88 15.54 -29.81 -1.97
C VAL C 88 14.82 -29.85 -3.31
N LEU C 89 14.17 -28.73 -3.67
CA LEU C 89 13.48 -28.59 -4.95
C LEU C 89 14.52 -28.64 -6.08
N ALA C 90 15.74 -28.08 -5.85
CA ALA C 90 16.82 -28.16 -6.83
C ALA C 90 17.39 -29.61 -6.91
N ALA C 91 17.53 -30.32 -5.75
CA ALA C 91 18.00 -31.72 -5.72
C ALA C 91 17.10 -32.62 -6.57
N HIS C 92 15.80 -32.28 -6.64
CA HIS C 92 14.79 -33.01 -7.40
C HIS C 92 14.57 -32.43 -8.83
N GLY C 93 15.53 -31.64 -9.34
CA GLY C 93 15.55 -31.05 -10.68
C GLY C 93 14.35 -30.21 -11.10
N ARG C 94 13.71 -29.51 -10.14
CA ARG C 94 12.52 -28.71 -10.41
C ARG C 94 12.82 -27.49 -11.29
N GLN C 95 11.87 -27.16 -12.21
CA GLN C 95 12.01 -26.00 -13.08
C GLN C 95 11.17 -24.84 -12.54
N CYS C 96 11.54 -23.60 -12.89
CA CYS C 96 10.84 -22.40 -12.49
C CYS C 96 9.45 -22.29 -13.16
N PHE C 97 8.62 -21.34 -12.66
CA PHE C 97 7.30 -21.00 -13.20
C PHE C 97 7.63 -20.34 -14.57
N ASP C 98 7.44 -21.11 -15.64
CA ASP C 98 7.80 -20.72 -17.01
C ASP C 98 6.61 -20.88 -17.98
N ASP C 99 6.82 -20.52 -19.26
CA ASP C 99 5.85 -20.59 -20.34
C ASP C 99 5.25 -21.99 -20.49
N ASN C 100 6.09 -23.03 -20.36
CA ASN C 100 5.65 -24.42 -20.43
C ASN C 100 4.69 -24.73 -19.26
N LEU C 101 4.94 -24.17 -18.07
CA LEU C 101 4.06 -24.39 -16.92
C LEU C 101 2.69 -23.75 -17.17
N ALA C 102 2.68 -22.49 -17.66
CA ALA C 102 1.43 -21.78 -17.99
C ALA C 102 0.65 -22.56 -19.04
N ASN C 103 1.33 -23.02 -20.11
CA ASN C 103 0.69 -23.80 -21.19
C ASN C 103 0.18 -25.14 -20.67
N LEU C 104 0.90 -25.74 -19.69
CA LEU C 104 0.51 -26.98 -19.01
C LEU C 104 -0.78 -26.73 -18.17
N LEU C 105 -0.88 -25.59 -17.45
CA LEU C 105 -2.08 -25.24 -16.65
C LEU C 105 -3.29 -25.02 -17.56
N LEU C 106 -3.10 -24.31 -18.70
CA LEU C 106 -4.16 -24.04 -19.70
C LEU C 106 -4.63 -25.31 -20.43
N ALA C 107 -3.72 -26.30 -20.66
CA ALA C 107 -4.12 -27.55 -21.34
C ALA C 107 -4.96 -28.43 -20.39
N PHE C 108 -4.65 -28.39 -19.08
CA PHE C 108 -5.38 -29.11 -18.03
C PHE C 108 -6.78 -28.51 -17.87
N LEU C 109 -6.88 -27.18 -17.93
CA LEU C 109 -8.16 -26.49 -17.84
C LEU C 109 -8.98 -26.74 -19.09
N ARG C 110 -8.32 -26.82 -20.28
CA ARG C 110 -9.04 -27.06 -21.54
C ARG C 110 -9.64 -28.50 -21.65
N ARG C 111 -9.34 -29.38 -20.68
CA ARG C 111 -9.91 -30.74 -20.60
C ARG C 111 -11.26 -30.70 -19.84
N GLN C 112 -11.51 -29.57 -19.16
CA GLN C 112 -12.70 -29.35 -18.33
C GLN C 112 -13.77 -28.55 -19.09
N PRO C 113 -15.08 -28.95 -19.04
CA PRO C 113 -16.12 -28.14 -19.73
C PRO C 113 -16.24 -26.75 -19.11
N GLN C 114 -16.49 -25.73 -19.93
CA GLN C 114 -16.60 -24.35 -19.46
C GLN C 114 -18.04 -24.02 -19.04
N PRO C 115 -18.33 -23.08 -18.11
CA PRO C 115 -17.42 -22.19 -17.36
C PRO C 115 -16.65 -22.89 -16.26
N TRP C 116 -15.37 -22.48 -16.07
CA TRP C 116 -14.47 -22.98 -15.04
C TRP C 116 -14.55 -22.07 -13.85
N CYS C 117 -14.55 -22.63 -12.65
CA CYS C 117 -14.48 -21.83 -11.43
C CYS C 117 -13.44 -22.38 -10.48
N LEU C 118 -12.41 -21.61 -10.23
CA LEU C 118 -11.36 -21.97 -9.28
C LEU C 118 -11.89 -21.71 -7.86
N VAL C 119 -11.65 -22.65 -6.94
CA VAL C 119 -12.09 -22.57 -5.54
C VAL C 119 -10.82 -22.77 -4.73
N ALA C 120 -10.52 -21.81 -3.87
CA ALA C 120 -9.34 -21.81 -3.00
C ALA C 120 -9.74 -21.20 -1.65
N HIS C 121 -9.29 -21.82 -0.54
CA HIS C 121 -9.58 -21.34 0.82
C HIS C 121 -8.67 -20.13 1.06
N ASN C 122 -9.25 -18.93 1.26
CA ASN C 122 -8.52 -17.66 1.36
C ASN C 122 -7.79 -17.36 0.03
N GLY C 123 -8.40 -17.74 -1.08
CA GLY C 123 -7.84 -17.54 -2.42
C GLY C 123 -7.73 -16.08 -2.82
N ASP C 124 -8.73 -15.24 -2.43
CA ASP C 124 -8.81 -13.82 -2.77
C ASP C 124 -7.58 -13.06 -2.34
N ARG C 125 -7.10 -13.31 -1.12
CA ARG C 125 -5.90 -12.67 -0.61
C ARG C 125 -4.60 -13.43 -0.95
N TYR C 126 -4.67 -14.75 -1.14
CA TYR C 126 -3.44 -15.51 -1.29
C TYR C 126 -3.25 -16.19 -2.66
N ASP C 127 -3.84 -17.37 -2.89
CA ASP C 127 -3.60 -18.17 -4.10
C ASP C 127 -3.89 -17.41 -5.41
N PHE C 128 -5.04 -16.70 -5.53
CA PHE C 128 -5.43 -16.02 -6.77
C PHE C 128 -4.47 -14.82 -7.12
N PRO C 129 -4.15 -13.83 -6.23
CA PRO C 129 -3.21 -12.76 -6.65
C PRO C 129 -1.79 -13.26 -6.98
N LEU C 130 -1.30 -14.30 -6.29
CA LEU C 130 0.04 -14.84 -6.56
C LEU C 130 0.11 -15.54 -7.92
N LEU C 131 -0.95 -16.29 -8.28
CA LEU C 131 -1.03 -16.94 -9.59
C LEU C 131 -1.05 -15.87 -10.70
N GLN C 132 -1.78 -14.75 -10.48
CA GLN C 132 -1.83 -13.61 -11.42
C GLN C 132 -0.49 -12.89 -11.51
N ALA C 133 0.25 -12.81 -10.38
CA ALA C 133 1.59 -12.22 -10.37
C ALA C 133 2.57 -13.12 -11.17
N GLU C 134 2.45 -14.46 -11.02
CA GLU C 134 3.32 -15.39 -11.75
C GLU C 134 3.06 -15.31 -13.27
N LEU C 135 1.79 -15.19 -13.67
CA LEU C 135 1.42 -15.05 -15.08
C LEU C 135 1.86 -13.67 -15.62
N ALA C 136 1.66 -12.60 -14.84
CA ALA C 136 2.06 -11.24 -15.21
C ALA C 136 3.58 -11.15 -15.43
N MET C 137 4.40 -11.83 -14.56
CA MET C 137 5.87 -11.90 -14.67
C MET C 137 6.32 -12.58 -15.97
N LEU C 138 5.52 -13.55 -16.48
CA LEU C 138 5.77 -14.21 -17.76
C LEU C 138 5.26 -13.38 -18.96
N GLY C 139 4.42 -12.39 -18.68
CA GLY C 139 3.80 -11.55 -19.70
C GLY C 139 2.55 -12.17 -20.29
N LEU C 140 1.91 -13.07 -19.53
CA LEU C 140 0.67 -13.75 -19.92
C LEU C 140 -0.44 -13.28 -18.95
N THR C 141 -0.61 -11.95 -18.87
CA THR C 141 -1.53 -11.26 -17.96
C THR C 141 -3.02 -11.68 -18.14
N SER C 142 -3.41 -12.12 -19.35
CA SER C 142 -4.81 -12.53 -19.61
C SER C 142 -4.95 -14.04 -19.94
N ALA C 143 -3.96 -14.86 -19.56
CA ALA C 143 -3.94 -16.31 -19.83
C ALA C 143 -5.15 -17.03 -19.25
N LEU C 144 -5.50 -16.77 -17.97
CA LEU C 144 -6.63 -17.37 -17.26
C LEU C 144 -7.85 -16.44 -17.15
N ASP C 145 -7.87 -15.30 -17.89
CA ASP C 145 -8.94 -14.28 -17.85
C ASP C 145 -10.35 -14.84 -18.17
N GLY C 146 -10.41 -15.99 -18.84
CA GLY C 146 -11.66 -16.65 -19.23
C GLY C 146 -12.32 -17.43 -18.10
N ALA C 147 -11.51 -17.83 -17.10
CA ALA C 147 -11.95 -18.58 -15.91
C ALA C 147 -12.63 -17.65 -14.88
N PHE C 148 -13.37 -18.25 -13.94
CA PHE C 148 -14.01 -17.57 -12.82
C PHE C 148 -13.36 -18.08 -11.52
N CYS C 149 -13.66 -17.46 -10.37
CA CYS C 149 -13.08 -17.89 -9.11
C CYS C 149 -13.98 -17.55 -7.95
N VAL C 150 -13.85 -18.32 -6.86
CA VAL C 150 -14.57 -18.13 -5.61
C VAL C 150 -13.62 -18.43 -4.45
N ASP C 151 -13.79 -17.68 -3.37
CA ASP C 151 -13.01 -17.87 -2.15
C ASP C 151 -13.90 -18.73 -1.28
N SER C 152 -13.47 -19.95 -0.97
CA SER C 152 -14.32 -20.84 -0.18
C SER C 152 -14.54 -20.32 1.26
N ILE C 153 -13.75 -19.35 1.78
CA ILE C 153 -14.03 -18.77 3.12
C ILE C 153 -15.33 -17.92 3.04
N THR C 154 -15.47 -17.12 1.97
CA THR C 154 -16.63 -16.25 1.71
C THR C 154 -17.89 -17.11 1.44
N ALA C 155 -17.71 -18.28 0.78
CA ALA C 155 -18.78 -19.24 0.47
C ALA C 155 -19.26 -19.97 1.71
N LEU C 156 -18.33 -20.43 2.55
CA LEU C 156 -18.67 -21.19 3.76
C LEU C 156 -19.31 -20.31 4.81
N LYS C 157 -18.92 -19.01 4.89
CA LYS C 157 -19.51 -18.06 5.84
C LYS C 157 -20.98 -17.83 5.51
N ALA C 158 -21.31 -17.84 4.20
CA ALA C 158 -22.67 -17.68 3.68
C ALA C 158 -23.54 -18.93 3.92
N LEU C 159 -22.96 -20.14 3.83
CA LEU C 159 -23.70 -21.39 4.04
C LEU C 159 -24.04 -21.59 5.51
N GLU C 160 -23.20 -21.06 6.42
CA GLU C 160 -23.45 -21.15 7.86
C GLU C 160 -24.46 -20.08 8.30
N ARG C 161 -24.48 -18.91 7.61
CA ARG C 161 -25.39 -17.81 7.88
C ARG C 161 -26.80 -18.14 7.39
N LYS C 172 -16.39 -16.98 15.18
CA LYS C 172 -15.83 -18.33 14.94
C LYS C 172 -14.64 -18.31 13.97
N SER C 173 -13.75 -19.30 14.10
CA SER C 173 -12.57 -19.50 13.24
C SER C 173 -13.03 -20.06 11.88
N TYR C 174 -12.49 -19.51 10.78
CA TYR C 174 -12.85 -19.94 9.41
C TYR C 174 -11.62 -20.48 8.66
N SER C 175 -10.73 -21.18 9.39
CA SER C 175 -9.55 -21.82 8.84
C SER C 175 -9.99 -23.19 8.33
N LEU C 176 -9.23 -23.75 7.39
CA LEU C 176 -9.48 -25.06 6.78
C LEU C 176 -9.64 -26.15 7.86
N GLY C 177 -8.70 -26.19 8.80
CA GLY C 177 -8.64 -27.14 9.89
C GLY C 177 -9.78 -27.08 10.88
N SER C 178 -10.19 -25.84 11.28
CA SER C 178 -11.30 -25.62 12.22
C SER C 178 -12.66 -25.90 11.58
N ILE C 179 -12.87 -25.46 10.31
CA ILE C 179 -14.11 -25.69 9.54
C ILE C 179 -14.32 -27.22 9.42
N TYR C 180 -13.24 -27.96 9.08
CA TYR C 180 -13.22 -29.42 8.95
C TYR C 180 -13.67 -30.07 10.26
N THR C 181 -12.98 -29.75 11.39
CA THR C 181 -13.27 -30.28 12.73
C THR C 181 -14.73 -30.01 13.15
N ARG C 182 -15.28 -28.84 12.80
CA ARG C 182 -16.67 -28.49 13.13
C ARG C 182 -17.70 -29.32 12.31
N LEU C 183 -17.22 -30.08 11.29
CA LEU C 183 -18.10 -30.93 10.47
C LEU C 183 -17.85 -32.44 10.69
N TYR C 184 -16.58 -32.89 10.67
CA TYR C 184 -16.24 -34.32 10.76
C TYR C 184 -15.45 -34.72 12.05
N GLY C 185 -15.60 -33.93 13.11
CA GLY C 185 -15.00 -34.13 14.43
C GLY C 185 -13.54 -34.56 14.54
N GLN C 186 -12.74 -34.37 13.47
CA GLN C 186 -11.34 -34.78 13.47
C GLN C 186 -10.48 -33.86 12.59
N SER C 187 -9.15 -33.99 12.70
CA SER C 187 -8.16 -33.21 11.95
C SER C 187 -7.92 -33.80 10.56
N PRO C 188 -7.77 -32.96 9.51
CA PRO C 188 -7.54 -33.49 8.16
C PRO C 188 -6.22 -34.27 8.05
N PRO C 189 -6.19 -35.37 7.24
CA PRO C 189 -4.95 -36.17 7.14
C PRO C 189 -3.72 -35.40 6.64
N HIS C 192 0.96 -31.51 5.55
CA HIS C 192 0.60 -30.27 4.87
C HIS C 192 1.37 -30.15 3.51
N THR C 193 0.66 -30.49 2.43
CA THR C 193 1.07 -30.41 1.02
C THR C 193 -0.03 -29.60 0.30
N ALA C 194 0.19 -29.20 -0.98
CA ALA C 194 -0.83 -28.46 -1.74
C ALA C 194 -2.02 -29.35 -2.07
N GLU C 195 -1.76 -30.66 -2.26
CA GLU C 195 -2.78 -31.66 -2.56
C GLU C 195 -3.60 -32.00 -1.30
N GLY C 196 -2.94 -32.10 -0.15
CA GLY C 196 -3.56 -32.40 1.14
C GLY C 196 -4.63 -31.39 1.49
N ASP C 197 -4.33 -30.11 1.26
CA ASP C 197 -5.19 -28.95 1.48
C ASP C 197 -6.38 -28.93 0.50
N VAL C 198 -6.14 -29.22 -0.78
CA VAL C 198 -7.15 -29.31 -1.84
C VAL C 198 -8.16 -30.47 -1.51
N LEU C 199 -7.66 -31.61 -0.98
CA LEU C 199 -8.51 -32.74 -0.63
C LEU C 199 -9.36 -32.42 0.58
N ALA C 200 -8.80 -31.74 1.59
CA ALA C 200 -9.54 -31.31 2.77
C ALA C 200 -10.58 -30.24 2.36
N LEU C 201 -10.23 -29.34 1.41
CA LEU C 201 -11.11 -28.31 0.86
C LEU C 201 -12.34 -28.94 0.18
N LEU C 202 -12.11 -29.98 -0.65
CA LEU C 202 -13.15 -30.73 -1.36
C LEU C 202 -14.10 -31.42 -0.38
N SER C 203 -13.56 -32.08 0.67
CA SER C 203 -14.34 -32.77 1.69
C SER C 203 -15.29 -31.80 2.37
N ILE C 204 -14.79 -30.59 2.66
CA ILE C 204 -15.54 -29.52 3.31
C ILE C 204 -16.68 -29.03 2.42
N CYS C 205 -16.42 -28.85 1.09
CA CYS C 205 -17.41 -28.41 0.11
C CYS C 205 -18.46 -29.50 -0.18
N GLN C 206 -18.15 -30.77 0.14
CA GLN C 206 -19.07 -31.90 -0.05
C GLN C 206 -20.06 -32.04 1.11
N TRP C 207 -19.96 -31.19 2.14
CA TRP C 207 -20.82 -31.20 3.34
C TRP C 207 -22.26 -30.80 2.97
N ARG C 208 -22.44 -29.62 2.34
CA ARG C 208 -23.72 -29.12 1.84
C ARG C 208 -23.47 -28.83 0.34
N PRO C 209 -23.40 -29.87 -0.53
CA PRO C 209 -22.92 -29.63 -1.91
C PRO C 209 -23.87 -28.84 -2.83
N GLN C 210 -25.19 -29.09 -2.71
CA GLN C 210 -26.21 -28.43 -3.51
C GLN C 210 -26.30 -26.93 -3.18
N ALA C 211 -26.17 -26.56 -1.90
CA ALA C 211 -26.19 -25.16 -1.46
C ALA C 211 -24.90 -24.44 -1.89
N LEU C 212 -23.74 -25.12 -1.76
CA LEU C 212 -22.40 -24.62 -2.14
C LEU C 212 -22.39 -24.32 -3.64
N LEU C 213 -22.95 -25.25 -4.45
CA LEU C 213 -23.04 -25.13 -5.91
C LEU C 213 -23.95 -23.95 -6.33
N ARG C 214 -25.04 -23.68 -5.57
CA ARG C 214 -25.95 -22.54 -5.84
C ARG C 214 -25.28 -21.19 -5.54
N TRP C 215 -24.49 -21.10 -4.46
CA TRP C 215 -23.81 -19.86 -4.09
C TRP C 215 -22.67 -19.57 -5.09
N VAL C 216 -21.91 -20.60 -5.47
CA VAL C 216 -20.82 -20.50 -6.46
C VAL C 216 -21.38 -19.93 -7.80
N ASP C 217 -22.57 -20.40 -8.25
CA ASP C 217 -23.22 -19.94 -9.48
C ASP C 217 -23.57 -18.44 -9.44
N ALA C 218 -24.10 -17.96 -8.28
CA ALA C 218 -24.49 -16.55 -8.14
C ALA C 218 -23.30 -15.63 -7.83
N HIS C 219 -22.22 -16.15 -7.22
CA HIS C 219 -21.11 -15.30 -6.77
C HIS C 219 -19.75 -15.51 -7.47
N ALA C 220 -19.64 -16.41 -8.49
CA ALA C 220 -18.40 -16.61 -9.25
C ALA C 220 -17.95 -15.29 -9.87
N ARG C 221 -16.68 -14.90 -9.68
CA ARG C 221 -16.20 -13.62 -10.21
C ARG C 221 -15.17 -13.85 -11.29
N PRO C 222 -15.14 -13.01 -12.37
CA PRO C 222 -14.15 -13.23 -13.43
C PRO C 222 -12.73 -13.12 -12.88
N PHE C 223 -11.87 -14.12 -13.19
CA PHE C 223 -10.49 -14.19 -12.71
C PHE C 223 -9.70 -12.92 -13.05
N GLY C 224 -10.04 -12.28 -14.17
CA GLY C 224 -9.42 -11.05 -14.64
C GLY C 224 -9.54 -9.87 -13.70
N THR C 225 -10.54 -9.90 -12.80
CA THR C 225 -10.76 -8.84 -11.79
C THR C 225 -9.75 -8.97 -10.62
N ILE C 226 -8.96 -10.09 -10.59
CA ILE C 226 -7.93 -10.35 -9.58
C ILE C 226 -6.63 -9.66 -10.02
N ARG C 227 -6.22 -8.64 -9.24
CA ARG C 227 -5.00 -7.89 -9.48
C ARG C 227 -3.81 -8.74 -9.06
N PRO C 228 -2.62 -8.61 -9.71
CA PRO C 228 -1.46 -9.40 -9.26
C PRO C 228 -1.00 -8.92 -7.89
N MET C 229 -0.55 -9.83 -7.05
CA MET C 229 -0.03 -9.55 -5.71
C MET C 229 1.06 -8.45 -5.76
N TYR C 230 1.97 -8.55 -6.74
CA TYR C 230 3.04 -7.57 -7.03
C TYR C 230 3.34 -7.64 -8.55
N GLY C 231 4.22 -6.76 -9.03
N LEU D 3 58.67 -35.86 -35.35
CA LEU D 3 57.97 -36.64 -34.34
C LEU D 3 58.39 -36.24 -32.89
N PRO D 4 59.70 -36.03 -32.51
CA PRO D 4 60.01 -35.64 -31.12
C PRO D 4 59.32 -34.33 -30.68
N PRO D 5 58.54 -34.33 -29.57
CA PRO D 5 57.83 -33.09 -29.18
C PRO D 5 58.74 -31.95 -28.73
N GLY D 6 59.93 -32.31 -28.21
CA GLY D 6 60.85 -31.35 -27.61
C GLY D 6 60.43 -31.04 -26.17
N PRO D 7 61.08 -30.07 -25.50
CA PRO D 7 60.70 -29.78 -24.12
C PRO D 7 59.26 -29.30 -23.99
N MET D 8 58.58 -29.71 -22.89
CA MET D 8 57.20 -29.30 -22.58
C MET D 8 57.21 -27.80 -22.25
N GLN D 9 56.37 -27.00 -22.91
CA GLN D 9 56.34 -25.56 -22.68
C GLN D 9 55.44 -25.21 -21.50
N THR D 10 54.38 -26.00 -21.25
CA THR D 10 53.45 -25.79 -20.15
C THR D 10 53.23 -27.08 -19.41
N LEU D 11 53.20 -26.98 -18.07
CA LEU D 11 52.84 -28.10 -17.21
C LEU D 11 51.54 -27.67 -16.64
N ILE D 12 50.50 -28.45 -16.90
CA ILE D 12 49.15 -28.18 -16.41
C ILE D 12 48.88 -29.13 -15.26
N PHE D 13 49.01 -28.62 -14.03
CA PHE D 13 48.73 -29.38 -12.81
C PHE D 13 47.23 -29.61 -12.78
N PHE D 14 46.85 -30.88 -12.64
CA PHE D 14 45.49 -31.35 -12.79
C PHE D 14 45.04 -32.26 -11.65
N ASP D 15 43.78 -32.11 -11.24
CA ASP D 15 43.16 -32.91 -10.18
C ASP D 15 41.67 -32.87 -10.34
N MET D 16 41.02 -33.98 -10.02
CA MET D 16 39.57 -34.15 -10.08
C MET D 16 39.00 -34.85 -8.88
N GLU D 17 37.76 -34.50 -8.54
CA GLU D 17 36.95 -35.21 -7.55
C GLU D 17 35.88 -35.93 -8.38
N ALA D 18 35.31 -37.00 -7.84
CA ALA D 18 34.34 -37.84 -8.55
C ALA D 18 33.33 -38.38 -7.55
N THR D 19 32.31 -39.08 -8.06
CA THR D 19 31.24 -39.69 -7.26
C THR D 19 31.70 -40.87 -6.40
N GLY D 20 32.87 -41.42 -6.71
CA GLY D 20 33.44 -42.59 -6.05
C GLY D 20 34.69 -43.08 -6.75
N LEU D 21 35.19 -44.23 -6.34
CA LEU D 21 36.41 -44.82 -6.88
C LEU D 21 36.16 -45.58 -8.22
N PRO D 22 37.20 -45.86 -9.05
CA PRO D 22 36.99 -46.46 -10.38
C PRO D 22 36.03 -47.68 -10.49
N PHE D 23 36.04 -48.59 -9.50
CA PHE D 23 35.22 -49.80 -9.53
C PHE D 23 33.71 -49.48 -9.52
N SER D 24 33.34 -48.22 -9.24
CA SER D 24 31.93 -47.79 -9.27
C SER D 24 31.55 -47.07 -10.58
N GLN D 25 32.47 -47.00 -11.59
CA GLN D 25 32.28 -46.25 -12.87
C GLN D 25 31.89 -44.82 -12.50
N PRO D 26 32.81 -44.08 -11.85
CA PRO D 26 32.42 -42.77 -11.32
C PRO D 26 32.31 -41.69 -12.36
N LYS D 27 31.75 -40.56 -11.93
CA LYS D 27 31.55 -39.38 -12.74
C LYS D 27 32.18 -38.19 -12.03
N VAL D 28 32.89 -37.33 -12.79
CA VAL D 28 33.54 -36.09 -12.33
C VAL D 28 32.51 -35.24 -11.61
N THR D 29 32.91 -34.64 -10.49
CA THR D 29 32.10 -33.69 -9.71
C THR D 29 32.84 -32.34 -9.60
N GLU D 30 34.16 -32.34 -9.77
CA GLU D 30 35.01 -31.15 -9.64
C GLU D 30 36.32 -31.37 -10.36
N LEU D 31 36.85 -30.32 -10.97
CA LEU D 31 38.13 -30.38 -11.68
C LEU D 31 38.91 -29.06 -11.54
N CYS D 32 40.23 -29.17 -11.45
CA CYS D 32 41.10 -27.99 -11.40
C CYS D 32 42.26 -28.18 -12.31
N LEU D 33 42.55 -27.14 -13.09
CA LEU D 33 43.66 -27.04 -14.05
C LEU D 33 44.42 -25.79 -13.70
N LEU D 34 45.74 -25.92 -13.49
CA LEU D 34 46.62 -24.83 -13.19
C LEU D 34 47.80 -24.90 -14.15
N ALA D 35 47.77 -24.07 -15.17
CA ALA D 35 48.78 -24.03 -16.22
C ALA D 35 49.95 -23.15 -15.78
N VAL D 36 51.12 -23.74 -15.70
CA VAL D 36 52.33 -23.05 -15.27
C VAL D 36 53.33 -23.13 -16.45
N HIS D 37 53.82 -21.98 -16.98
CA HIS D 37 54.83 -22.03 -18.06
C HIS D 37 56.11 -22.66 -17.51
N ARG D 38 56.88 -23.40 -18.34
CA ARG D 38 58.11 -24.09 -17.87
C ARG D 38 59.13 -23.13 -17.23
N CYS D 39 59.19 -21.84 -17.67
CA CYS D 39 60.16 -20.87 -17.14
C CYS D 39 59.97 -20.63 -15.62
N ALA D 40 58.74 -20.82 -15.09
CA ALA D 40 58.46 -20.70 -13.65
C ALA D 40 59.23 -21.77 -12.82
N LEU D 41 59.52 -22.93 -13.43
CA LEU D 41 60.23 -24.01 -12.77
C LEU D 41 61.71 -24.05 -13.17
N GLU D 42 62.06 -23.54 -14.34
CA GLU D 42 63.46 -23.62 -14.73
C GLU D 42 64.20 -22.37 -14.25
N SER D 43 63.52 -21.23 -14.20
CA SER D 43 64.12 -19.97 -13.74
C SER D 43 63.28 -19.40 -12.57
N PRO D 44 63.20 -20.08 -11.40
CA PRO D 44 62.41 -19.53 -10.28
C PRO D 44 63.11 -18.34 -9.60
N PRO D 45 62.40 -17.42 -8.90
CA PRO D 45 63.08 -16.27 -8.27
C PRO D 45 63.68 -16.59 -6.90
N THR D 53 60.12 -21.60 3.59
CA THR D 53 60.00 -23.06 3.71
C THR D 53 59.20 -23.59 2.49
N VAL D 54 57.90 -23.27 2.37
CA VAL D 54 57.09 -23.72 1.22
C VAL D 54 57.30 -22.67 0.10
N PRO D 55 57.71 -23.05 -1.15
CA PRO D 55 57.89 -22.03 -2.19
C PRO D 55 56.56 -21.36 -2.55
N PRO D 56 56.58 -20.06 -2.91
CA PRO D 56 55.31 -19.40 -3.30
C PRO D 56 54.93 -19.80 -4.73
N PRO D 57 53.61 -19.87 -5.08
CA PRO D 57 53.25 -20.21 -6.47
C PRO D 57 53.78 -19.15 -7.45
N PRO D 58 53.94 -19.42 -8.76
CA PRO D 58 54.40 -18.37 -9.67
C PRO D 58 53.37 -17.22 -9.72
N ARG D 59 53.83 -15.96 -9.97
CA ARG D 59 52.95 -14.81 -10.07
C ARG D 59 52.00 -15.02 -11.26
N VAL D 60 52.56 -15.47 -12.39
CA VAL D 60 51.87 -15.68 -13.66
C VAL D 60 51.44 -17.16 -13.78
N VAL D 61 50.11 -17.41 -13.73
CA VAL D 61 49.43 -18.70 -13.85
C VAL D 61 48.04 -18.54 -14.45
N ASP D 62 47.51 -19.58 -15.09
CA ASP D 62 46.14 -19.65 -15.57
C ASP D 62 45.53 -20.73 -14.71
N LYS D 63 44.34 -20.46 -14.21
CA LYS D 63 43.68 -21.39 -13.32
C LYS D 63 42.22 -21.51 -13.71
N LEU D 64 41.71 -22.74 -13.70
CA LEU D 64 40.33 -23.11 -13.97
C LEU D 64 39.92 -24.15 -12.95
N SER D 65 38.97 -23.81 -12.09
CA SER D 65 38.37 -24.70 -11.10
C SER D 65 36.89 -24.69 -11.33
N LEU D 66 36.30 -25.86 -11.65
CA LEU D 66 34.85 -25.99 -11.93
C LEU D 66 34.23 -27.16 -11.20
N CYS D 67 32.97 -26.98 -10.76
CA CYS D 67 32.17 -28.05 -10.18
C CYS D 67 31.23 -28.56 -11.27
N VAL D 68 30.96 -29.87 -11.23
CA VAL D 68 30.21 -30.59 -12.28
C VAL D 68 29.06 -31.44 -11.68
N ALA D 69 27.84 -31.33 -12.25
CA ALA D 69 26.69 -32.14 -11.84
C ALA D 69 26.96 -33.58 -12.40
N PRO D 70 27.17 -34.60 -11.52
CA PRO D 70 27.58 -35.93 -12.04
C PRO D 70 26.52 -36.83 -12.68
N GLY D 71 25.21 -36.50 -12.54
CA GLY D 71 24.11 -37.31 -13.07
C GLY D 71 23.62 -38.42 -12.15
N LYS D 72 24.37 -38.70 -11.05
CA LYS D 72 23.99 -39.77 -10.10
C LYS D 72 24.53 -39.45 -8.71
N ALA D 73 24.10 -40.19 -7.66
CA ALA D 73 24.57 -39.94 -6.31
C ALA D 73 26.09 -40.10 -6.16
N CYS D 74 26.71 -39.33 -5.24
CA CYS D 74 28.09 -39.50 -4.84
C CYS D 74 27.99 -40.55 -3.73
N SER D 75 29.03 -41.36 -3.55
CA SER D 75 28.99 -42.34 -2.48
C SER D 75 29.14 -41.63 -1.13
N PRO D 76 28.56 -42.14 -0.02
CA PRO D 76 28.73 -41.47 1.29
C PRO D 76 30.20 -41.19 1.64
N ALA D 77 31.12 -42.09 1.21
CA ALA D 77 32.57 -41.94 1.39
C ALA D 77 33.09 -40.76 0.61
N ALA D 78 32.71 -40.65 -0.68
CA ALA D 78 33.09 -39.54 -1.55
C ALA D 78 32.62 -38.19 -0.97
N SER D 79 31.39 -38.12 -0.42
CA SER D 79 30.84 -36.91 0.19
C SER D 79 31.55 -36.52 1.49
N GLU D 80 31.90 -37.50 2.32
CA GLU D 80 32.57 -37.23 3.58
C GLU D 80 33.97 -36.62 3.33
N ILE D 81 34.72 -37.21 2.39
CA ILE D 81 36.08 -36.82 2.03
C ILE D 81 36.12 -35.53 1.16
N THR D 82 35.29 -35.43 0.11
CA THR D 82 35.40 -34.27 -0.80
C THR D 82 34.54 -33.07 -0.35
N GLY D 83 33.56 -33.30 0.50
CA GLY D 83 32.66 -32.26 0.97
C GLY D 83 31.63 -31.92 -0.08
N LEU D 84 31.49 -32.77 -1.10
CA LEU D 84 30.56 -32.58 -2.20
C LEU D 84 29.51 -33.65 -2.21
N SER D 85 28.29 -33.28 -2.61
CA SER D 85 27.21 -34.26 -2.82
C SER D 85 26.45 -33.81 -4.07
N THR D 86 25.69 -34.69 -4.70
CA THR D 86 24.93 -34.41 -5.94
C THR D 86 23.80 -33.44 -5.64
N ALA D 87 23.18 -33.55 -4.45
CA ALA D 87 22.11 -32.67 -4.01
C ALA D 87 22.62 -31.22 -3.84
N VAL D 88 23.82 -31.05 -3.23
CA VAL D 88 24.45 -29.73 -3.01
C VAL D 88 24.92 -29.13 -4.36
N LEU D 89 25.40 -29.96 -5.28
CA LEU D 89 25.80 -29.51 -6.62
C LEU D 89 24.58 -28.98 -7.38
N ALA D 90 23.39 -29.66 -7.24
CA ALA D 90 22.09 -29.25 -7.81
C ALA D 90 21.60 -27.92 -7.21
N ALA D 91 21.70 -27.74 -5.86
CA ALA D 91 21.33 -26.47 -5.20
C ALA D 91 22.16 -25.31 -5.72
N HIS D 92 23.40 -25.58 -6.15
CA HIS D 92 24.29 -24.55 -6.71
C HIS D 92 24.16 -24.47 -8.24
N GLY D 93 23.11 -25.10 -8.80
CA GLY D 93 22.75 -25.13 -10.21
C GLY D 93 23.83 -25.58 -11.19
N ARG D 94 24.62 -26.57 -10.80
CA ARG D 94 25.70 -27.09 -11.61
C ARG D 94 25.20 -27.86 -12.82
N GLN D 95 25.89 -27.70 -13.95
CA GLN D 95 25.62 -28.36 -15.21
C GLN D 95 26.46 -29.63 -15.32
N CYS D 96 26.00 -30.56 -16.13
CA CYS D 96 26.73 -31.82 -16.29
C CYS D 96 27.93 -31.64 -17.20
N PHE D 97 28.74 -32.71 -17.34
CA PHE D 97 29.89 -32.75 -18.24
C PHE D 97 29.29 -32.81 -19.67
N ASP D 98 29.30 -31.69 -20.40
CA ASP D 98 28.66 -31.59 -21.72
C ASP D 98 29.60 -30.97 -22.76
N ASP D 99 29.09 -30.78 -24.00
CA ASP D 99 29.81 -30.20 -25.13
C ASP D 99 30.43 -28.86 -24.79
N ASN D 100 29.66 -27.97 -24.11
CA ASN D 100 30.14 -26.68 -23.65
C ASN D 100 31.30 -26.83 -22.66
N LEU D 101 31.26 -27.84 -21.75
CA LEU D 101 32.37 -28.06 -20.84
C LEU D 101 33.63 -28.54 -21.63
N ALA D 102 33.44 -29.40 -22.64
CA ALA D 102 34.57 -29.86 -23.46
C ALA D 102 35.19 -28.71 -24.29
N ASN D 103 34.37 -27.74 -24.78
CA ASN D 103 34.88 -26.59 -25.53
C ASN D 103 35.59 -25.61 -24.63
N LEU D 104 35.12 -25.47 -23.36
CA LEU D 104 35.70 -24.61 -22.33
C LEU D 104 37.12 -25.13 -21.97
N LEU D 105 37.28 -26.45 -21.80
CA LEU D 105 38.58 -27.03 -21.48
C LEU D 105 39.59 -26.85 -22.63
N LEU D 106 39.16 -27.07 -23.89
CA LEU D 106 40.00 -26.89 -25.08
C LEU D 106 40.35 -25.43 -25.30
N ALA D 107 39.41 -24.49 -25.09
CA ALA D 107 39.70 -23.04 -25.20
C ALA D 107 40.76 -22.63 -24.15
N PHE D 108 40.67 -23.21 -22.95
CA PHE D 108 41.61 -22.93 -21.85
C PHE D 108 43.00 -23.47 -22.16
N LEU D 109 43.08 -24.67 -22.75
CA LEU D 109 44.33 -25.31 -23.12
C LEU D 109 44.94 -24.63 -24.35
N ARG D 110 44.11 -24.15 -25.30
CA ARG D 110 44.58 -23.39 -26.47
C ARG D 110 45.28 -22.07 -26.06
N ARG D 111 45.04 -21.51 -24.84
CA ARG D 111 45.76 -20.28 -24.36
C ARG D 111 47.22 -20.61 -23.93
N GLN D 112 47.56 -21.91 -23.84
CA GLN D 112 48.84 -22.39 -23.34
C GLN D 112 49.78 -22.78 -24.47
N PRO D 113 51.06 -22.36 -24.45
CA PRO D 113 51.98 -22.78 -25.53
C PRO D 113 52.20 -24.31 -25.52
N GLN D 114 52.33 -24.87 -26.73
CA GLN D 114 52.55 -26.29 -26.95
C GLN D 114 54.05 -26.63 -27.03
N PRO D 115 54.51 -27.83 -26.60
CA PRO D 115 53.73 -28.97 -26.04
C PRO D 115 53.21 -28.72 -24.60
N TRP D 116 51.94 -29.14 -24.35
CA TRP D 116 51.27 -29.09 -23.04
C TRP D 116 51.50 -30.44 -22.38
N CYS D 117 51.68 -30.47 -21.05
CA CYS D 117 51.76 -31.73 -20.33
C CYS D 117 50.90 -31.67 -19.06
N LEU D 118 49.88 -32.54 -18.96
CA LEU D 118 49.03 -32.64 -17.75
C LEU D 118 49.85 -33.37 -16.67
N VAL D 119 49.79 -32.90 -15.42
CA VAL D 119 50.52 -33.47 -14.27
C VAL D 119 49.50 -33.75 -13.16
N ALA D 120 49.26 -35.01 -12.86
CA ALA D 120 48.31 -35.34 -11.81
C ALA D 120 48.93 -36.38 -10.89
N HIS D 121 48.74 -36.23 -9.57
CA HIS D 121 49.25 -37.18 -8.58
C HIS D 121 48.39 -38.47 -8.68
N ASN D 122 49.01 -39.63 -9.02
CA ASN D 122 48.31 -40.90 -9.24
C ASN D 122 47.30 -40.78 -10.44
N GLY D 123 47.65 -39.95 -11.43
CA GLY D 123 46.87 -39.61 -12.60
C GLY D 123 46.56 -40.74 -13.55
N ASP D 124 47.54 -41.67 -13.75
CA ASP D 124 47.42 -42.84 -14.62
C ASP D 124 46.29 -43.77 -14.24
N ARG D 125 46.05 -43.93 -12.93
N ARG D 125 46.05 -43.93 -12.93
CA ARG D 125 45.01 -44.80 -12.37
CA ARG D 125 45.00 -44.78 -12.38
C ARG D 125 43.70 -44.03 -12.16
C ARG D 125 43.68 -44.01 -12.21
N TYR D 126 43.74 -42.69 -11.94
CA TYR D 126 42.50 -41.98 -11.65
C TYR D 126 42.13 -40.90 -12.66
N ASP D 127 42.74 -39.71 -12.56
CA ASP D 127 42.40 -38.50 -13.29
C ASP D 127 42.41 -38.65 -14.81
N PHE D 128 43.47 -39.23 -15.40
CA PHE D 128 43.62 -39.34 -16.84
C PHE D 128 42.59 -40.32 -17.44
N PRO D 129 42.39 -41.57 -16.95
CA PRO D 129 41.36 -42.43 -17.58
C PRO D 129 39.93 -41.93 -17.33
N LEU D 130 39.67 -41.18 -16.24
CA LEU D 130 38.32 -40.65 -16.00
C LEU D 130 38.01 -39.49 -16.99
N LEU D 131 38.97 -38.61 -17.23
CA LEU D 131 38.86 -37.53 -18.20
C LEU D 131 38.63 -38.11 -19.63
N GLN D 132 39.37 -39.15 -20.03
CA GLN D 132 39.20 -39.83 -21.33
C GLN D 132 37.82 -40.45 -21.47
N ALA D 133 37.32 -41.08 -20.38
CA ALA D 133 36.00 -41.73 -20.30
C ALA D 133 34.86 -40.71 -20.51
N GLU D 134 34.96 -39.55 -19.86
CA GLU D 134 34.02 -38.42 -19.96
C GLU D 134 34.02 -37.82 -21.37
N LEU D 135 35.20 -37.66 -21.97
CA LEU D 135 35.33 -37.16 -23.33
C LEU D 135 34.78 -38.19 -24.32
N ALA D 136 35.02 -39.50 -24.09
CA ALA D 136 34.49 -40.55 -24.96
C ALA D 136 32.98 -40.61 -24.90
N MET D 137 32.37 -40.39 -23.73
CA MET D 137 30.90 -40.39 -23.56
C MET D 137 30.23 -39.27 -24.39
N LEU D 138 30.97 -38.19 -24.72
CA LEU D 138 30.48 -37.07 -25.55
C LEU D 138 30.77 -37.29 -27.03
N GLY D 139 31.41 -38.40 -27.35
CA GLY D 139 31.84 -38.71 -28.71
C GLY D 139 33.06 -37.91 -29.10
N LEU D 140 33.91 -37.53 -28.11
CA LEU D 140 35.11 -36.73 -28.34
C LEU D 140 36.36 -37.48 -27.89
N THR D 141 36.54 -38.69 -28.41
CA THR D 141 37.64 -39.59 -28.06
C THR D 141 39.03 -39.00 -28.36
N SER D 142 39.17 -38.19 -29.43
CA SER D 142 40.49 -37.64 -29.81
C SER D 142 40.71 -36.16 -29.37
N ALA D 143 39.71 -35.52 -28.71
CA ALA D 143 39.69 -34.10 -28.30
C ALA D 143 41.01 -33.57 -27.70
N LEU D 144 41.73 -34.39 -26.92
CA LEU D 144 42.96 -34.00 -26.23
C LEU D 144 44.17 -34.87 -26.60
N ASP D 145 44.19 -35.43 -27.82
CA ASP D 145 45.30 -36.26 -28.30
C ASP D 145 46.60 -35.46 -28.44
N GLY D 146 46.50 -34.16 -28.72
CA GLY D 146 47.65 -33.24 -28.86
C GLY D 146 48.50 -33.07 -27.61
N ALA D 147 47.84 -33.17 -26.43
CA ALA D 147 48.44 -33.07 -25.09
C ALA D 147 49.29 -34.29 -24.69
N PHE D 148 50.20 -34.08 -23.72
CA PHE D 148 51.03 -35.11 -23.10
C PHE D 148 50.62 -35.18 -21.61
N CYS D 149 51.06 -36.22 -20.90
CA CYS D 149 50.73 -36.38 -19.49
C CYS D 149 51.85 -37.09 -18.74
N VAL D 150 51.98 -36.80 -17.44
CA VAL D 150 52.92 -37.44 -16.51
C VAL D 150 52.21 -37.65 -15.17
N ASP D 151 52.50 -38.78 -14.52
CA ASP D 151 51.98 -39.10 -13.20
C ASP D 151 53.08 -38.61 -12.26
N SER D 152 52.76 -37.64 -11.39
CA SER D 152 53.78 -37.09 -10.48
C SER D 152 54.23 -38.10 -9.42
N ILE D 153 53.47 -39.20 -9.16
CA ILE D 153 53.93 -40.23 -8.20
C ILE D 153 55.20 -40.88 -8.80
N THR D 154 55.13 -41.26 -10.11
CA THR D 154 56.25 -41.87 -10.85
C THR D 154 57.42 -40.88 -10.86
N ALA D 155 57.15 -39.59 -11.08
CA ALA D 155 58.19 -38.57 -11.12
C ALA D 155 58.89 -38.39 -9.77
N LEU D 156 58.13 -38.29 -8.68
CA LEU D 156 58.70 -38.05 -7.36
C LEU D 156 59.43 -39.25 -6.77
N LYS D 157 58.99 -40.48 -7.11
CA LYS D 157 59.69 -41.70 -6.69
C LYS D 157 61.09 -41.69 -7.34
N ALA D 158 61.15 -41.33 -8.64
CA ALA D 158 62.38 -41.21 -9.44
C ALA D 158 63.29 -40.06 -8.91
N LEU D 159 62.68 -38.96 -8.44
CA LEU D 159 63.42 -37.83 -7.88
C LEU D 159 64.05 -38.17 -6.54
N GLU D 160 63.32 -38.90 -5.65
CA GLU D 160 63.85 -39.33 -4.35
C GLU D 160 64.86 -40.50 -4.49
N ARG D 161 64.87 -41.18 -5.68
CA ARG D 161 65.80 -42.26 -5.98
C ARG D 161 67.02 -41.74 -6.75
N LYS D 172 58.26 -45.82 2.69
CA LYS D 172 57.84 -44.44 2.44
C LYS D 172 56.50 -44.38 1.75
N SER D 173 55.58 -43.55 2.28
CA SER D 173 54.27 -43.33 1.67
C SER D 173 54.45 -42.27 0.59
N TYR D 174 53.81 -42.47 -0.56
CA TYR D 174 53.93 -41.51 -1.65
C TYR D 174 52.61 -40.79 -1.90
N SER D 175 51.78 -40.63 -0.84
CA SER D 175 50.52 -39.88 -0.92
C SER D 175 50.88 -38.40 -0.91
N LEU D 176 50.02 -37.53 -1.49
CA LEU D 176 50.23 -36.08 -1.56
C LEU D 176 50.56 -35.49 -0.17
N GLY D 177 49.79 -35.89 0.84
CA GLY D 177 49.98 -35.46 2.22
C GLY D 177 51.33 -35.81 2.82
N SER D 178 51.75 -37.08 2.67
CA SER D 178 53.01 -37.62 3.20
C SER D 178 54.24 -36.99 2.56
N ILE D 179 54.21 -36.74 1.23
CA ILE D 179 55.31 -36.10 0.48
C ILE D 179 55.49 -34.66 0.94
N TYR D 180 54.37 -33.94 1.09
CA TYR D 180 54.30 -32.56 1.53
C TYR D 180 54.86 -32.41 2.94
N THR D 181 54.46 -33.33 3.87
CA THR D 181 54.94 -33.33 5.25
C THR D 181 56.45 -33.65 5.30
N ARG D 182 56.94 -34.59 4.47
CA ARG D 182 58.37 -34.93 4.40
C ARG D 182 59.20 -33.79 3.84
N LEU D 183 58.58 -32.92 3.02
CA LEU D 183 59.30 -31.81 2.39
C LEU D 183 59.18 -30.49 3.15
N TYR D 184 58.00 -30.15 3.69
CA TYR D 184 57.77 -28.85 4.31
C TYR D 184 57.39 -28.91 5.80
N GLY D 185 57.46 -30.11 6.41
CA GLY D 185 57.17 -30.34 7.83
C GLY D 185 55.84 -29.83 8.34
N GLN D 186 54.79 -29.92 7.49
CA GLN D 186 53.42 -29.46 7.79
C GLN D 186 52.43 -30.05 6.79
N SER D 187 51.15 -30.13 7.19
CA SER D 187 50.08 -30.65 6.35
C SER D 187 49.52 -29.56 5.40
N PRO D 188 49.22 -29.88 4.11
CA PRO D 188 48.70 -28.83 3.20
C PRO D 188 47.24 -28.40 3.49
N PRO D 189 46.87 -27.12 3.24
CA PRO D 189 45.47 -26.71 3.48
C PRO D 189 44.51 -27.12 2.36
N ASP D 190 43.19 -27.18 2.66
CA ASP D 190 42.09 -27.53 1.73
C ASP D 190 42.33 -28.88 0.99
N SER D 191 42.76 -29.90 1.75
CA SER D 191 42.98 -31.25 1.19
C SER D 191 41.64 -31.87 0.77
N HIS D 192 41.68 -32.60 -0.35
CA HIS D 192 40.58 -33.33 -0.98
C HIS D 192 39.56 -32.37 -1.68
N THR D 193 40.02 -31.15 -2.08
CA THR D 193 39.33 -30.22 -2.98
C THR D 193 40.22 -30.23 -4.20
N ALA D 194 39.66 -30.17 -5.42
CA ALA D 194 40.47 -30.20 -6.67
C ALA D 194 41.57 -29.12 -6.68
N GLU D 195 41.23 -27.87 -6.25
CA GLU D 195 42.19 -26.76 -6.21
C GLU D 195 43.22 -26.92 -5.10
N GLY D 196 42.79 -27.16 -3.86
CA GLY D 196 43.72 -27.40 -2.75
C GLY D 196 44.77 -28.46 -3.08
N ASP D 197 44.36 -29.56 -3.76
CA ASP D 197 45.28 -30.63 -4.16
C ASP D 197 46.17 -30.23 -5.35
N VAL D 198 45.67 -29.41 -6.30
CA VAL D 198 46.48 -28.93 -7.44
C VAL D 198 47.61 -28.02 -6.89
N LEU D 199 47.25 -27.14 -5.93
CA LEU D 199 48.16 -26.20 -5.29
C LEU D 199 49.24 -26.92 -4.45
N ALA D 200 48.85 -27.99 -3.69
CA ALA D 200 49.79 -28.76 -2.87
C ALA D 200 50.78 -29.52 -3.76
N LEU D 201 50.28 -30.08 -4.87
CA LEU D 201 51.08 -30.78 -5.86
C LEU D 201 52.09 -29.80 -6.46
N LEU D 202 51.64 -28.57 -6.81
CA LEU D 202 52.50 -27.51 -7.36
C LEU D 202 53.65 -27.23 -6.39
N SER D 203 53.35 -27.08 -5.10
CA SER D 203 54.35 -26.85 -4.05
C SER D 203 55.37 -27.97 -4.06
N ILE D 204 54.91 -29.23 -4.10
CA ILE D 204 55.78 -30.43 -4.12
C ILE D 204 56.70 -30.40 -5.35
N CYS D 205 56.16 -30.00 -6.52
CA CYS D 205 56.93 -29.97 -7.76
C CYS D 205 57.90 -28.77 -7.82
N GLN D 206 57.71 -27.77 -6.93
CA GLN D 206 58.59 -26.61 -6.81
C GLN D 206 59.77 -26.87 -5.83
N TRP D 207 59.81 -28.04 -5.19
CA TRP D 207 60.89 -28.43 -4.26
C TRP D 207 62.23 -28.52 -5.02
N ARG D 208 62.32 -29.39 -6.05
CA ARG D 208 63.48 -29.51 -6.95
C ARG D 208 62.88 -29.26 -8.35
N PRO D 209 62.68 -27.97 -8.73
CA PRO D 209 61.90 -27.68 -9.95
C PRO D 209 62.61 -28.05 -11.25
N GLN D 210 63.93 -27.94 -11.27
CA GLN D 210 64.77 -28.25 -12.43
C GLN D 210 64.84 -29.74 -12.69
N ALA D 211 65.02 -30.53 -11.63
CA ALA D 211 65.04 -31.98 -11.69
C ALA D 211 63.64 -32.52 -12.10
N LEU D 212 62.54 -31.92 -11.56
CA LEU D 212 61.17 -32.33 -11.91
C LEU D 212 60.91 -32.11 -13.40
N LEU D 213 61.29 -30.94 -13.89
CA LEU D 213 61.14 -30.50 -15.28
C LEU D 213 61.99 -31.34 -16.24
N ARG D 214 63.22 -31.70 -15.85
CA ARG D 214 64.10 -32.55 -16.65
C ARG D 214 63.47 -33.95 -16.83
N TRP D 215 62.93 -34.52 -15.74
CA TRP D 215 62.27 -35.82 -15.76
C TRP D 215 61.00 -35.80 -16.65
N VAL D 216 60.14 -34.79 -16.46
CA VAL D 216 58.88 -34.61 -17.22
C VAL D 216 59.21 -34.62 -18.73
N ASP D 217 60.22 -33.83 -19.16
CA ASP D 217 60.67 -33.71 -20.54
C ASP D 217 61.11 -35.06 -21.11
N ALA D 218 61.73 -35.90 -20.28
CA ALA D 218 62.19 -37.21 -20.75
C ALA D 218 61.09 -38.27 -20.70
N HIS D 219 60.12 -38.16 -19.78
CA HIS D 219 59.15 -39.26 -19.72
C HIS D 219 57.69 -38.89 -20.01
N ALA D 220 57.41 -37.69 -20.56
CA ALA D 220 56.02 -37.32 -20.91
C ALA D 220 55.43 -38.32 -21.90
N ARG D 221 54.19 -38.74 -21.68
CA ARG D 221 53.63 -39.69 -22.63
C ARG D 221 52.38 -39.09 -23.30
N PRO D 222 52.16 -39.37 -24.62
CA PRO D 222 50.98 -38.79 -25.29
C PRO D 222 49.66 -39.22 -24.61
N PHE D 223 48.74 -38.25 -24.43
CA PHE D 223 47.45 -38.47 -23.77
C PHE D 223 46.56 -39.50 -24.52
N GLY D 224 46.78 -39.68 -25.84
CA GLY D 224 46.06 -40.69 -26.63
C GLY D 224 46.33 -42.13 -26.23
N THR D 225 47.43 -42.38 -25.47
CA THR D 225 47.82 -43.70 -24.97
C THR D 225 47.04 -44.06 -23.68
N ILE D 226 46.28 -43.09 -23.13
CA ILE D 226 45.43 -43.27 -21.96
C ILE D 226 44.07 -43.78 -22.46
N ARG D 227 43.73 -45.03 -22.12
CA ARG D 227 42.45 -45.63 -22.49
C ARG D 227 41.38 -45.08 -21.54
N PRO D 228 40.10 -44.99 -21.96
CA PRO D 228 39.05 -44.52 -21.03
C PRO D 228 38.86 -45.50 -19.87
N MET D 229 38.60 -44.99 -18.65
CA MET D 229 38.38 -45.84 -17.46
C MET D 229 37.27 -46.88 -17.71
N TYR D 230 36.19 -46.49 -18.40
CA TYR D 230 35.08 -47.37 -18.80
C TYR D 230 34.49 -46.78 -20.09
N GLY D 231 33.72 -47.58 -20.81
CA GLY D 231 33.12 -47.18 -22.08
C GLY D 231 33.94 -47.56 -23.29
N LEU E 3 26.70 -41.44 -27.05
CA LEU E 3 25.53 -42.06 -27.68
C LEU E 3 24.56 -42.65 -26.62
N PRO E 4 24.92 -43.64 -25.72
CA PRO E 4 23.93 -44.09 -24.72
C PRO E 4 23.47 -42.95 -23.79
N PRO E 5 22.25 -43.04 -23.18
CA PRO E 5 21.73 -41.88 -22.42
C PRO E 5 22.34 -41.57 -21.04
N GLY E 6 22.95 -42.57 -20.39
CA GLY E 6 23.46 -42.39 -19.03
C GLY E 6 22.33 -42.72 -18.04
N PRO E 7 22.52 -42.49 -16.72
CA PRO E 7 21.44 -42.81 -15.76
C PRO E 7 20.17 -42.00 -15.96
N MET E 8 19.02 -42.60 -15.61
CA MET E 8 17.70 -42.00 -15.72
C MET E 8 17.56 -40.94 -14.64
N GLN E 9 17.23 -39.72 -15.03
CA GLN E 9 17.09 -38.62 -14.07
C GLN E 9 15.71 -38.63 -13.40
N THR E 10 14.67 -38.96 -14.17
CA THR E 10 13.30 -39.05 -13.67
C THR E 10 12.67 -40.38 -13.99
N LEU E 11 12.00 -40.97 -12.97
CA LEU E 11 11.17 -42.18 -13.09
C LEU E 11 9.74 -41.73 -13.02
N ILE E 12 8.96 -42.03 -14.08
CA ILE E 12 7.55 -41.64 -14.17
C ILE E 12 6.72 -42.88 -14.06
N PHE E 13 6.28 -43.17 -12.85
CA PHE E 13 5.42 -44.30 -12.55
C PHE E 13 4.08 -44.06 -13.28
N PHE E 14 3.70 -45.04 -14.12
CA PHE E 14 2.58 -44.89 -15.04
C PHE E 14 1.65 -46.08 -15.00
N ASP E 15 0.35 -45.80 -14.99
CA ASP E 15 -0.70 -46.80 -15.03
C ASP E 15 -1.92 -46.23 -15.72
N MET E 16 -2.60 -47.08 -16.50
CA MET E 16 -3.80 -46.67 -17.23
C MET E 16 -4.95 -47.65 -17.05
N GLU E 17 -6.16 -47.08 -17.07
CA GLU E 17 -7.40 -47.84 -17.08
C GLU E 17 -7.88 -47.83 -18.52
N ALA E 18 -8.59 -48.87 -18.92
CA ALA E 18 -9.07 -48.96 -20.30
C ALA E 18 -10.47 -49.57 -20.34
N THR E 19 -11.07 -49.61 -21.53
CA THR E 19 -12.41 -50.16 -21.75
C THR E 19 -12.44 -51.69 -21.68
N GLY E 20 -11.29 -52.33 -21.79
CA GLY E 20 -11.15 -53.77 -21.76
C GLY E 20 -9.71 -54.22 -21.92
N LEU E 21 -9.50 -55.53 -22.13
CA LEU E 21 -8.16 -56.10 -22.29
C LEU E 21 -7.68 -55.95 -23.76
N PRO E 22 -6.37 -56.09 -24.08
CA PRO E 22 -5.88 -55.84 -25.47
C PRO E 22 -6.64 -56.52 -26.60
N PHE E 23 -7.22 -57.75 -26.39
CA PHE E 23 -7.97 -58.49 -27.41
C PHE E 23 -9.18 -57.69 -27.98
N SER E 24 -9.70 -56.72 -27.19
CA SER E 24 -10.87 -55.93 -27.57
C SER E 24 -10.52 -54.59 -28.23
N GLN E 25 -9.21 -54.35 -28.53
CA GLN E 25 -8.68 -53.08 -29.08
C GLN E 25 -9.20 -51.94 -28.17
N PRO E 26 -8.74 -51.90 -26.89
CA PRO E 26 -9.34 -50.96 -25.94
C PRO E 26 -8.89 -49.52 -26.13
N LYS E 27 -9.61 -48.62 -25.46
CA LYS E 27 -9.32 -47.20 -25.47
C LYS E 27 -9.10 -46.77 -24.04
N VAL E 28 -8.12 -45.89 -23.79
CA VAL E 28 -7.77 -45.32 -22.48
C VAL E 28 -9.03 -44.62 -21.92
N THR E 29 -9.29 -44.80 -20.60
CA THR E 29 -10.39 -44.20 -19.84
C THR E 29 -9.83 -43.38 -18.69
N GLU E 30 -8.63 -43.77 -18.20
CA GLU E 30 -7.94 -43.09 -17.10
C GLU E 30 -6.44 -43.29 -17.23
N LEU E 31 -5.67 -42.26 -16.86
CA LEU E 31 -4.22 -42.32 -16.87
C LEU E 31 -3.66 -41.55 -15.67
N CYS E 32 -2.56 -42.06 -15.12
CA CYS E 32 -1.86 -41.42 -14.03
C CYS E 32 -0.37 -41.52 -14.23
N LEU E 33 0.30 -40.36 -14.14
CA LEU E 33 1.73 -40.17 -14.25
C LEU E 33 2.21 -39.61 -12.92
N LEU E 34 3.24 -40.24 -12.31
CA LEU E 34 3.83 -39.78 -11.07
C LEU E 34 5.32 -39.66 -11.29
N ALA E 35 5.79 -38.43 -11.53
CA ALA E 35 7.21 -38.20 -11.80
C ALA E 35 8.00 -38.06 -10.51
N VAL E 36 9.02 -38.92 -10.34
CA VAL E 36 9.87 -38.97 -9.14
C VAL E 36 11.32 -38.81 -9.61
N HIS E 37 12.08 -37.90 -8.98
CA HIS E 37 13.49 -37.76 -9.34
C HIS E 37 14.24 -38.96 -8.76
N ARG E 38 15.29 -39.42 -9.47
CA ARG E 38 16.11 -40.57 -9.09
C ARG E 38 16.73 -40.42 -7.66
N CYS E 39 16.98 -39.18 -7.16
CA CYS E 39 17.52 -38.98 -5.79
C CYS E 39 16.55 -39.52 -4.70
N ALA E 40 15.23 -39.59 -4.98
CA ALA E 40 14.25 -40.14 -4.03
C ALA E 40 14.46 -41.66 -3.83
N LEU E 41 15.06 -42.36 -4.82
CA LEU E 41 15.36 -43.80 -4.74
C LEU E 41 16.82 -44.05 -4.39
N GLU E 42 17.76 -43.23 -4.88
CA GLU E 42 19.18 -43.46 -4.56
C GLU E 42 19.50 -42.92 -3.18
N SER E 43 18.91 -41.79 -2.77
CA SER E 43 19.12 -41.18 -1.45
C SER E 43 17.78 -41.01 -0.66
N PRO E 44 17.10 -42.10 -0.21
CA PRO E 44 15.85 -41.90 0.56
C PRO E 44 16.15 -41.53 2.02
N PRO E 45 15.42 -40.57 2.65
CA PRO E 45 15.75 -40.20 4.04
C PRO E 45 15.02 -41.06 5.07
N THR E 53 5.90 -49.74 8.33
CA THR E 53 6.42 -50.82 7.49
C THR E 53 6.37 -50.43 5.99
N VAL E 54 5.41 -49.57 5.58
CA VAL E 54 5.27 -49.11 4.18
C VAL E 54 6.03 -47.77 4.01
N PRO E 55 6.99 -47.66 3.05
CA PRO E 55 7.67 -46.37 2.88
C PRO E 55 6.70 -45.27 2.47
N PRO E 56 6.83 -44.06 3.05
CA PRO E 56 5.94 -42.96 2.64
C PRO E 56 6.37 -42.44 1.28
N PRO E 57 5.45 -41.96 0.42
CA PRO E 57 5.90 -41.44 -0.89
C PRO E 57 6.85 -40.24 -0.70
N PRO E 58 7.72 -39.93 -1.67
CA PRO E 58 8.60 -38.74 -1.52
C PRO E 58 7.77 -37.46 -1.37
N ARG E 59 8.23 -36.46 -0.60
CA ARG E 59 7.56 -35.16 -0.44
C ARG E 59 7.46 -34.47 -1.80
N VAL E 60 8.55 -34.49 -2.58
CA VAL E 60 8.66 -33.85 -3.89
C VAL E 60 8.35 -34.87 -4.99
N VAL E 61 7.17 -34.70 -5.60
CA VAL E 61 6.64 -35.53 -6.68
C VAL E 61 5.77 -34.64 -7.60
N ASP E 62 5.70 -34.99 -8.89
CA ASP E 62 4.79 -34.33 -9.84
C ASP E 62 3.75 -35.40 -10.18
N LYS E 63 2.46 -35.08 -10.09
CA LYS E 63 1.37 -36.04 -10.32
C LYS E 63 0.35 -35.48 -11.31
N LEU E 64 -0.08 -36.33 -12.25
CA LEU E 64 -1.09 -36.01 -13.23
C LEU E 64 -2.03 -37.20 -13.37
N SER E 65 -3.26 -37.03 -12.93
CA SER E 65 -4.30 -38.07 -13.00
C SER E 65 -5.45 -37.50 -13.83
N LEU E 66 -5.74 -38.11 -14.99
CA LEU E 66 -6.83 -37.66 -15.90
C LEU E 66 -7.75 -38.78 -16.34
N CYS E 67 -9.02 -38.43 -16.59
CA CYS E 67 -10.02 -39.34 -17.14
C CYS E 67 -10.24 -38.97 -18.62
N VAL E 68 -10.41 -39.99 -19.48
CA VAL E 68 -10.57 -39.84 -20.93
C VAL E 68 -11.88 -40.51 -21.40
N ALA E 69 -12.66 -39.81 -22.25
CA ALA E 69 -13.89 -40.38 -22.86
C ALA E 69 -13.38 -41.38 -23.92
N PRO E 70 -13.64 -42.71 -23.77
CA PRO E 70 -13.04 -43.67 -24.71
C PRO E 70 -13.66 -43.73 -26.11
N GLY E 71 -14.92 -43.30 -26.27
CA GLY E 71 -15.61 -43.31 -27.56
C GLY E 71 -16.35 -44.58 -27.88
N LYS E 72 -16.41 -45.50 -26.93
CA LYS E 72 -17.09 -46.80 -27.02
C LYS E 72 -17.35 -47.27 -25.59
N ALA E 73 -18.28 -48.22 -25.42
CA ALA E 73 -18.62 -48.75 -24.11
C ALA E 73 -17.44 -49.48 -23.44
N CYS E 74 -17.38 -49.43 -22.09
CA CYS E 74 -16.43 -50.18 -21.27
C CYS E 74 -17.04 -51.58 -21.14
N SER E 75 -16.20 -52.61 -20.96
CA SER E 75 -16.63 -54.02 -20.77
C SER E 75 -17.25 -54.19 -19.36
N PRO E 76 -18.01 -55.27 -19.06
CA PRO E 76 -18.55 -55.43 -17.70
C PRO E 76 -17.43 -55.60 -16.66
N ALA E 77 -16.36 -56.31 -17.07
CA ALA E 77 -15.18 -56.55 -16.25
C ALA E 77 -14.42 -55.25 -16.00
N ALA E 78 -14.25 -54.39 -17.04
CA ALA E 78 -13.54 -53.12 -16.85
C ALA E 78 -14.29 -52.20 -15.89
N SER E 79 -15.63 -52.09 -16.04
CA SER E 79 -16.50 -51.26 -15.19
C SER E 79 -16.61 -51.75 -13.75
N GLU E 80 -16.68 -53.09 -13.53
CA GLU E 80 -16.78 -53.68 -12.19
C GLU E 80 -15.47 -53.47 -11.42
N ILE E 81 -14.32 -53.65 -12.11
CA ILE E 81 -12.96 -53.53 -11.57
C ILE E 81 -12.56 -52.04 -11.40
N THR E 82 -12.65 -51.20 -12.46
CA THR E 82 -12.22 -49.79 -12.40
C THR E 82 -13.26 -48.85 -11.75
N GLY E 83 -14.55 -49.21 -11.83
CA GLY E 83 -15.61 -48.37 -11.29
C GLY E 83 -15.95 -47.21 -12.20
N LEU E 84 -15.51 -47.30 -13.47
CA LEU E 84 -15.74 -46.30 -14.50
C LEU E 84 -16.65 -46.86 -15.55
N SER E 85 -17.43 -45.99 -16.18
CA SER E 85 -18.33 -46.35 -17.25
C SER E 85 -18.24 -45.24 -18.27
N THR E 86 -18.41 -45.59 -19.56
CA THR E 86 -18.41 -44.58 -20.63
C THR E 86 -19.54 -43.56 -20.34
N ALA E 87 -20.69 -44.05 -19.82
CA ALA E 87 -21.87 -43.24 -19.43
C ALA E 87 -21.57 -42.27 -18.28
N VAL E 88 -20.91 -42.74 -17.19
CA VAL E 88 -20.55 -41.92 -16.02
C VAL E 88 -19.47 -40.92 -16.44
N LEU E 89 -18.53 -41.34 -17.32
CA LEU E 89 -17.50 -40.44 -17.87
C LEU E 89 -18.16 -39.33 -18.73
N ALA E 90 -19.28 -39.65 -19.45
CA ALA E 90 -20.00 -38.69 -20.30
C ALA E 90 -20.74 -37.64 -19.48
N ALA E 91 -21.40 -38.04 -18.36
CA ALA E 91 -22.07 -37.13 -17.42
C ALA E 91 -21.07 -36.07 -16.87
N HIS E 92 -19.82 -36.49 -16.63
CA HIS E 92 -18.74 -35.63 -16.12
C HIS E 92 -18.05 -34.81 -17.26
N GLY E 93 -18.63 -34.81 -18.46
CA GLY E 93 -18.13 -34.06 -19.62
C GLY E 93 -16.69 -34.32 -20.00
N ARG E 94 -16.26 -35.60 -19.91
CA ARG E 94 -14.89 -36.02 -20.22
C ARG E 94 -14.61 -35.94 -21.71
N GLN E 95 -13.41 -35.47 -22.06
CA GLN E 95 -12.96 -35.30 -23.44
C GLN E 95 -12.14 -36.50 -23.90
N CYS E 96 -12.17 -36.79 -25.22
CA CYS E 96 -11.46 -37.93 -25.80
C CYS E 96 -9.95 -37.68 -25.88
N PHE E 97 -9.17 -38.75 -26.16
CA PHE E 97 -7.72 -38.64 -26.32
C PHE E 97 -7.53 -37.79 -27.60
N ASP E 98 -7.04 -36.55 -27.41
CA ASP E 98 -6.87 -35.58 -28.50
C ASP E 98 -5.51 -34.89 -28.41
N ASP E 99 -5.20 -33.99 -29.37
CA ASP E 99 -3.94 -33.25 -29.44
C ASP E 99 -3.69 -32.46 -28.16
N ASN E 100 -4.75 -31.85 -27.58
CA ASN E 100 -4.65 -31.12 -26.30
C ASN E 100 -4.06 -32.02 -25.20
N LEU E 101 -4.63 -33.23 -25.02
CA LEU E 101 -4.16 -34.23 -24.05
C LEU E 101 -2.71 -34.65 -24.33
N ALA E 102 -2.34 -34.87 -25.61
CA ALA E 102 -0.99 -35.28 -26.01
C ALA E 102 0.05 -34.20 -25.71
N ASN E 103 -0.34 -32.91 -25.85
CA ASN E 103 0.46 -31.71 -25.59
C ASN E 103 0.61 -31.47 -24.11
N LEU E 104 -0.43 -31.82 -23.34
CA LEU E 104 -0.50 -31.74 -21.88
C LEU E 104 0.46 -32.80 -21.30
N LEU E 105 0.54 -34.01 -21.91
CA LEU E 105 1.46 -35.06 -21.46
C LEU E 105 2.90 -34.63 -21.74
N LEU E 106 3.15 -34.10 -22.95
CA LEU E 106 4.44 -33.60 -23.41
C LEU E 106 4.93 -32.45 -22.50
N ALA E 107 4.02 -31.51 -22.12
CA ALA E 107 4.33 -30.37 -21.23
C ALA E 107 4.69 -30.82 -19.81
N PHE E 108 3.92 -31.81 -19.26
CA PHE E 108 4.15 -32.43 -17.95
C PHE E 108 5.53 -33.11 -17.92
N LEU E 109 5.90 -33.86 -19.00
CA LEU E 109 7.20 -34.54 -19.10
C LEU E 109 8.34 -33.54 -19.22
N ARG E 110 8.15 -32.44 -19.99
CA ARG E 110 9.13 -31.36 -20.16
C ARG E 110 9.43 -30.63 -18.82
N ARG E 111 8.60 -30.82 -17.78
CA ARG E 111 8.86 -30.25 -16.44
C ARG E 111 9.94 -31.15 -15.73
N GLN E 112 10.18 -32.35 -16.25
CA GLN E 112 11.08 -33.31 -15.64
C GLN E 112 12.47 -33.34 -16.29
N PRO E 113 13.56 -33.49 -15.49
CA PRO E 113 14.91 -33.60 -16.11
C PRO E 113 15.03 -34.90 -16.90
N GLN E 114 15.67 -34.83 -18.08
CA GLN E 114 15.89 -35.99 -18.95
C GLN E 114 17.24 -36.67 -18.64
N PRO E 115 17.44 -37.96 -18.94
CA PRO E 115 16.50 -38.92 -19.56
C PRO E 115 15.32 -39.27 -18.64
N TRP E 116 14.10 -39.32 -19.23
CA TRP E 116 12.84 -39.69 -18.58
C TRP E 116 12.67 -41.22 -18.73
N CYS E 117 12.20 -41.90 -17.68
CA CYS E 117 11.91 -43.33 -17.81
C CYS E 117 10.53 -43.67 -17.25
N LEU E 118 9.61 -44.05 -18.15
CA LEU E 118 8.28 -44.51 -17.78
C LEU E 118 8.42 -45.88 -17.10
N VAL E 119 7.87 -46.03 -15.89
CA VAL E 119 7.90 -47.30 -15.15
C VAL E 119 6.45 -47.74 -14.97
N ALA E 120 6.10 -48.93 -15.52
CA ALA E 120 4.76 -49.52 -15.44
C ALA E 120 4.84 -51.05 -15.19
N HIS E 121 3.91 -51.55 -14.40
CA HIS E 121 3.80 -52.96 -14.04
C HIS E 121 3.07 -53.67 -15.17
N ASN E 122 3.76 -54.59 -15.87
CA ASN E 122 3.22 -55.28 -17.03
C ASN E 122 2.94 -54.26 -18.17
N GLY E 123 3.77 -53.21 -18.20
CA GLY E 123 3.68 -52.13 -19.18
C GLY E 123 3.92 -52.52 -20.62
N ASP E 124 4.83 -53.49 -20.88
CA ASP E 124 5.20 -53.95 -22.23
C ASP E 124 4.04 -54.59 -22.98
N ARG E 125 3.09 -55.18 -22.26
CA ARG E 125 1.93 -55.79 -22.88
C ARG E 125 0.68 -54.92 -22.76
N TYR E 126 0.66 -53.96 -21.82
CA TYR E 126 -0.56 -53.20 -21.66
C TYR E 126 -0.38 -51.70 -21.89
N ASP E 127 0.05 -50.95 -20.87
CA ASP E 127 0.15 -49.49 -20.85
C ASP E 127 1.05 -48.89 -21.96
N PHE E 128 2.25 -49.43 -22.20
CA PHE E 128 3.17 -48.90 -23.21
C PHE E 128 2.62 -49.07 -24.65
N PRO E 129 2.15 -50.25 -25.13
CA PRO E 129 1.61 -50.29 -26.50
C PRO E 129 0.24 -49.59 -26.66
N LEU E 130 -0.61 -49.51 -25.59
CA LEU E 130 -1.90 -48.81 -25.71
C LEU E 130 -1.66 -47.28 -25.80
N LEU E 131 -0.65 -46.74 -25.09
CA LEU E 131 -0.30 -45.33 -25.20
C LEU E 131 0.24 -45.03 -26.62
N GLN E 132 1.10 -45.94 -27.16
CA GLN E 132 1.63 -45.83 -28.53
C GLN E 132 0.50 -45.84 -29.57
N ALA E 133 -0.51 -46.72 -29.42
CA ALA E 133 -1.68 -46.81 -30.29
C ALA E 133 -2.49 -45.52 -30.29
N GLU E 134 -2.71 -44.95 -29.08
CA GLU E 134 -3.45 -43.70 -28.88
C GLU E 134 -2.79 -42.53 -29.61
N LEU E 135 -1.46 -42.40 -29.45
CA LEU E 135 -0.68 -41.34 -30.08
C LEU E 135 -0.56 -41.56 -31.57
N ALA E 136 -0.46 -42.83 -31.98
CA ALA E 136 -0.37 -43.21 -33.39
C ALA E 136 -1.67 -42.88 -34.11
N MET E 137 -2.82 -42.96 -33.40
CA MET E 137 -4.13 -42.63 -33.93
C MET E 137 -4.25 -41.10 -34.17
N LEU E 138 -3.48 -40.28 -33.43
CA LEU E 138 -3.49 -38.82 -33.59
C LEU E 138 -2.38 -38.36 -34.57
N GLY E 139 -1.64 -39.32 -35.12
CA GLY E 139 -0.53 -39.05 -36.04
C GLY E 139 0.69 -38.47 -35.35
N LEU E 140 0.79 -38.70 -34.02
CA LEU E 140 1.90 -38.23 -33.17
C LEU E 140 2.72 -39.45 -32.72
N THR E 141 3.14 -40.26 -33.73
CA THR E 141 3.89 -41.51 -33.61
C THR E 141 5.29 -41.35 -32.99
N SER E 142 5.89 -40.14 -33.05
CA SER E 142 7.22 -39.87 -32.49
C SER E 142 7.20 -38.71 -31.46
N ALA E 143 6.04 -38.50 -30.77
CA ALA E 143 5.87 -37.46 -29.75
C ALA E 143 6.67 -37.77 -28.48
N LEU E 144 6.48 -39.00 -27.94
CA LEU E 144 7.13 -39.54 -26.74
C LEU E 144 8.40 -40.33 -27.09
N ASP E 145 8.91 -40.17 -28.33
CA ASP E 145 10.10 -40.87 -28.84
C ASP E 145 11.38 -40.54 -28.01
N GLY E 146 11.35 -39.42 -27.28
CA GLY E 146 12.44 -38.99 -26.41
C GLY E 146 12.56 -39.81 -25.13
N ALA E 147 11.40 -40.26 -24.58
CA ALA E 147 11.30 -41.04 -23.35
C ALA E 147 11.89 -42.46 -23.46
N PHE E 148 12.15 -43.09 -22.30
CA PHE E 148 12.58 -44.48 -22.17
C PHE E 148 11.49 -45.21 -21.38
N CYS E 149 11.58 -46.55 -21.22
CA CYS E 149 10.55 -47.29 -20.48
C CYS E 149 11.09 -48.60 -19.94
N VAL E 150 10.60 -49.02 -18.76
CA VAL E 150 10.89 -50.32 -18.12
C VAL E 150 9.59 -50.94 -17.64
N ASP E 151 9.52 -52.25 -17.68
CA ASP E 151 8.39 -52.99 -17.18
C ASP E 151 8.82 -53.43 -15.79
N SER E 152 8.10 -52.99 -14.75
CA SER E 152 8.47 -53.30 -13.37
C SER E 152 8.32 -54.79 -13.04
N ILE E 153 7.52 -55.60 -13.80
CA ILE E 153 7.41 -57.06 -13.58
C ILE E 153 8.75 -57.71 -13.88
N THR E 154 9.40 -57.34 -15.03
CA THR E 154 10.71 -57.86 -15.43
C THR E 154 11.74 -57.49 -14.35
N ALA E 155 11.67 -56.23 -13.86
CA ALA E 155 12.52 -55.66 -12.81
C ALA E 155 12.43 -56.43 -11.48
N LEU E 156 11.20 -56.56 -10.92
CA LEU E 156 10.95 -57.20 -9.64
C LEU E 156 11.14 -58.73 -9.71
N LYS E 157 11.11 -59.31 -10.93
CA LYS E 157 11.39 -60.74 -11.11
C LYS E 157 12.89 -60.90 -10.92
N ALA E 158 13.69 -60.00 -11.55
CA ALA E 158 15.16 -59.99 -11.46
C ALA E 158 15.63 -59.74 -10.03
N LEU E 159 14.99 -58.78 -9.34
CA LEU E 159 15.28 -58.45 -7.95
C LEU E 159 14.72 -59.53 -7.02
N LYS E 172 4.17 -68.61 -7.72
CA LYS E 172 4.37 -67.25 -7.24
C LYS E 172 3.84 -66.22 -8.25
N SER E 173 2.68 -65.59 -7.94
CA SER E 173 2.06 -64.55 -8.77
C SER E 173 2.83 -63.26 -8.63
N TYR E 174 3.04 -62.55 -9.76
CA TYR E 174 3.76 -61.28 -9.79
C TYR E 174 2.82 -60.10 -10.11
N SER E 175 1.52 -60.22 -9.71
CA SER E 175 0.54 -59.15 -9.88
C SER E 175 0.88 -58.06 -8.84
N LEU E 176 0.42 -56.80 -9.03
CA LEU E 176 0.74 -55.70 -8.11
C LEU E 176 0.27 -56.01 -6.67
N GLY E 177 -0.93 -56.56 -6.54
CA GLY E 177 -1.52 -56.95 -5.26
C GLY E 177 -0.75 -58.04 -4.54
N SER E 178 -0.26 -59.07 -5.29
CA SER E 178 0.53 -60.18 -4.74
C SER E 178 1.86 -59.68 -4.17
N ILE E 179 2.66 -58.97 -5.00
CA ILE E 179 3.96 -58.41 -4.61
C ILE E 179 3.81 -57.51 -3.38
N TYR E 180 2.81 -56.60 -3.37
CA TYR E 180 2.54 -55.68 -2.26
C TYR E 180 2.31 -56.41 -0.94
N THR E 181 1.48 -57.45 -0.96
CA THR E 181 1.15 -58.30 0.19
C THR E 181 2.38 -59.12 0.59
N ARG E 182 3.19 -59.56 -0.39
CA ARG E 182 4.40 -60.35 -0.15
C ARG E 182 5.52 -59.50 0.47
N LEU E 183 5.37 -58.17 0.49
CA LEU E 183 6.35 -57.23 1.05
C LEU E 183 5.85 -56.56 2.35
N TYR E 184 4.58 -56.10 2.37
CA TYR E 184 4.01 -55.34 3.48
C TYR E 184 2.87 -56.09 4.26
N GLY E 185 2.49 -57.28 3.80
CA GLY E 185 1.46 -58.10 4.44
C GLY E 185 0.08 -57.48 4.48
N GLN E 186 -0.20 -56.58 3.53
CA GLN E 186 -1.46 -55.84 3.44
C GLN E 186 -1.93 -55.82 1.98
N SER E 187 -3.20 -55.44 1.75
CA SER E 187 -3.73 -55.26 0.41
C SER E 187 -3.53 -53.75 0.08
N PRO E 188 -3.02 -53.38 -1.13
CA PRO E 188 -2.81 -51.94 -1.43
C PRO E 188 -4.11 -51.13 -1.41
N PRO E 189 -4.14 -49.96 -0.73
CA PRO E 189 -5.38 -49.16 -0.72
C PRO E 189 -5.71 -48.51 -2.07
N ASP E 190 -6.98 -48.07 -2.25
CA ASP E 190 -7.53 -47.39 -3.44
C ASP E 190 -7.21 -48.17 -4.75
N SER E 191 -7.30 -49.51 -4.68
CA SER E 191 -7.06 -50.47 -5.77
C SER E 191 -8.00 -50.26 -6.97
N HIS E 192 -7.46 -50.50 -8.18
CA HIS E 192 -8.08 -50.39 -9.49
C HIS E 192 -8.56 -48.93 -9.84
N THR E 193 -7.73 -47.93 -9.46
CA THR E 193 -7.82 -46.52 -9.85
C THR E 193 -6.40 -46.29 -10.38
N ALA E 194 -6.24 -45.68 -11.57
CA ALA E 194 -4.92 -45.49 -12.19
C ALA E 194 -3.88 -44.88 -11.20
N GLU E 195 -4.33 -43.94 -10.34
CA GLU E 195 -3.53 -43.31 -9.30
C GLU E 195 -3.21 -44.27 -8.16
N GLY E 196 -4.23 -45.02 -7.74
CA GLY E 196 -4.12 -46.02 -6.68
C GLY E 196 -3.12 -47.10 -7.01
N ASP E 197 -3.04 -47.50 -8.30
CA ASP E 197 -2.11 -48.51 -8.78
C ASP E 197 -0.71 -47.95 -8.89
N VAL E 198 -0.56 -46.70 -9.39
CA VAL E 198 0.74 -46.01 -9.51
C VAL E 198 1.40 -45.86 -8.12
N LEU E 199 0.58 -45.51 -7.11
CA LEU E 199 1.00 -45.31 -5.72
C LEU E 199 1.44 -46.64 -5.10
N ALA E 200 0.75 -47.75 -5.42
CA ALA E 200 1.10 -49.09 -4.91
C ALA E 200 2.41 -49.57 -5.56
N LEU E 201 2.59 -49.28 -6.87
CA LEU E 201 3.79 -49.58 -7.65
C LEU E 201 4.96 -48.78 -7.07
N LEU E 202 4.71 -47.50 -6.66
CA LEU E 202 5.76 -46.67 -6.05
C LEU E 202 6.28 -47.30 -4.77
N SER E 203 5.36 -47.75 -3.87
CA SER E 203 5.70 -48.38 -2.60
C SER E 203 6.53 -49.66 -2.78
N ILE E 204 6.19 -50.46 -3.80
CA ILE E 204 6.91 -51.69 -4.11
C ILE E 204 8.36 -51.38 -4.56
N CYS E 205 8.52 -50.34 -5.39
CA CYS E 205 9.82 -49.92 -5.91
C CYS E 205 10.67 -49.22 -4.83
N GLN E 206 10.07 -48.82 -3.68
CA GLN E 206 10.82 -48.22 -2.57
C GLN E 206 11.28 -49.30 -1.54
N TRP E 207 11.00 -50.59 -1.80
CA TRP E 207 11.37 -51.69 -0.90
C TRP E 207 12.88 -51.92 -0.97
N ARG E 208 13.43 -52.02 -2.19
CA ARG E 208 14.88 -52.10 -2.48
C ARG E 208 15.11 -50.97 -3.52
N PRO E 209 15.18 -49.69 -3.08
CA PRO E 209 15.19 -48.58 -4.06
C PRO E 209 16.46 -48.45 -4.88
N GLN E 210 17.65 -48.67 -4.27
CA GLN E 210 18.91 -48.56 -4.99
C GLN E 210 19.09 -49.74 -5.97
N ALA E 211 18.65 -50.96 -5.58
CA ALA E 211 18.67 -52.14 -6.46
C ALA E 211 17.74 -51.93 -7.69
N LEU E 212 16.49 -51.46 -7.47
CA LEU E 212 15.50 -51.14 -8.51
C LEU E 212 16.03 -50.10 -9.49
N LEU E 213 16.68 -49.02 -8.98
CA LEU E 213 17.24 -47.94 -9.79
C LEU E 213 18.42 -48.44 -10.64
N ARG E 214 19.34 -49.25 -10.04
CA ARG E 214 20.49 -49.84 -10.75
C ARG E 214 19.98 -50.64 -11.97
N TRP E 215 18.93 -51.44 -11.77
CA TRP E 215 18.30 -52.26 -12.78
C TRP E 215 17.68 -51.40 -13.88
N VAL E 216 16.89 -50.36 -13.50
CA VAL E 216 16.27 -49.43 -14.43
C VAL E 216 17.34 -48.81 -15.36
N ASP E 217 18.43 -48.26 -14.78
CA ASP E 217 19.55 -47.63 -15.51
C ASP E 217 20.19 -48.54 -16.57
N ALA E 218 20.31 -49.85 -16.30
CA ALA E 218 20.90 -50.78 -17.25
C ALA E 218 19.86 -51.49 -18.18
N HIS E 219 18.58 -51.45 -17.86
CA HIS E 219 17.58 -52.15 -18.67
C HIS E 219 16.53 -51.24 -19.34
N ALA E 220 16.63 -49.89 -19.17
CA ALA E 220 15.72 -48.92 -19.79
C ALA E 220 15.84 -48.97 -21.31
N ARG E 221 14.70 -48.97 -22.01
CA ARG E 221 14.73 -49.05 -23.46
C ARG E 221 13.96 -47.88 -24.11
N PRO E 222 14.42 -47.38 -25.27
CA PRO E 222 13.72 -46.26 -25.92
C PRO E 222 12.24 -46.58 -26.17
N PHE E 223 11.35 -45.64 -25.87
CA PHE E 223 9.91 -45.83 -26.00
C PHE E 223 9.49 -46.05 -27.46
N GLY E 224 10.33 -45.59 -28.39
CA GLY E 224 10.14 -45.74 -29.82
C GLY E 224 10.16 -47.17 -30.30
N THR E 225 10.78 -48.08 -29.52
CA THR E 225 10.84 -49.51 -29.83
C THR E 225 9.48 -50.19 -29.60
N ILE E 226 8.62 -49.62 -28.74
CA ILE E 226 7.28 -50.14 -28.39
C ILE E 226 6.35 -49.95 -29.60
N ARG E 227 5.88 -51.06 -30.16
CA ARG E 227 4.96 -50.99 -31.29
C ARG E 227 3.54 -50.71 -30.79
N PRO E 228 2.74 -49.83 -31.45
CA PRO E 228 1.35 -49.62 -31.00
C PRO E 228 0.52 -50.92 -30.98
N MET E 229 -0.31 -51.10 -29.94
CA MET E 229 -1.16 -52.28 -29.72
C MET E 229 -1.93 -52.67 -30.98
N TYR E 230 -2.52 -51.66 -31.66
CA TYR E 230 -3.27 -51.81 -32.91
C TYR E 230 -3.10 -50.54 -33.74
N GLY E 231 -3.22 -50.70 -35.07
CA GLY E 231 -3.09 -49.62 -36.03
N LEU F 3 18.39 4.30 22.49
CA LEU F 3 18.54 5.36 21.50
C LEU F 3 17.63 5.19 20.26
N PRO F 4 17.41 3.98 19.66
CA PRO F 4 16.51 3.89 18.49
C PRO F 4 15.09 4.35 18.82
N PRO F 5 14.52 5.35 18.11
CA PRO F 5 13.15 5.78 18.44
C PRO F 5 12.04 4.79 18.05
N GLY F 6 12.36 3.90 17.09
CA GLY F 6 11.39 2.99 16.50
C GLY F 6 10.53 3.75 15.48
N PRO F 7 9.37 3.18 15.05
CA PRO F 7 8.57 3.85 14.01
C PRO F 7 7.88 5.13 14.48
N MET F 8 7.84 6.15 13.60
CA MET F 8 7.20 7.45 13.83
C MET F 8 5.70 7.23 13.91
N GLN F 9 5.08 7.70 15.00
CA GLN F 9 3.64 7.54 15.26
C GLN F 9 2.84 8.65 14.60
N THR F 10 3.41 9.85 14.48
CA THR F 10 2.72 10.97 13.84
C THR F 10 3.70 11.67 12.91
N LEU F 11 3.23 11.99 11.69
CA LEU F 11 3.96 12.81 10.74
C LEU F 11 3.24 14.16 10.82
N ILE F 12 3.97 15.22 11.10
CA ILE F 12 3.46 16.58 11.21
C ILE F 12 3.97 17.39 10.02
N PHE F 13 3.11 17.56 9.01
CA PHE F 13 3.44 18.32 7.81
C PHE F 13 3.54 19.78 8.23
N PHE F 14 4.66 20.41 7.85
CA PHE F 14 4.99 21.74 8.33
C PHE F 14 5.48 22.68 7.22
N ASP F 15 5.09 23.95 7.32
CA ASP F 15 5.57 24.99 6.39
C ASP F 15 5.39 26.35 7.02
N MET F 16 6.38 27.22 6.84
CA MET F 16 6.39 28.58 7.33
C MET F 16 6.67 29.56 6.24
N GLU F 17 6.11 30.77 6.38
CA GLU F 17 6.37 31.93 5.56
C GLU F 17 7.20 32.86 6.47
N ALA F 18 8.04 33.70 5.89
CA ALA F 18 8.92 34.57 6.64
C ALA F 18 9.08 35.92 5.93
N THR F 19 9.78 36.87 6.55
CA THR F 19 10.03 38.24 6.04
C THR F 19 11.01 38.30 4.84
N GLY F 20 11.73 37.21 4.58
CA GLY F 20 12.69 37.12 3.49
C GLY F 20 13.49 35.82 3.50
N LEU F 21 14.55 35.76 2.66
CA LEU F 21 15.39 34.57 2.54
C LEU F 21 16.44 34.54 3.67
N PRO F 22 17.04 33.36 4.01
CA PRO F 22 17.96 33.25 5.16
C PRO F 22 19.06 34.33 5.32
N PHE F 23 19.57 34.98 4.25
CA PHE F 23 20.61 36.04 4.37
C PHE F 23 20.15 37.22 5.23
N SER F 24 18.86 37.60 5.11
CA SER F 24 18.27 38.75 5.79
C SER F 24 17.97 38.54 7.28
N GLN F 25 18.32 37.36 7.86
CA GLN F 25 18.00 36.95 9.26
C GLN F 25 16.48 37.08 9.39
N PRO F 26 15.74 36.24 8.62
CA PRO F 26 14.28 36.40 8.56
C PRO F 26 13.55 36.01 9.84
N LYS F 27 12.32 36.51 9.96
CA LYS F 27 11.45 36.22 11.08
C LYS F 27 10.15 35.59 10.51
N VAL F 28 9.61 34.59 11.21
CA VAL F 28 8.39 33.90 10.83
C VAL F 28 7.23 34.89 10.73
N THR F 29 6.48 34.83 9.60
CA THR F 29 5.25 35.61 9.42
C THR F 29 4.01 34.69 9.42
N GLU F 30 4.20 33.39 9.18
CA GLU F 30 3.08 32.43 9.11
C GLU F 30 3.59 31.03 9.30
N LEU F 31 2.79 30.20 9.96
CA LEU F 31 3.14 28.78 10.12
C LEU F 31 1.89 27.91 10.03
N CYS F 32 2.07 26.70 9.51
CA CYS F 32 1.03 25.70 9.46
C CYS F 32 1.61 24.34 9.85
N LEU F 33 0.92 23.68 10.79
CA LEU F 33 1.27 22.35 11.29
C LEU F 33 0.05 21.49 11.01
N LEU F 34 0.26 20.32 10.39
CA LEU F 34 -0.83 19.40 10.09
C LEU F 34 -0.38 18.00 10.51
N ALA F 35 -0.90 17.50 11.66
CA ALA F 35 -0.54 16.20 12.25
C ALA F 35 -1.42 15.07 11.74
N VAL F 36 -0.76 14.05 11.16
CA VAL F 36 -1.40 12.89 10.57
C VAL F 36 -0.83 11.65 11.28
N HIS F 37 -1.70 10.80 11.84
CA HIS F 37 -1.28 9.54 12.49
C HIS F 37 -0.79 8.59 11.40
N ARG F 38 0.26 7.81 11.69
CA ARG F 38 0.87 6.90 10.73
C ARG F 38 -0.15 5.90 10.17
N CYS F 39 -1.22 5.53 10.92
CA CYS F 39 -2.23 4.59 10.39
C CYS F 39 -2.88 5.14 9.09
N ALA F 40 -3.05 6.48 8.95
CA ALA F 40 -3.57 7.10 7.73
C ALA F 40 -2.63 6.92 6.52
N LEU F 41 -1.35 6.54 6.75
CA LEU F 41 -0.37 6.35 5.67
C LEU F 41 0.04 4.88 5.48
N GLU F 42 0.04 4.07 6.57
N GLU F 42 0.03 4.08 6.57
CA GLU F 42 0.41 2.66 6.48
CA GLU F 42 0.40 2.67 6.55
C GLU F 42 -0.76 1.82 6.00
C GLU F 42 -0.75 1.84 6.01
N SER F 43 -1.99 2.19 6.41
CA SER F 43 -3.22 1.51 6.01
C SER F 43 -4.12 2.60 5.39
N PRO F 44 -3.81 3.09 4.17
CA PRO F 44 -4.64 4.13 3.55
C PRO F 44 -6.02 3.60 3.13
N PRO F 45 -7.11 4.38 3.29
CA PRO F 45 -8.44 3.86 2.93
C PRO F 45 -8.69 3.85 1.42
N THR F 53 -7.69 10.39 -8.57
CA THR F 53 -6.62 11.28 -9.04
C THR F 53 -5.86 11.84 -7.81
N VAL F 54 -6.26 13.03 -7.28
CA VAL F 54 -5.64 13.63 -6.08
C VAL F 54 -6.27 12.94 -4.85
N PRO F 55 -5.46 12.29 -3.98
CA PRO F 55 -6.05 11.64 -2.80
C PRO F 55 -6.59 12.67 -1.82
N PRO F 56 -7.73 12.39 -1.14
CA PRO F 56 -8.26 13.38 -0.18
C PRO F 56 -7.50 13.33 1.15
N PRO F 57 -7.51 14.39 1.98
CA PRO F 57 -6.80 14.30 3.26
C PRO F 57 -7.47 13.25 4.15
N PRO F 58 -6.79 12.68 5.17
CA PRO F 58 -7.49 11.74 6.06
C PRO F 58 -8.60 12.48 6.84
N ARG F 59 -9.68 11.76 7.18
CA ARG F 59 -10.79 12.31 7.97
C ARG F 59 -10.27 12.86 9.30
N VAL F 60 -9.33 12.14 9.96
CA VAL F 60 -8.81 12.49 11.26
C VAL F 60 -7.44 13.14 11.10
N VAL F 61 -7.36 14.47 11.36
CA VAL F 61 -6.14 15.29 11.33
C VAL F 61 -6.24 16.39 12.37
N ASP F 62 -5.09 16.85 12.87
CA ASP F 62 -5.03 18.03 13.73
C ASP F 62 -4.38 19.09 12.86
N LYS F 63 -4.95 20.30 12.79
CA LYS F 63 -4.40 21.41 11.99
C LYS F 63 -4.25 22.71 12.82
N LEU F 64 -3.11 23.37 12.68
CA LEU F 64 -2.84 24.66 13.31
C LEU F 64 -2.21 25.57 12.27
N SER F 65 -2.89 26.65 11.91
CA SER F 65 -2.42 27.63 10.93
C SER F 65 -2.51 29.02 11.55
N LEU F 66 -1.34 29.64 11.83
CA LEU F 66 -1.25 30.95 12.47
C LEU F 66 -0.46 31.95 11.65
N CYS F 67 -0.84 33.25 11.76
CA CYS F 67 -0.11 34.37 11.19
C CYS F 67 0.64 35.05 12.36
N VAL F 68 1.84 35.59 12.09
CA VAL F 68 2.69 36.13 13.16
C VAL F 68 3.23 37.52 12.81
N ALA F 69 3.16 38.48 13.77
CA ALA F 69 3.74 39.83 13.62
C ALA F 69 5.23 39.59 13.71
N PRO F 70 6.03 39.86 12.64
CA PRO F 70 7.47 39.52 12.71
C PRO F 70 8.38 40.57 13.38
N GLY F 71 7.88 41.76 13.68
CA GLY F 71 8.69 42.79 14.34
C GLY F 71 9.63 43.62 13.47
N LYS F 72 9.69 43.32 12.18
CA LYS F 72 10.49 44.08 11.21
C LYS F 72 9.79 43.98 9.89
N ALA F 73 10.18 44.78 8.89
CA ALA F 73 9.55 44.78 7.58
C ALA F 73 9.85 43.53 6.75
N CYS F 74 8.89 43.12 5.92
CA CYS F 74 9.06 42.03 4.97
C CYS F 74 9.76 42.67 3.79
N SER F 75 10.52 41.85 3.04
CA SER F 75 11.14 42.35 1.81
C SER F 75 10.00 42.51 0.75
N PRO F 76 10.16 43.38 -0.29
CA PRO F 76 9.10 43.50 -1.33
C PRO F 76 8.78 42.15 -1.98
N ALA F 77 9.82 41.29 -2.15
CA ALA F 77 9.69 39.94 -2.75
C ALA F 77 8.88 39.00 -1.88
N ALA F 78 9.14 38.97 -0.56
CA ALA F 78 8.38 38.11 0.36
C ALA F 78 6.91 38.52 0.34
N SER F 79 6.60 39.83 0.32
CA SER F 79 5.22 40.32 0.30
C SER F 79 4.47 39.98 -0.99
N GLU F 80 5.14 40.14 -2.13
CA GLU F 80 4.55 39.88 -3.44
C GLU F 80 4.24 38.38 -3.61
N ILE F 81 5.19 37.53 -3.17
CA ILE F 81 5.07 36.07 -3.23
C ILE F 81 4.05 35.55 -2.19
N THR F 82 4.18 35.95 -0.89
CA THR F 82 3.31 35.40 0.17
C THR F 82 1.95 36.11 0.36
N GLY F 83 1.79 37.32 -0.16
CA GLY F 83 0.56 38.08 0.04
C GLY F 83 0.45 38.69 1.45
N LEU F 84 1.54 38.62 2.26
CA LEU F 84 1.60 39.16 3.63
C LEU F 84 2.59 40.32 3.73
N SER F 85 2.36 41.22 4.67
CA SER F 85 3.28 42.32 4.95
C SER F 85 3.16 42.66 6.42
N THR F 86 4.20 43.28 6.99
CA THR F 86 4.22 43.64 8.42
C THR F 86 3.05 44.60 8.75
N ALA F 87 2.77 45.60 7.89
CA ALA F 87 1.67 46.57 8.06
C ALA F 87 0.32 45.88 8.03
N VAL F 88 0.11 44.96 7.08
CA VAL F 88 -1.14 44.19 6.91
C VAL F 88 -1.32 43.24 8.11
N LEU F 89 -0.24 42.62 8.57
CA LEU F 89 -0.31 41.72 9.72
C LEU F 89 -0.71 42.53 10.98
N ALA F 90 -0.24 43.81 11.08
CA ALA F 90 -0.55 44.75 12.14
C ALA F 90 -2.02 45.17 12.06
N ALA F 91 -2.56 45.42 10.83
CA ALA F 91 -3.99 45.75 10.66
C ALA F 91 -4.91 44.61 11.15
N HIS F 92 -4.41 43.38 11.16
CA HIS F 92 -5.09 42.16 11.61
C HIS F 92 -4.79 41.85 13.08
N GLY F 93 -4.12 42.77 13.77
CA GLY F 93 -3.77 42.69 15.19
C GLY F 93 -2.92 41.50 15.59
N ARG F 94 -2.00 41.08 14.69
CA ARG F 94 -1.18 39.90 14.97
C ARG F 94 -0.14 40.18 16.03
N GLN F 95 0.09 39.17 16.89
CA GLN F 95 1.06 39.18 17.99
C GLN F 95 2.30 38.51 17.46
N CYS F 96 3.42 38.77 18.10
CA CYS F 96 4.71 38.27 17.69
C CYS F 96 4.96 36.85 18.22
N PHE F 97 6.13 36.30 17.89
CA PHE F 97 6.58 34.98 18.31
C PHE F 97 7.06 35.17 19.76
N ASP F 98 6.17 34.93 20.72
CA ASP F 98 6.46 35.14 22.14
C ASP F 98 6.29 33.83 22.93
N ASP F 99 6.36 33.87 24.27
CA ASP F 99 6.24 32.70 25.13
C ASP F 99 4.88 31.99 25.00
N ASN F 100 3.78 32.76 24.81
CA ASN F 100 2.45 32.22 24.61
C ASN F 100 2.39 31.44 23.29
N LEU F 101 3.03 31.95 22.21
CA LEU F 101 3.05 31.24 20.94
C LEU F 101 3.81 29.92 21.09
N ALA F 102 4.95 29.91 21.81
CA ALA F 102 5.74 28.67 21.99
C ALA F 102 4.97 27.61 22.82
N ASN F 103 4.24 28.05 23.87
CA ASN F 103 3.40 27.21 24.74
C ASN F 103 2.26 26.62 23.93
N LEU F 104 1.66 27.43 23.04
CA LEU F 104 0.58 27.02 22.14
C LEU F 104 1.11 25.92 21.20
N LEU F 105 2.23 26.16 20.50
CA LEU F 105 2.88 25.15 19.62
C LEU F 105 3.23 23.89 20.37
N LEU F 106 3.75 23.99 21.60
CA LEU F 106 4.15 22.85 22.41
C LEU F 106 2.93 22.07 22.93
N ALA F 107 1.82 22.76 23.26
CA ALA F 107 0.57 22.09 23.71
C ALA F 107 -0.05 21.30 22.54
N PHE F 108 0.01 21.87 21.32
CA PHE F 108 -0.49 21.22 20.10
C PHE F 108 0.33 19.96 19.78
N LEU F 109 1.68 20.05 19.85
CA LEU F 109 2.58 18.92 19.56
C LEU F 109 2.46 17.82 20.62
N ARG F 110 2.13 18.21 21.88
CA ARG F 110 1.93 17.32 23.03
C ARG F 110 0.70 16.39 22.86
N ARG F 111 -0.28 16.82 22.05
CA ARG F 111 -1.48 16.05 21.74
C ARG F 111 -1.22 14.97 20.69
N GLN F 112 0.02 14.89 20.16
CA GLN F 112 0.42 13.92 19.13
C GLN F 112 1.17 12.75 19.73
N PRO F 113 0.79 11.46 19.39
CA PRO F 113 1.52 10.31 19.94
C PRO F 113 2.98 10.33 19.51
N GLN F 114 3.86 10.01 20.45
CA GLN F 114 5.29 10.02 20.24
C GLN F 114 5.84 8.66 19.85
N PRO F 115 6.96 8.60 19.10
CA PRO F 115 7.71 9.72 18.54
C PRO F 115 7.00 10.31 17.32
N TRP F 116 7.09 11.62 17.18
CA TRP F 116 6.50 12.30 16.04
C TRP F 116 7.61 12.93 15.19
N CYS F 117 7.33 13.11 13.92
CA CYS F 117 8.30 13.62 12.97
C CYS F 117 7.72 14.79 12.17
N LEU F 118 8.39 15.96 12.17
CA LEU F 118 8.05 17.13 11.34
C LEU F 118 8.46 16.82 9.90
N VAL F 119 7.59 17.12 8.94
CA VAL F 119 7.86 16.87 7.51
C VAL F 119 7.70 18.20 6.74
N ALA F 120 8.81 18.74 6.22
CA ALA F 120 8.79 20.03 5.51
C ALA F 120 9.58 19.93 4.23
N HIS F 121 9.11 20.57 3.16
CA HIS F 121 9.80 20.59 1.85
C HIS F 121 10.93 21.59 1.93
N ASN F 122 12.21 21.13 1.84
CA ASN F 122 13.42 21.96 2.00
C ASN F 122 13.51 22.46 3.44
N GLY F 123 13.01 21.63 4.36
CA GLY F 123 12.98 21.91 5.79
C GLY F 123 14.36 22.07 6.41
N ASP F 124 15.37 21.29 5.94
CA ASP F 124 16.75 21.35 6.47
C ASP F 124 17.39 22.72 6.36
N ARG F 125 17.23 23.38 5.22
CA ARG F 125 17.75 24.70 5.00
C ARG F 125 16.82 25.84 5.48
N TYR F 126 15.48 25.65 5.44
CA TYR F 126 14.60 26.78 5.73
C TYR F 126 13.80 26.62 7.01
N ASP F 127 12.69 25.85 7.00
CA ASP F 127 11.71 25.74 8.10
C ASP F 127 12.31 25.31 9.45
N PHE F 128 13.09 24.19 9.49
CA PHE F 128 13.62 23.67 10.76
C PHE F 128 14.62 24.67 11.44
N PRO F 129 15.67 25.22 10.76
CA PRO F 129 16.55 26.18 11.47
C PRO F 129 15.86 27.48 11.87
N LEU F 130 14.85 27.94 11.10
CA LEU F 130 14.16 29.17 11.47
C LEU F 130 13.30 28.90 12.72
N LEU F 131 12.61 27.73 12.80
CA LEU F 131 11.85 27.35 14.00
C LEU F 131 12.78 27.31 15.24
N GLN F 132 13.95 26.66 15.07
CA GLN F 132 15.01 26.58 16.06
C GLN F 132 15.53 27.96 16.47
N ALA F 133 15.70 28.93 15.50
CA ALA F 133 16.16 30.31 15.82
C ALA F 133 15.12 31.04 16.66
N GLU F 134 13.84 30.95 16.26
CA GLU F 134 12.69 31.54 16.95
C GLU F 134 12.58 31.02 18.39
N LEU F 135 12.76 29.71 18.62
CA LEU F 135 12.68 29.12 19.97
C LEU F 135 13.88 29.49 20.82
N ALA F 136 15.08 29.47 20.24
CA ALA F 136 16.32 29.85 20.92
C ALA F 136 16.28 31.30 21.41
N MET F 137 15.65 32.21 20.63
CA MET F 137 15.49 33.64 21.00
C MET F 137 14.62 33.78 22.27
N LEU F 138 13.77 32.77 22.55
CA LEU F 138 12.89 32.69 23.71
C LEU F 138 13.55 31.91 24.85
N GLY F 139 14.80 31.53 24.65
CA GLY F 139 15.55 30.69 25.58
C GLY F 139 15.01 29.27 25.67
N LEU F 140 14.35 28.78 24.62
CA LEU F 140 13.78 27.42 24.63
C LEU F 140 14.56 26.50 23.67
N THR F 141 15.87 26.41 23.89
CA THR F 141 16.79 25.61 23.07
C THR F 141 16.52 24.10 23.14
N SER F 142 16.18 23.58 24.32
CA SER F 142 15.95 22.15 24.54
C SER F 142 14.53 21.69 24.25
N ALA F 143 13.59 22.63 23.95
CA ALA F 143 12.14 22.43 23.80
C ALA F 143 11.71 21.27 22.89
N LEU F 144 12.33 21.14 21.69
CA LEU F 144 11.95 20.11 20.72
C LEU F 144 12.99 18.99 20.58
N ASP F 145 13.86 18.78 21.59
N ASP F 145 13.66 18.66 21.68
CA ASP F 145 14.95 17.79 21.55
CA ASP F 145 14.54 17.50 21.76
C ASP F 145 14.47 16.33 21.30
C ASP F 145 13.59 16.31 21.92
N GLY F 146 13.32 15.96 21.86
N GLY F 146 13.95 15.17 21.35
CA GLY F 146 12.73 14.62 21.74
CA GLY F 146 13.10 13.98 21.37
C GLY F 146 11.66 14.54 20.68
C GLY F 146 12.16 13.93 20.19
N ALA F 147 11.96 15.09 19.50
CA ALA F 147 11.14 15.19 18.30
C ALA F 147 12.08 14.88 17.14
N PHE F 148 11.52 14.53 15.98
CA PHE F 148 12.30 14.15 14.81
C PHE F 148 11.89 15.03 13.63
N CYS F 149 12.68 15.02 12.53
CA CYS F 149 12.34 15.82 11.36
C CYS F 149 12.83 15.14 10.08
N VAL F 150 12.11 15.37 8.95
CA VAL F 150 12.51 14.88 7.62
C VAL F 150 12.25 15.97 6.59
N ASP F 151 13.20 16.10 5.68
CA ASP F 151 13.10 17.03 4.57
C ASP F 151 12.48 16.17 3.48
N SER F 152 11.27 16.55 3.03
CA SER F 152 10.54 15.77 2.04
C SER F 152 11.24 15.77 0.65
N ILE F 153 12.11 16.75 0.36
CA ILE F 153 12.89 16.73 -0.89
C ILE F 153 13.77 15.47 -0.90
N THR F 154 14.58 15.25 0.17
CA THR F 154 15.50 14.11 0.32
C THR F 154 14.69 12.82 0.20
N ALA F 155 13.56 12.72 0.96
CA ALA F 155 12.66 11.55 0.99
C ALA F 155 12.09 11.19 -0.39
N LEU F 156 11.55 12.19 -1.13
CA LEU F 156 10.93 11.97 -2.45
C LEU F 156 11.95 11.73 -3.55
N LYS F 157 13.24 12.10 -3.31
CA LYS F 157 14.32 11.83 -4.25
C LYS F 157 14.67 10.33 -4.14
N ALA F 158 14.80 9.83 -2.89
CA ALA F 158 15.07 8.42 -2.59
C ALA F 158 13.92 7.51 -3.05
N LEU F 159 12.66 8.03 -3.02
CA LEU F 159 11.50 7.29 -3.51
C LEU F 159 11.56 7.14 -5.04
N GLU F 160 12.06 8.18 -5.75
CA GLU F 160 12.22 8.21 -7.20
C GLU F 160 13.65 7.88 -7.62
N LYS F 172 15.77 17.92 -13.65
CA LYS F 172 14.45 17.67 -13.06
C LYS F 172 14.27 18.55 -11.82
N SER F 173 13.24 19.40 -11.82
CA SER F 173 12.93 20.31 -10.70
C SER F 173 12.29 19.52 -9.55
N TYR F 174 12.68 19.87 -8.31
CA TYR F 174 12.13 19.21 -7.13
C TYR F 174 11.38 20.24 -6.27
N SER F 175 10.80 21.24 -6.95
CA SER F 175 9.96 22.25 -6.30
C SER F 175 8.62 21.59 -5.98
N LEU F 176 7.89 22.13 -4.99
CA LEU F 176 6.60 21.59 -4.58
C LEU F 176 5.61 21.53 -5.76
N GLY F 177 5.64 22.58 -6.59
CA GLY F 177 4.81 22.73 -7.79
C GLY F 177 5.13 21.72 -8.87
N SER F 178 6.42 21.48 -9.14
CA SER F 178 6.89 20.51 -10.15
C SER F 178 6.63 19.07 -9.75
N ILE F 179 6.77 18.72 -8.45
CA ILE F 179 6.48 17.36 -7.97
C ILE F 179 4.96 17.12 -8.06
N TYR F 180 4.15 18.09 -7.59
CA TYR F 180 2.68 18.02 -7.62
C TYR F 180 2.17 17.83 -9.06
N THR F 181 2.44 18.81 -9.97
CA THR F 181 2.00 18.80 -11.38
C THR F 181 2.43 17.50 -12.10
N ARG F 182 3.62 16.96 -11.77
CA ARG F 182 4.14 15.71 -12.34
C ARG F 182 3.29 14.51 -11.93
N LEU F 183 2.69 14.56 -10.72
CA LEU F 183 1.86 13.48 -10.19
C LEU F 183 0.38 13.64 -10.50
N TYR F 184 -0.18 14.87 -10.37
CA TYR F 184 -1.62 15.13 -10.47
C TYR F 184 -2.06 16.10 -11.64
N GLY F 185 -1.29 16.12 -12.73
CA GLY F 185 -1.55 16.89 -13.95
C GLY F 185 -1.97 18.36 -13.87
N GLN F 186 -1.87 18.99 -12.67
CA GLN F 186 -2.24 20.40 -12.43
C GLN F 186 -1.49 20.97 -11.25
N SER F 187 -1.29 22.30 -11.23
CA SER F 187 -0.61 23.00 -10.15
C SER F 187 -1.43 22.98 -8.83
N PRO F 188 -0.78 22.90 -7.64
CA PRO F 188 -1.55 22.92 -6.38
C PRO F 188 -2.29 24.26 -6.15
N PRO F 189 -3.50 24.25 -5.54
CA PRO F 189 -4.18 25.53 -5.29
C PRO F 189 -3.62 26.28 -4.07
N ASP F 190 -3.96 27.58 -3.95
CA ASP F 190 -3.55 28.49 -2.85
C ASP F 190 -2.03 28.38 -2.55
N SER F 191 -1.18 28.46 -3.60
CA SER F 191 0.28 28.39 -3.46
C SER F 191 0.84 29.60 -2.72
N HIS F 192 1.94 29.36 -1.98
CA HIS F 192 2.75 30.29 -1.19
C HIS F 192 2.02 30.85 0.06
N THR F 193 1.03 30.09 0.57
CA THR F 193 0.38 30.28 1.87
C THR F 193 0.83 29.03 2.62
N ALA F 194 1.18 29.15 3.91
CA ALA F 194 1.67 28.04 4.71
C ALA F 194 0.75 26.81 4.63
N GLU F 195 -0.59 27.01 4.80
CA GLU F 195 -1.57 25.90 4.76
C GLU F 195 -1.66 25.25 3.38
N GLY F 196 -1.70 26.07 2.32
CA GLY F 196 -1.80 25.56 0.95
C GLY F 196 -0.61 24.71 0.58
N ASP F 197 0.60 25.14 1.00
CA ASP F 197 1.85 24.41 0.79
C ASP F 197 1.87 23.13 1.64
N VAL F 198 1.36 23.19 2.88
CA VAL F 198 1.28 22.01 3.75
C VAL F 198 0.32 20.96 3.14
N LEU F 199 -0.83 21.40 2.59
CA LEU F 199 -1.81 20.49 1.98
C LEU F 199 -1.30 19.90 0.69
N ALA F 200 -0.55 20.71 -0.11
CA ALA F 200 0.06 20.24 -1.37
C ALA F 200 1.09 19.14 -1.01
N LEU F 201 1.91 19.38 0.02
CA LEU F 201 2.91 18.44 0.51
C LEU F 201 2.23 17.14 1.03
N LEU F 202 1.07 17.23 1.69
CA LEU F 202 0.36 16.05 2.15
C LEU F 202 -0.10 15.20 0.97
N SER F 203 -0.62 15.84 -0.09
CA SER F 203 -1.11 15.15 -1.29
C SER F 203 0.01 14.42 -2.00
N ILE F 204 1.24 14.98 -2.00
CA ILE F 204 2.43 14.39 -2.63
C ILE F 204 2.93 13.19 -1.78
N CYS F 205 2.81 13.27 -0.44
CA CYS F 205 3.27 12.19 0.43
C CYS F 205 2.25 11.02 0.49
N GLN F 206 1.03 11.24 -0.02
CA GLN F 206 -0.03 10.23 -0.08
C GLN F 206 -0.02 9.47 -1.43
N TRP F 207 0.89 9.84 -2.37
CA TRP F 207 1.02 9.21 -3.69
C TRP F 207 1.46 7.74 -3.51
N ARG F 208 2.62 7.51 -2.85
CA ARG F 208 3.13 6.19 -2.46
C ARG F 208 3.27 6.26 -0.93
N PRO F 209 2.16 6.14 -0.16
CA PRO F 209 2.24 6.44 1.28
C PRO F 209 3.01 5.42 2.12
N GLN F 210 2.88 4.15 1.80
CA GLN F 210 3.58 3.07 2.50
C GLN F 210 5.08 3.17 2.30
N ALA F 211 5.54 3.43 1.05
CA ALA F 211 6.97 3.61 0.73
C ALA F 211 7.52 4.88 1.40
N LEU F 212 6.76 6.00 1.35
CA LEU F 212 7.16 7.27 1.97
C LEU F 212 7.35 7.09 3.47
N LEU F 213 6.44 6.34 4.12
CA LEU F 213 6.47 6.10 5.56
C LEU F 213 7.64 5.23 5.96
N ARG F 214 7.99 4.23 5.12
CA ARG F 214 9.11 3.33 5.35
C ARG F 214 10.43 4.10 5.39
N TRP F 215 10.61 5.03 4.45
CA TRP F 215 11.80 5.89 4.39
C TRP F 215 11.90 6.77 5.64
N VAL F 216 10.81 7.47 6.01
CA VAL F 216 10.73 8.34 7.19
C VAL F 216 11.22 7.58 8.45
N ASP F 217 10.68 6.37 8.65
CA ASP F 217 10.96 5.48 9.78
C ASP F 217 12.45 5.13 9.88
N ALA F 218 13.13 4.96 8.73
CA ALA F 218 14.56 4.66 8.63
C ALA F 218 15.45 5.91 8.64
N HIS F 219 14.96 7.09 8.21
CA HIS F 219 15.83 8.27 8.07
C HIS F 219 15.48 9.52 8.90
N ALA F 220 14.53 9.41 9.87
CA ALA F 220 14.16 10.56 10.72
C ALA F 220 15.38 11.02 11.51
N ARG F 221 15.55 12.34 11.60
CA ARG F 221 16.66 13.03 12.25
C ARG F 221 16.20 13.65 13.58
N PRO F 222 16.94 13.42 14.70
CA PRO F 222 16.58 14.08 15.96
C PRO F 222 16.58 15.58 15.72
N PHE F 223 15.50 16.29 16.14
CA PHE F 223 15.34 17.72 15.90
C PHE F 223 16.41 18.54 16.65
N GLY F 224 16.99 17.97 17.71
CA GLY F 224 18.08 18.59 18.46
C GLY F 224 19.37 18.73 17.66
N THR F 225 19.50 17.99 16.52
CA THR F 225 20.71 18.09 15.68
C THR F 225 20.62 19.28 14.69
N ILE F 226 19.46 19.99 14.70
CA ILE F 226 19.16 21.17 13.88
C ILE F 226 19.63 22.39 14.68
N ARG F 227 20.62 23.10 14.15
CA ARG F 227 21.13 24.33 14.76
C ARG F 227 20.23 25.51 14.34
N PRO F 228 20.08 26.55 15.20
CA PRO F 228 19.26 27.71 14.79
C PRO F 228 19.84 28.39 13.57
N MET F 229 19.01 29.01 12.70
CA MET F 229 19.48 29.73 11.50
C MET F 229 20.49 30.85 11.84
N TYR F 230 20.28 31.52 12.98
CA TYR F 230 21.10 32.61 13.49
C TYR F 230 20.80 32.73 14.99
N GLY F 231 21.68 33.43 15.70
CA GLY F 231 21.57 33.65 17.14
C GLY F 231 22.53 32.79 17.94
N LEU G 3 -13.88 17.42 41.71
CA LEU G 3 -12.98 16.92 40.69
C LEU G 3 -13.56 15.64 40.01
N PRO G 4 -14.62 15.78 39.16
CA PRO G 4 -15.23 14.58 38.53
C PRO G 4 -14.26 13.78 37.62
N PRO G 5 -14.17 12.44 37.79
CA PRO G 5 -13.25 11.67 36.93
C PRO G 5 -13.83 11.35 35.54
N GLY G 6 -15.15 11.43 35.39
CA GLY G 6 -15.83 11.02 34.16
C GLY G 6 -15.89 9.50 34.02
N PRO G 7 -16.27 8.98 32.84
CA PRO G 7 -16.38 7.53 32.64
C PRO G 7 -15.09 6.75 32.93
N MET G 8 -15.24 5.56 33.53
CA MET G 8 -14.16 4.65 33.84
C MET G 8 -13.64 4.08 32.53
N GLN G 9 -12.32 4.19 32.29
CA GLN G 9 -11.74 3.70 31.03
C GLN G 9 -11.36 2.22 31.11
N THR G 10 -11.06 1.71 32.31
CA THR G 10 -10.70 0.31 32.57
C THR G 10 -11.42 -0.22 33.78
N LEU G 11 -11.95 -1.44 33.67
CA LEU G 11 -12.57 -2.18 34.79
C LEU G 11 -11.61 -3.31 35.08
N ILE G 12 -11.04 -3.32 36.29
CA ILE G 12 -10.08 -4.33 36.68
C ILE G 12 -10.76 -5.30 37.65
N PHE G 13 -11.20 -6.45 37.13
CA PHE G 13 -11.86 -7.50 37.91
C PHE G 13 -10.82 -8.04 38.86
N PHE G 14 -11.18 -8.08 40.14
CA PHE G 14 -10.24 -8.34 41.23
C PHE G 14 -10.76 -9.35 42.25
N ASP G 15 -9.88 -10.24 42.72
CA ASP G 15 -10.21 -11.24 43.73
C ASP G 15 -8.95 -11.71 44.42
N MET G 16 -9.06 -11.95 45.74
CA MET G 16 -7.95 -12.42 46.57
C MET G 16 -8.37 -13.56 47.46
N GLU G 17 -7.42 -14.42 47.79
CA GLU G 17 -7.51 -15.48 48.79
C GLU G 17 -6.62 -15.00 49.95
N ALA G 18 -6.87 -15.51 51.15
CA ALA G 18 -6.17 -15.11 52.35
C ALA G 18 -6.03 -16.27 53.34
N THR G 19 -5.26 -16.04 54.42
CA THR G 19 -5.03 -17.02 55.50
C THR G 19 -6.31 -17.33 56.28
N GLY G 20 -7.31 -16.47 56.15
CA GLY G 20 -8.58 -16.61 56.84
C GLY G 20 -9.45 -15.39 56.63
N LEU G 21 -10.48 -15.27 57.47
CA LEU G 21 -11.46 -14.20 57.39
C LEU G 21 -11.01 -12.89 58.17
N PRO G 22 -11.62 -11.70 57.90
CA PRO G 22 -11.15 -10.43 58.51
C PRO G 22 -10.86 -10.39 60.03
N PHE G 23 -11.65 -11.07 60.89
CA PHE G 23 -11.50 -11.05 62.36
C PHE G 23 -10.22 -11.77 62.87
N SER G 24 -9.48 -12.39 61.96
CA SER G 24 -8.22 -13.11 62.22
C SER G 24 -6.96 -12.28 61.85
N GLN G 25 -7.16 -11.08 61.25
CA GLN G 25 -6.14 -10.16 60.68
C GLN G 25 -5.42 -10.96 59.58
N PRO G 26 -6.13 -11.34 58.49
CA PRO G 26 -5.51 -12.25 57.52
C PRO G 26 -4.47 -11.60 56.64
N LYS G 27 -3.64 -12.47 56.02
CA LYS G 27 -2.63 -12.06 55.06
C LYS G 27 -2.99 -12.68 53.73
N VAL G 28 -2.77 -11.91 52.65
CA VAL G 28 -3.01 -12.31 51.25
C VAL G 28 -2.25 -13.60 50.91
N THR G 29 -2.93 -14.62 50.33
CA THR G 29 -2.25 -15.86 49.87
C THR G 29 -2.25 -15.96 48.33
N GLU G 30 -3.15 -15.27 47.67
CA GLU G 30 -3.28 -15.30 46.23
C GLU G 30 -4.03 -14.07 45.79
N LEU G 31 -3.72 -13.59 44.60
CA LEU G 31 -4.47 -12.47 44.01
C LEU G 31 -4.59 -12.64 42.48
N CYS G 32 -5.67 -12.07 41.93
CA CYS G 32 -5.89 -12.03 40.49
C CYS G 32 -6.45 -10.68 40.10
N LEU G 33 -5.85 -10.09 39.07
CA LEU G 33 -6.27 -8.84 38.46
C LEU G 33 -6.52 -9.16 36.98
N LEU G 34 -7.69 -8.75 36.47
CA LEU G 34 -8.07 -8.92 35.06
C LEU G 34 -8.60 -7.58 34.58
N ALA G 35 -7.74 -6.84 33.86
CA ALA G 35 -8.07 -5.50 33.37
C ALA G 35 -8.72 -5.61 32.02
N VAL G 36 -9.88 -4.96 31.87
CA VAL G 36 -10.73 -4.94 30.66
C VAL G 36 -11.05 -3.47 30.28
N HIS G 37 -10.76 -3.06 29.02
CA HIS G 37 -11.13 -1.72 28.56
C HIS G 37 -12.65 -1.59 28.49
N ARG G 38 -13.19 -0.38 28.73
CA ARG G 38 -14.63 -0.13 28.73
C ARG G 38 -15.30 -0.45 27.37
N CYS G 39 -14.56 -0.41 26.23
CA CYS G 39 -15.16 -0.67 24.91
C CYS G 39 -15.65 -2.12 24.80
N ALA G 40 -15.08 -3.05 25.61
CA ALA G 40 -15.48 -4.46 25.69
C ALA G 40 -16.87 -4.62 26.34
N LEU G 41 -17.33 -3.58 27.09
CA LEU G 41 -18.65 -3.62 27.75
C LEU G 41 -19.64 -2.59 27.15
N GLU G 42 -19.18 -1.40 26.70
N GLU G 42 -19.18 -1.40 26.70
CA GLU G 42 -20.09 -0.43 26.09
CA GLU G 42 -20.05 -0.40 26.08
C GLU G 42 -20.47 -0.89 24.68
C GLU G 42 -20.46 -0.88 24.68
N SER G 43 -19.51 -1.51 23.96
CA SER G 43 -19.71 -2.03 22.61
C SER G 43 -19.43 -3.57 22.61
N PRO G 44 -20.32 -4.41 23.20
CA PRO G 44 -20.02 -5.86 23.22
C PRO G 44 -20.29 -6.57 21.88
N PRO G 45 -19.54 -7.65 21.53
CA PRO G 45 -19.81 -8.33 20.25
C PRO G 45 -20.89 -9.41 20.36
N THR G 53 -24.50 -19.43 25.56
CA THR G 53 -25.21 -18.86 26.70
C THR G 53 -24.24 -17.99 27.53
N VAL G 54 -23.15 -18.60 28.07
CA VAL G 54 -22.14 -17.88 28.86
C VAL G 54 -21.29 -17.06 27.87
N PRO G 55 -21.16 -15.72 28.07
CA PRO G 55 -20.35 -14.94 27.11
C PRO G 55 -18.89 -15.32 27.15
N PRO G 56 -18.20 -15.27 26.00
CA PRO G 56 -16.75 -15.52 26.04
C PRO G 56 -16.00 -14.27 26.59
N PRO G 57 -14.93 -14.41 27.41
CA PRO G 57 -14.21 -13.19 27.85
C PRO G 57 -13.74 -12.39 26.65
N PRO G 58 -13.58 -11.04 26.73
CA PRO G 58 -13.13 -10.32 25.54
C PRO G 58 -11.77 -10.84 25.05
N ARG G 59 -11.47 -10.70 23.75
CA ARG G 59 -10.18 -11.15 23.17
C ARG G 59 -8.98 -10.41 23.83
N VAL G 60 -9.09 -9.09 23.97
CA VAL G 60 -8.06 -8.21 24.53
C VAL G 60 -8.32 -7.97 26.04
N VAL G 61 -7.50 -8.57 26.91
CA VAL G 61 -7.51 -8.45 28.38
C VAL G 61 -6.04 -8.51 28.84
N ASP G 62 -5.74 -7.93 30.01
CA ASP G 62 -4.46 -8.07 30.70
C ASP G 62 -4.81 -8.87 31.97
N LYS G 63 -4.02 -9.86 32.31
CA LYS G 63 -4.30 -10.70 33.46
C LYS G 63 -3.03 -10.87 34.29
N LEU G 64 -3.17 -10.82 35.60
CA LEU G 64 -2.09 -11.04 36.55
C LEU G 64 -2.66 -11.94 37.65
N SER G 65 -2.06 -13.11 37.83
CA SER G 65 -2.50 -14.07 38.83
C SER G 65 -1.25 -14.53 39.57
N LEU G 66 -1.19 -14.25 40.88
CA LEU G 66 -0.02 -14.51 41.74
C LEU G 66 -0.33 -15.17 43.04
N CYS G 67 0.57 -16.03 43.49
CA CYS G 67 0.52 -16.65 44.82
C CYS G 67 1.51 -15.94 45.76
N VAL G 68 1.14 -15.78 47.02
CA VAL G 68 1.93 -14.96 47.96
C VAL G 68 2.19 -15.75 49.24
N ALA G 69 3.44 -15.71 49.79
CA ALA G 69 3.76 -16.36 51.07
C ALA G 69 3.19 -15.42 52.15
N PRO G 70 2.30 -15.88 53.06
CA PRO G 70 1.66 -14.91 53.99
C PRO G 70 2.40 -14.64 55.33
N GLY G 71 3.49 -15.38 55.62
CA GLY G 71 4.27 -15.18 56.85
C GLY G 71 3.74 -15.90 58.09
N LYS G 72 2.53 -16.43 57.98
CA LYS G 72 1.86 -17.17 59.05
C LYS G 72 0.97 -18.25 58.46
N ALA G 73 0.49 -19.14 59.35
CA ALA G 73 -0.38 -20.26 58.96
C ALA G 73 -1.73 -19.77 58.45
N CYS G 74 -2.29 -20.53 57.48
CA CYS G 74 -3.66 -20.35 56.98
C CYS G 74 -4.48 -21.16 57.96
N SER G 75 -5.73 -20.75 58.20
CA SER G 75 -6.63 -21.52 59.04
C SER G 75 -6.97 -22.85 58.35
N PRO G 76 -7.23 -23.94 59.11
CA PRO G 76 -7.69 -25.19 58.50
C PRO G 76 -8.88 -25.02 57.54
N ALA G 77 -9.80 -24.04 57.80
CA ALA G 77 -10.96 -23.73 56.94
C ALA G 77 -10.55 -23.05 55.65
N ALA G 78 -9.64 -22.07 55.70
CA ALA G 78 -9.13 -21.37 54.53
C ALA G 78 -8.50 -22.37 53.55
N SER G 79 -7.60 -23.24 54.09
CA SER G 79 -6.86 -24.27 53.36
C SER G 79 -7.78 -25.26 52.65
N GLU G 80 -8.80 -25.73 53.38
CA GLU G 80 -9.79 -26.69 52.91
C GLU G 80 -10.62 -26.09 51.77
N ILE G 81 -10.97 -24.79 51.86
CA ILE G 81 -11.80 -24.12 50.86
C ILE G 81 -10.97 -23.66 49.65
N THR G 82 -9.77 -23.07 49.87
CA THR G 82 -8.99 -22.49 48.77
C THR G 82 -7.94 -23.44 48.15
N GLY G 83 -7.61 -24.54 48.82
CA GLY G 83 -6.58 -25.46 48.37
C GLY G 83 -5.16 -24.95 48.64
N LEU G 84 -5.00 -23.83 49.35
CA LEU G 84 -3.68 -23.26 49.63
C LEU G 84 -3.33 -23.35 51.10
N SER G 85 -2.02 -23.50 51.41
CA SER G 85 -1.54 -23.50 52.80
C SER G 85 -0.17 -22.89 52.78
N THR G 86 0.28 -22.34 53.92
CA THR G 86 1.58 -21.69 54.07
C THR G 86 2.71 -22.65 53.70
N ALA G 87 2.56 -23.94 54.08
CA ALA G 87 3.50 -25.04 53.81
C ALA G 87 3.63 -25.31 52.30
N VAL G 88 2.49 -25.44 51.61
CA VAL G 88 2.43 -25.66 50.15
C VAL G 88 3.03 -24.43 49.44
N LEU G 89 2.66 -23.19 49.87
CA LEU G 89 3.21 -21.95 49.28
C LEU G 89 4.73 -21.89 49.44
N ALA G 90 5.28 -22.39 50.58
CA ALA G 90 6.71 -22.47 50.84
C ALA G 90 7.36 -23.52 49.91
N ALA G 91 6.73 -24.69 49.72
CA ALA G 91 7.26 -25.74 48.83
C ALA G 91 7.38 -25.22 47.39
N HIS G 92 6.50 -24.28 46.98
CA HIS G 92 6.55 -23.66 45.66
C HIS G 92 7.41 -22.38 45.63
N GLY G 93 8.16 -22.12 46.71
CA GLY G 93 9.10 -21.02 46.84
C GLY G 93 8.52 -19.62 46.78
N ARG G 94 7.23 -19.47 47.19
CA ARG G 94 6.54 -18.16 47.17
C ARG G 94 7.20 -17.17 48.10
N GLN G 95 7.23 -15.93 47.65
CA GLN G 95 7.76 -14.78 48.37
C GLN G 95 6.61 -14.03 49.01
N CYS G 96 6.90 -13.23 50.03
CA CYS G 96 5.89 -12.47 50.78
C CYS G 96 5.37 -11.24 49.98
N PHE G 97 4.40 -10.48 50.58
CA PHE G 97 3.87 -9.22 50.05
C PHE G 97 4.92 -8.19 50.42
N ASP G 98 5.81 -7.85 49.48
CA ASP G 98 6.93 -6.94 49.73
C ASP G 98 6.91 -5.75 48.73
N ASP G 99 7.93 -4.88 48.76
CA ASP G 99 8.00 -3.72 47.87
C ASP G 99 8.07 -4.16 46.38
N ASN G 100 8.80 -5.25 46.08
CA ASN G 100 8.83 -5.77 44.72
C ASN G 100 7.42 -6.15 44.22
N LEU G 101 6.61 -6.82 45.07
CA LEU G 101 5.24 -7.18 44.71
C LEU G 101 4.37 -5.89 44.47
N ALA G 102 4.48 -4.88 45.36
CA ALA G 102 3.75 -3.60 45.21
C ALA G 102 4.14 -2.89 43.91
N ASN G 103 5.44 -2.88 43.56
CA ASN G 103 5.95 -2.31 42.32
C ASN G 103 5.40 -3.07 41.09
N LEU G 104 5.33 -4.41 41.16
CA LEU G 104 4.75 -5.27 40.12
C LEU G 104 3.27 -4.91 39.90
N LEU G 105 2.49 -4.81 41.00
CA LEU G 105 1.08 -4.42 40.96
C LEU G 105 0.86 -3.03 40.36
N LEU G 106 1.70 -2.05 40.70
CA LEU G 106 1.57 -0.69 40.20
C LEU G 106 1.97 -0.57 38.73
N ALA G 107 3.04 -1.28 38.31
CA ALA G 107 3.49 -1.32 36.92
C ALA G 107 2.38 -1.94 36.03
N PHE G 108 1.63 -2.94 36.56
CA PHE G 108 0.52 -3.60 35.85
C PHE G 108 -0.64 -2.62 35.69
N LEU G 109 -1.03 -1.95 36.78
CA LEU G 109 -2.12 -0.98 36.79
C LEU G 109 -1.81 0.23 35.87
N ARG G 110 -0.55 0.68 35.87
CA ARG G 110 -0.03 1.75 35.01
C ARG G 110 -0.16 1.48 33.48
N ARG G 111 -0.32 0.22 33.06
CA ARG G 111 -0.48 -0.15 31.64
C ARG G 111 -1.94 0.09 31.19
N GLN G 112 -2.81 0.44 32.14
CA GLN G 112 -4.25 0.60 31.90
C GLN G 112 -4.64 2.05 31.78
N PRO G 113 -5.49 2.39 30.78
CA PRO G 113 -5.97 3.79 30.68
C PRO G 113 -6.78 4.19 31.91
N GLN G 114 -6.56 5.42 32.34
CA GLN G 114 -7.19 6.04 33.50
C GLN G 114 -8.41 6.87 33.10
N PRO G 115 -9.44 7.00 34.01
CA PRO G 115 -9.56 6.37 35.36
C PRO G 115 -9.70 4.86 35.35
N TRP G 116 -9.06 4.18 36.34
N TRP G 116 -9.07 4.15 36.29
CA TRP G 116 -9.11 2.73 36.57
CA TRP G 116 -9.22 2.68 36.36
C TRP G 116 -10.20 2.48 37.61
C TRP G 116 -10.05 2.36 37.62
N CYS G 117 -10.91 1.33 37.53
CA CYS G 117 -11.86 0.95 38.58
C CYS G 117 -11.69 -0.51 38.95
N LEU G 118 -11.32 -0.80 40.21
CA LEU G 118 -11.25 -2.18 40.74
C LEU G 118 -12.70 -2.64 40.94
N VAL G 119 -13.01 -3.89 40.54
CA VAL G 119 -14.36 -4.49 40.65
C VAL G 119 -14.19 -5.83 41.36
N ALA G 120 -14.76 -5.96 42.56
CA ALA G 120 -14.63 -7.20 43.33
C ALA G 120 -15.93 -7.55 43.99
N HIS G 121 -16.28 -8.83 44.05
CA HIS G 121 -17.51 -9.31 44.69
C HIS G 121 -17.37 -9.23 46.19
N ASN G 122 -18.19 -8.38 46.87
CA ASN G 122 -18.09 -8.20 48.33
C ASN G 122 -16.73 -7.57 48.67
N GLY G 123 -16.20 -6.82 47.70
CA GLY G 123 -14.93 -6.14 47.78
C GLY G 123 -14.83 -5.15 48.93
N ASP G 124 -15.92 -4.40 49.25
CA ASP G 124 -15.89 -3.41 50.35
C ASP G 124 -15.56 -4.06 51.72
N ARG G 125 -16.02 -5.31 51.97
CA ARG G 125 -15.80 -6.04 53.22
C ARG G 125 -14.53 -6.89 53.22
N TYR G 126 -14.00 -7.24 52.06
CA TYR G 126 -12.86 -8.17 52.06
C TYR G 126 -11.64 -7.69 51.26
N ASP G 127 -11.70 -7.76 49.93
CA ASP G 127 -10.58 -7.51 49.01
C ASP G 127 -10.01 -6.13 49.07
N PHE G 128 -10.85 -5.08 49.11
CA PHE G 128 -10.40 -3.69 49.12
C PHE G 128 -9.69 -3.33 50.46
N PRO G 129 -10.28 -3.59 51.67
CA PRO G 129 -9.58 -3.19 52.90
C PRO G 129 -8.34 -4.03 53.21
N LEU G 130 -8.27 -5.31 52.75
CA LEU G 130 -7.08 -6.16 52.93
C LEU G 130 -5.99 -5.71 51.98
N LEU G 131 -6.34 -5.30 50.75
CA LEU G 131 -5.35 -4.76 49.82
C LEU G 131 -4.76 -3.47 50.45
N GLN G 132 -5.61 -2.63 51.10
CA GLN G 132 -5.15 -1.41 51.77
C GLN G 132 -4.28 -1.70 52.97
N ALA G 133 -4.59 -2.78 53.72
CA ALA G 133 -3.84 -3.19 54.90
C ALA G 133 -2.42 -3.65 54.50
N GLU G 134 -2.31 -4.39 53.38
CA GLU G 134 -1.02 -4.89 52.85
C GLU G 134 -0.12 -3.75 52.37
N LEU G 135 -0.66 -2.81 51.60
CA LEU G 135 0.09 -1.64 51.15
C LEU G 135 0.50 -0.71 52.33
N ALA G 136 -0.39 -0.52 53.33
CA ALA G 136 -0.08 0.31 54.51
C ALA G 136 1.06 -0.26 55.31
N MET G 137 1.11 -1.60 55.47
CA MET G 137 2.16 -2.32 56.21
C MET G 137 3.53 -2.20 55.57
N LEU G 138 3.57 -1.83 54.27
CA LEU G 138 4.81 -1.57 53.53
C LEU G 138 5.09 -0.06 53.54
N GLY G 139 4.21 0.73 54.17
CA GLY G 139 4.33 2.18 54.25
C GLY G 139 3.95 2.86 52.96
N LEU G 140 3.08 2.22 52.14
CA LEU G 140 2.58 2.72 50.86
C LEU G 140 1.08 3.02 50.95
N THR G 141 0.66 3.72 52.02
CA THR G 141 -0.74 4.05 52.31
C THR G 141 -1.50 4.69 51.13
N SER G 142 -0.87 5.65 50.41
CA SER G 142 -1.52 6.35 49.30
C SER G 142 -1.15 5.81 47.90
N ALA G 143 -0.49 4.62 47.82
CA ALA G 143 -0.02 4.04 46.56
C ALA G 143 -1.09 3.92 45.46
N LEU G 144 -2.33 3.57 45.81
N LEU G 144 -2.38 3.81 45.85
CA LEU G 144 -3.39 3.40 44.83
CA LEU G 144 -3.51 3.65 44.94
C LEU G 144 -4.19 4.70 44.68
C LEU G 144 -4.67 4.65 45.16
N ASP G 145 -3.46 5.82 44.56
N ASP G 145 -4.37 5.89 45.61
CA ASP G 145 -3.99 7.16 44.38
CA ASP G 145 -5.40 6.92 45.84
C ASP G 145 -4.66 7.26 43.03
C ASP G 145 -6.04 7.45 44.53
N GLY G 146 -5.80 7.96 43.01
N GLY G 146 -5.30 7.28 43.42
CA GLY G 146 -6.60 8.18 41.82
CA GLY G 146 -5.73 7.68 42.07
C GLY G 146 -7.34 6.96 41.29
C GLY G 146 -6.30 6.52 41.29
N ALA G 147 -7.18 5.77 41.95
CA ALA G 147 -7.86 4.56 41.49
C ALA G 147 -9.27 4.61 42.06
N PHE G 148 -10.22 3.96 41.38
CA PHE G 148 -11.60 3.89 41.82
C PHE G 148 -11.95 2.46 42.14
N CYS G 149 -13.10 2.22 42.77
CA CYS G 149 -13.51 0.85 43.09
C CYS G 149 -15.03 0.75 43.27
N VAL G 150 -15.58 -0.41 42.93
CA VAL G 150 -16.99 -0.77 43.11
C VAL G 150 -17.06 -2.20 43.63
N ASP G 151 -18.05 -2.45 44.47
CA ASP G 151 -18.41 -3.74 44.99
C ASP G 151 -19.49 -4.21 44.02
N SER G 152 -19.23 -5.31 43.31
CA SER G 152 -20.15 -5.85 42.32
C SER G 152 -21.47 -6.35 42.95
N ILE G 153 -21.47 -6.72 44.26
CA ILE G 153 -22.70 -7.11 44.98
C ILE G 153 -23.70 -5.94 44.91
N THR G 154 -23.23 -4.72 45.21
CA THR G 154 -24.02 -3.47 45.18
C THR G 154 -24.52 -3.21 43.76
N ALA G 155 -23.61 -3.33 42.76
CA ALA G 155 -23.91 -3.11 41.36
C ALA G 155 -25.01 -4.03 40.86
N LEU G 156 -24.90 -5.33 41.13
CA LEU G 156 -25.87 -6.33 40.69
C LEU G 156 -27.22 -6.23 41.40
N LYS G 157 -27.21 -5.80 42.68
CA LYS G 157 -28.47 -5.59 43.42
C LYS G 157 -29.24 -4.44 42.77
N ALA G 158 -28.52 -3.41 42.27
CA ALA G 158 -29.14 -2.26 41.60
C ALA G 158 -29.60 -2.62 40.18
N LEU G 159 -28.83 -3.45 39.46
CA LEU G 159 -29.22 -3.88 38.11
C LEU G 159 -30.44 -4.79 38.12
N GLU G 160 -30.59 -5.62 39.18
CA GLU G 160 -31.72 -6.53 39.35
C GLU G 160 -32.98 -5.77 39.76
N ARG G 161 -32.84 -4.71 40.58
CA ARG G 161 -33.96 -3.89 41.05
C ARG G 161 -34.51 -2.99 39.94
N LYS G 172 -33.25 -14.47 48.21
CA LYS G 172 -32.32 -14.26 47.11
C LYS G 172 -30.89 -14.06 47.64
N SER G 173 -30.00 -15.05 47.37
CA SER G 173 -28.59 -15.02 47.78
C SER G 173 -27.79 -14.24 46.72
N TYR G 174 -26.80 -13.46 47.16
CA TYR G 174 -26.01 -12.69 46.22
C TYR G 174 -24.53 -13.10 46.30
N SER G 175 -24.32 -14.41 46.55
CA SER G 175 -22.99 -15.00 46.53
C SER G 175 -22.61 -15.16 45.04
N LEU G 176 -21.31 -15.27 44.73
CA LEU G 176 -20.86 -15.40 43.34
C LEU G 176 -21.51 -16.60 42.62
N GLY G 177 -21.48 -17.76 43.29
CA GLY G 177 -22.03 -19.01 42.78
C GLY G 177 -23.51 -18.97 42.53
N SER G 178 -24.27 -18.32 43.43
CA SER G 178 -25.71 -18.19 43.32
C SER G 178 -26.13 -17.33 42.15
N ILE G 179 -25.43 -16.18 41.91
CA ILE G 179 -25.72 -15.25 40.81
C ILE G 179 -25.44 -15.92 39.47
N TYR G 180 -24.28 -16.59 39.36
CA TYR G 180 -23.81 -17.33 38.19
C TYR G 180 -24.79 -18.44 37.79
N THR G 181 -25.25 -19.25 38.78
CA THR G 181 -26.21 -20.34 38.57
C THR G 181 -27.59 -19.77 38.19
N ARG G 182 -28.01 -18.64 38.79
CA ARG G 182 -29.29 -17.99 38.49
C ARG G 182 -29.32 -17.44 37.06
N LEU G 183 -28.20 -16.86 36.56
CA LEU G 183 -28.13 -16.30 35.20
C LEU G 183 -27.78 -17.35 34.12
N TYR G 184 -26.79 -18.24 34.39
CA TYR G 184 -26.32 -19.21 33.39
C TYR G 184 -26.71 -20.71 33.64
N GLY G 185 -27.35 -20.99 34.77
CA GLY G 185 -27.79 -22.35 35.12
C GLY G 185 -26.70 -23.40 35.18
N GLN G 186 -25.52 -23.03 35.68
CA GLN G 186 -24.39 -23.94 35.77
C GLN G 186 -23.47 -23.56 36.93
N SER G 187 -22.62 -24.50 37.35
CA SER G 187 -21.65 -24.25 38.40
C SER G 187 -20.38 -23.71 37.75
N PRO G 188 -19.89 -22.51 38.14
CA PRO G 188 -18.66 -21.99 37.53
C PRO G 188 -17.44 -22.87 37.82
N PRO G 189 -16.51 -23.05 36.86
CA PRO G 189 -15.33 -23.88 37.13
C PRO G 189 -14.27 -23.16 37.98
N ASP G 190 -13.34 -23.95 38.57
CA ASP G 190 -12.21 -23.51 39.38
C ASP G 190 -12.65 -22.56 40.52
N SER G 191 -13.74 -22.95 41.20
CA SER G 191 -14.34 -22.22 42.31
C SER G 191 -13.36 -22.10 43.49
N HIS G 192 -13.39 -20.94 44.15
CA HIS G 192 -12.59 -20.54 45.31
C HIS G 192 -11.08 -20.43 44.98
N THR G 193 -10.75 -20.08 43.73
CA THR G 193 -9.37 -19.75 43.30
C THR G 193 -9.53 -18.32 42.81
N ALA G 194 -8.53 -17.44 43.06
CA ALA G 194 -8.59 -16.03 42.72
C ALA G 194 -8.94 -15.81 41.23
N GLU G 195 -8.32 -16.57 40.31
CA GLU G 195 -8.57 -16.45 38.87
C GLU G 195 -9.94 -16.97 38.50
N GLY G 196 -10.34 -18.10 39.07
CA GLY G 196 -11.65 -18.72 38.83
C GLY G 196 -12.78 -17.79 39.26
N ASP G 197 -12.61 -17.10 40.38
CA ASP G 197 -13.63 -16.21 40.90
C ASP G 197 -13.67 -14.89 40.10
N VAL G 198 -12.53 -14.46 39.56
CA VAL G 198 -12.46 -13.27 38.72
C VAL G 198 -13.17 -13.55 37.37
N LEU G 199 -12.97 -14.73 36.78
CA LEU G 199 -13.52 -15.13 35.49
C LEU G 199 -15.02 -15.32 35.59
N ALA G 200 -15.51 -15.89 36.73
CA ALA G 200 -16.94 -16.06 36.99
C ALA G 200 -17.62 -14.68 37.15
N LEU G 201 -16.93 -13.72 37.81
CA LEU G 201 -17.41 -12.35 38.03
C LEU G 201 -17.45 -11.59 36.69
N LEU G 202 -16.43 -11.78 35.83
CA LEU G 202 -16.40 -11.17 34.52
C LEU G 202 -17.62 -11.65 33.69
N SER G 203 -17.92 -12.98 33.72
CA SER G 203 -19.07 -13.58 33.00
C SER G 203 -20.39 -12.97 33.47
N ILE G 204 -20.54 -12.78 34.80
CA ILE G 204 -21.71 -12.17 35.43
C ILE G 204 -21.87 -10.71 34.95
N CYS G 205 -20.79 -9.96 34.91
CA CYS G 205 -20.79 -8.55 34.51
C CYS G 205 -21.03 -8.38 32.98
N GLN G 206 -20.84 -9.44 32.16
CA GLN G 206 -21.11 -9.41 30.70
C GLN G 206 -22.55 -9.80 30.36
N TRP G 207 -23.39 -10.08 31.39
CA TRP G 207 -24.79 -10.45 31.19
C TRP G 207 -25.57 -9.24 30.65
N ARG G 208 -25.53 -8.11 31.38
CA ARG G 208 -26.08 -6.81 30.98
C ARG G 208 -24.88 -5.82 31.06
N PRO G 209 -23.98 -5.84 30.05
CA PRO G 209 -22.74 -5.04 30.12
C PRO G 209 -22.93 -3.53 30.11
N GLN G 210 -23.88 -3.00 29.31
CA GLN G 210 -24.12 -1.57 29.16
C GLN G 210 -24.67 -0.94 30.44
N ALA G 211 -25.58 -1.62 31.15
CA ALA G 211 -26.18 -1.14 32.39
C ALA G 211 -25.16 -1.26 33.51
N LEU G 212 -24.41 -2.38 33.56
CA LEU G 212 -23.33 -2.56 34.54
C LEU G 212 -22.32 -1.42 34.42
N LEU G 213 -21.96 -1.03 33.19
CA LEU G 213 -20.98 0.03 32.93
C LEU G 213 -21.53 1.42 33.31
N ARG G 214 -22.84 1.68 33.10
CA ARG G 214 -23.48 2.96 33.47
C ARG G 214 -23.51 3.11 35.01
N TRP G 215 -23.85 2.02 35.75
CA TRP G 215 -23.88 2.02 37.22
C TRP G 215 -22.46 2.29 37.77
N VAL G 216 -21.44 1.56 37.26
CA VAL G 216 -20.03 1.75 37.66
C VAL G 216 -19.61 3.23 37.43
N ASP G 217 -19.91 3.78 36.23
CA ASP G 217 -19.59 5.16 35.86
C ASP G 217 -20.24 6.20 36.79
N ALA G 218 -21.34 5.83 37.49
CA ALA G 218 -22.01 6.78 38.39
C ALA G 218 -21.76 6.47 39.88
N HIS G 219 -21.31 5.25 40.24
CA HIS G 219 -21.17 4.91 41.64
C HIS G 219 -19.74 4.44 42.06
N ALA G 220 -18.72 4.70 41.23
CA ALA G 220 -17.35 4.33 41.56
C ALA G 220 -16.84 5.28 42.65
N ARG G 221 -16.32 4.71 43.75
CA ARG G 221 -15.83 5.57 44.83
C ARG G 221 -14.31 5.60 44.83
N PRO G 222 -13.69 6.74 45.20
CA PRO G 222 -12.21 6.79 45.21
C PRO G 222 -11.63 5.70 46.14
N PHE G 223 -10.54 5.05 45.71
CA PHE G 223 -9.95 3.98 46.50
C PHE G 223 -9.34 4.47 47.82
N GLY G 224 -8.99 5.76 47.90
CA GLY G 224 -8.47 6.37 49.12
C GLY G 224 -9.49 6.42 50.27
N THR G 225 -10.79 6.19 49.98
CA THR G 225 -11.82 6.22 51.02
C THR G 225 -11.90 4.84 51.72
N ILE G 226 -11.27 3.80 51.13
CA ILE G 226 -11.20 2.46 51.70
C ILE G 226 -10.16 2.45 52.84
N ARG G 227 -10.61 2.28 54.08
CA ARG G 227 -9.76 2.21 55.27
C ARG G 227 -9.06 0.84 55.33
N PRO G 228 -7.79 0.74 55.77
CA PRO G 228 -7.16 -0.60 55.85
C PRO G 228 -7.88 -1.49 56.86
N MET G 229 -7.97 -2.80 56.54
CA MET G 229 -8.62 -3.80 57.41
C MET G 229 -8.07 -3.76 58.86
N TYR G 230 -6.74 -3.61 59.00
CA TYR G 230 -6.03 -3.54 60.26
C TYR G 230 -4.65 -2.87 60.00
N GLY G 231 -3.89 -2.64 61.07
CA GLY G 231 -2.57 -2.01 61.02
N LEU H 3 30.20 -22.70 38.76
CA LEU H 3 29.66 -22.31 37.46
C LEU H 3 28.33 -23.02 37.13
N PRO H 4 28.16 -24.37 37.28
CA PRO H 4 26.85 -24.97 36.95
C PRO H 4 25.71 -24.44 37.82
N PRO H 5 24.53 -24.15 37.22
CA PRO H 5 23.43 -23.59 38.00
C PRO H 5 22.72 -24.61 38.91
N GLY H 6 22.89 -25.90 38.61
CA GLY H 6 22.19 -26.98 39.29
C GLY H 6 20.77 -27.13 38.75
N PRO H 7 19.87 -27.87 39.43
CA PRO H 7 18.50 -28.00 38.90
C PRO H 7 17.73 -26.69 38.85
N MET H 8 17.00 -26.49 37.74
CA MET H 8 16.12 -25.35 37.48
C MET H 8 15.01 -25.37 38.51
N GLN H 9 14.89 -24.30 39.29
CA GLN H 9 13.89 -24.20 40.35
C GLN H 9 12.49 -23.80 39.84
N THR H 10 12.39 -23.05 38.71
CA THR H 10 11.13 -22.60 38.13
C THR H 10 11.17 -22.76 36.62
N LEU H 11 10.08 -23.31 36.01
CA LEU H 11 9.95 -23.36 34.56
C LEU H 11 8.91 -22.29 34.20
N ILE H 12 9.28 -21.37 33.31
CA ILE H 12 8.38 -20.26 32.94
C ILE H 12 7.97 -20.47 31.50
N PHE H 13 6.77 -21.05 31.32
CA PHE H 13 6.14 -21.35 30.04
C PHE H 13 5.81 -20.03 29.38
N PHE H 14 6.26 -19.87 28.14
CA PHE H 14 6.24 -18.59 27.46
C PHE H 14 5.78 -18.70 26.05
N ASP H 15 5.03 -17.68 25.61
CA ASP H 15 4.57 -17.52 24.24
C ASP H 15 4.27 -16.05 23.96
N MET H 16 4.51 -15.62 22.72
CA MET H 16 4.26 -14.27 22.22
C MET H 16 3.64 -14.26 20.83
N GLU H 17 2.79 -13.26 20.56
CA GLU H 17 2.18 -13.00 19.26
C GLU H 17 2.89 -11.71 18.77
N ALA H 18 2.97 -11.50 17.48
CA ALA H 18 3.70 -10.36 16.93
C ALA H 18 2.99 -9.77 15.72
N THR H 19 3.54 -8.72 15.12
CA THR H 19 2.96 -8.05 13.94
C THR H 19 3.10 -8.89 12.63
N GLY H 20 4.03 -9.84 12.64
CA GLY H 20 4.30 -10.70 11.49
C GLY H 20 5.43 -11.65 11.76
N LEU H 21 5.91 -12.33 10.73
CA LEU H 21 7.00 -13.29 10.86
C LEU H 21 8.40 -12.57 10.88
N PRO H 22 9.52 -13.26 11.24
CA PRO H 22 10.83 -12.55 11.31
C PRO H 22 11.27 -11.72 10.10
N PHE H 23 10.99 -12.13 8.85
CA PHE H 23 11.40 -11.32 7.68
C PHE H 23 10.98 -9.82 7.83
N SER H 24 9.81 -9.57 8.42
CA SER H 24 9.22 -8.24 8.55
C SER H 24 9.68 -7.40 9.77
N GLN H 25 10.62 -7.90 10.63
CA GLN H 25 11.13 -7.24 11.86
C GLN H 25 9.93 -6.94 12.75
N PRO H 26 9.28 -8.00 13.23
CA PRO H 26 8.02 -7.80 13.96
C PRO H 26 8.19 -7.21 15.35
N LYS H 27 7.08 -6.70 15.87
CA LYS H 27 6.99 -6.14 17.20
C LYS H 27 5.96 -6.95 17.95
N VAL H 28 6.20 -7.18 19.26
CA VAL H 28 5.32 -7.96 20.17
C VAL H 28 3.96 -7.27 20.28
N THR H 29 2.88 -8.06 20.17
CA THR H 29 1.50 -7.60 20.34
C THR H 29 0.87 -8.30 21.58
N GLU H 30 1.45 -9.43 21.98
CA GLU H 30 0.92 -10.21 23.10
C GLU H 30 1.97 -11.16 23.64
N LEU H 31 2.00 -11.30 24.93
CA LEU H 31 2.91 -12.18 25.64
C LEU H 31 2.18 -12.85 26.81
N CYS H 32 2.64 -14.04 27.18
CA CYS H 32 2.14 -14.75 28.35
C CYS H 32 3.27 -15.49 29.02
N LEU H 33 3.42 -15.32 30.34
CA LEU H 33 4.40 -15.99 31.20
C LEU H 33 3.62 -16.77 32.24
N LEU H 34 3.97 -18.04 32.43
CA LEU H 34 3.34 -18.92 33.41
C LEU H 34 4.45 -19.67 34.17
N ALA H 35 4.74 -19.18 35.37
CA ALA H 35 5.80 -19.66 36.23
C ALA H 35 5.32 -20.85 37.04
N VAL H 36 6.01 -21.99 36.87
CA VAL H 36 5.67 -23.26 37.55
C VAL H 36 6.89 -23.73 38.33
N HIS H 37 6.74 -23.91 39.65
CA HIS H 37 7.85 -24.44 40.46
C HIS H 37 8.12 -25.88 40.04
N ARG H 38 9.40 -26.31 40.05
CA ARG H 38 9.78 -27.68 39.63
C ARG H 38 9.03 -28.78 40.40
N CYS H 39 8.56 -28.52 41.66
CA CYS H 39 7.90 -29.54 42.48
C CYS H 39 6.56 -29.97 41.85
N ALA H 40 5.91 -29.06 41.06
CA ALA H 40 4.68 -29.40 40.33
C ALA H 40 4.96 -30.42 39.19
N LEU H 41 6.24 -30.57 38.76
CA LEU H 41 6.65 -31.54 37.75
C LEU H 41 7.31 -32.77 38.36
N GLU H 42 8.18 -32.60 39.37
CA GLU H 42 8.88 -33.75 39.98
C GLU H 42 7.98 -34.50 40.95
N SER H 43 7.01 -33.81 41.58
CA SER H 43 6.10 -34.46 42.54
C SER H 43 4.63 -34.12 42.22
N PRO H 44 4.07 -34.52 41.05
CA PRO H 44 2.66 -34.18 40.77
C PRO H 44 1.64 -34.96 41.62
N PRO H 45 0.47 -34.35 41.97
CA PRO H 45 -0.51 -35.05 42.80
C PRO H 45 -1.50 -35.86 41.97
N THR H 53 -7.54 -37.66 31.62
CA THR H 53 -7.13 -37.66 30.21
C THR H 53 -6.04 -36.61 30.03
N VAL H 54 -6.38 -35.32 30.20
CA VAL H 54 -5.44 -34.19 30.15
C VAL H 54 -5.13 -33.76 31.61
N PRO H 55 -3.85 -33.81 32.04
CA PRO H 55 -3.51 -33.36 33.41
C PRO H 55 -3.98 -31.94 33.70
N PRO H 56 -4.53 -31.66 34.90
CA PRO H 56 -4.94 -30.27 35.19
C PRO H 56 -3.71 -29.40 35.45
N PRO H 57 -3.77 -28.07 35.22
CA PRO H 57 -2.60 -27.25 35.54
C PRO H 57 -2.36 -27.29 37.07
N PRO H 58 -1.12 -27.04 37.58
CA PRO H 58 -0.94 -27.06 39.05
C PRO H 58 -1.81 -25.98 39.73
N ARG H 59 -2.20 -26.21 41.00
CA ARG H 59 -2.99 -25.26 41.81
C ARG H 59 -2.22 -23.95 42.00
N VAL H 60 -0.92 -24.05 42.35
CA VAL H 60 -0.04 -22.91 42.60
C VAL H 60 0.77 -22.62 41.33
N VAL H 61 0.48 -21.50 40.67
CA VAL H 61 1.17 -20.97 39.48
C VAL H 61 1.14 -19.42 39.56
N ASP H 62 1.99 -18.77 38.79
CA ASP H 62 2.00 -17.33 38.59
C ASP H 62 1.79 -17.14 37.12
N LYS H 63 0.87 -16.28 36.76
CA LYS H 63 0.52 -16.03 35.37
C LYS H 63 0.50 -14.55 35.07
N LEU H 64 1.07 -14.18 33.93
CA LEU H 64 1.07 -12.82 33.43
C LEU H 64 0.76 -12.91 31.95
N SER H 65 -0.35 -12.28 31.56
CA SER H 65 -0.78 -12.26 30.17
C SER H 65 -1.08 -10.80 29.83
N LEU H 66 -0.36 -10.23 28.85
CA LEU H 66 -0.52 -8.84 28.47
C LEU H 66 -0.64 -8.60 26.97
N CYS H 67 -1.44 -7.59 26.58
CA CYS H 67 -1.47 -7.13 25.19
C CYS H 67 -0.57 -5.89 25.09
N VAL H 68 0.10 -5.74 23.94
CA VAL H 68 1.09 -4.68 23.74
C VAL H 68 0.83 -3.92 22.43
N ALA H 69 0.84 -2.58 22.46
CA ALA H 69 0.67 -1.73 21.27
C ALA H 69 1.99 -1.82 20.49
N PRO H 70 1.99 -2.40 19.27
CA PRO H 70 3.28 -2.66 18.58
C PRO H 70 3.97 -1.47 17.92
N GLY H 71 3.25 -0.37 17.64
CA GLY H 71 3.80 0.83 17.00
C GLY H 71 3.76 0.86 15.47
N LYS H 72 3.21 -0.20 14.86
CA LYS H 72 3.03 -0.35 13.41
C LYS H 72 1.95 -1.39 13.14
N ALA H 73 1.45 -1.43 11.88
CA ALA H 73 0.40 -2.36 11.46
C ALA H 73 0.81 -3.82 11.58
N CYS H 74 -0.16 -4.69 11.87
CA CYS H 74 0.01 -6.13 11.85
C CYS H 74 -0.21 -6.50 10.40
N SER H 75 0.46 -7.54 9.92
CA SER H 75 0.18 -8.03 8.57
C SER H 75 -1.28 -8.62 8.57
N PRO H 76 -1.98 -8.68 7.40
CA PRO H 76 -3.31 -9.30 7.37
C PRO H 76 -3.35 -10.72 7.95
N ALA H 77 -2.28 -11.52 7.73
CA ALA H 77 -2.13 -12.91 8.19
C ALA H 77 -2.05 -13.01 9.69
N ALA H 78 -1.22 -12.17 10.30
CA ALA H 78 -1.01 -12.09 11.75
C ALA H 78 -2.31 -11.70 12.45
N SER H 79 -3.07 -10.73 11.86
CA SER H 79 -4.37 -10.33 12.40
C SER H 79 -5.40 -11.46 12.30
N GLU H 80 -5.48 -12.11 11.15
CA GLU H 80 -6.44 -13.20 10.96
C GLU H 80 -6.10 -14.38 11.90
N ILE H 81 -4.82 -14.71 12.05
CA ILE H 81 -4.41 -15.82 12.91
C ILE H 81 -4.59 -15.45 14.40
N THR H 82 -4.02 -14.34 14.87
CA THR H 82 -4.06 -14.03 16.31
C THR H 82 -5.34 -13.36 16.80
N GLY H 83 -6.15 -12.85 15.88
CA GLY H 83 -7.35 -12.09 16.25
C GLY H 83 -7.01 -10.72 16.82
N LEU H 84 -5.77 -10.25 16.64
CA LEU H 84 -5.32 -8.92 17.15
C LEU H 84 -4.96 -7.99 16.02
N SER H 85 -5.17 -6.71 16.20
CA SER H 85 -4.71 -5.74 15.19
C SER H 85 -4.26 -4.49 15.92
N THR H 86 -3.43 -3.67 15.27
CA THR H 86 -2.90 -2.44 15.86
C THR H 86 -4.05 -1.44 16.16
N ALA H 87 -5.08 -1.37 15.30
CA ALA H 87 -6.21 -0.48 15.51
C ALA H 87 -7.09 -0.98 16.67
N VAL H 88 -7.21 -2.32 16.87
CA VAL H 88 -8.01 -2.88 17.97
C VAL H 88 -7.21 -2.77 19.29
N LEU H 89 -5.88 -2.91 19.25
CA LEU H 89 -5.09 -2.74 20.46
C LEU H 89 -5.19 -1.30 20.90
N ALA H 90 -5.25 -0.37 19.92
CA ALA H 90 -5.41 1.06 20.15
C ALA H 90 -6.77 1.37 20.80
N ALA H 91 -7.87 0.71 20.33
CA ALA H 91 -9.22 0.91 20.88
C ALA H 91 -9.28 0.45 22.35
N HIS H 92 -8.42 -0.53 22.73
CA HIS H 92 -8.34 -1.04 24.09
C HIS H 92 -7.28 -0.27 24.94
N GLY H 93 -6.82 0.87 24.43
CA GLY H 93 -5.84 1.75 25.07
C GLY H 93 -4.53 1.06 25.38
N ARG H 94 -4.09 0.07 24.56
CA ARG H 94 -2.83 -0.64 24.90
C ARG H 94 -1.63 0.27 24.74
N GLN H 95 -0.63 0.08 25.63
CA GLN H 95 0.64 0.78 25.68
C GLN H 95 1.71 -0.07 25.01
N CYS H 96 2.80 0.57 24.57
CA CYS H 96 3.89 -0.10 23.85
C CYS H 96 4.87 -0.81 24.80
N PHE H 97 5.89 -1.49 24.23
CA PHE H 97 6.96 -2.17 24.95
C PHE H 97 7.91 -1.09 25.40
N ASP H 98 7.69 -0.57 26.60
CA ASP H 98 8.49 0.51 27.16
C ASP H 98 9.19 0.06 28.45
N ASP H 99 9.87 1.01 29.14
CA ASP H 99 10.56 0.77 30.41
C ASP H 99 9.64 0.20 31.49
N ASN H 100 8.44 0.78 31.66
CA ASN H 100 7.47 0.28 32.63
C ASN H 100 7.14 -1.20 32.39
N LEU H 101 6.94 -1.63 31.12
CA LEU H 101 6.69 -3.03 30.79
C LEU H 101 7.90 -3.89 31.14
N ALA H 102 9.12 -3.42 30.80
CA ALA H 102 10.35 -4.13 31.09
C ALA H 102 10.51 -4.33 32.62
N ASN H 103 10.20 -3.28 33.43
CA ASN H 103 10.25 -3.33 34.91
C ASN H 103 9.19 -4.30 35.47
N LEU H 104 7.99 -4.35 34.84
CA LEU H 104 6.88 -5.22 35.15
C LEU H 104 7.29 -6.72 34.95
N LEU H 105 7.86 -7.06 33.75
CA LEU H 105 8.34 -8.39 33.42
C LEU H 105 9.38 -8.85 34.40
N LEU H 106 10.34 -7.97 34.74
CA LEU H 106 11.43 -8.23 35.67
C LEU H 106 10.97 -8.41 37.12
N ALA H 107 10.00 -7.62 37.59
CA ALA H 107 9.47 -7.74 38.96
C ALA H 107 8.73 -9.09 39.12
N PHE H 108 8.09 -9.54 38.03
CA PHE H 108 7.38 -10.83 37.97
C PHE H 108 8.39 -11.97 38.03
N LEU H 109 9.47 -11.87 37.25
CA LEU H 109 10.51 -12.92 37.18
C LEU H 109 11.23 -12.99 38.52
N ARG H 110 11.46 -11.85 39.17
CA ARG H 110 12.07 -11.71 40.50
C ARG H 110 11.30 -12.49 41.59
N ARG H 111 9.99 -12.70 41.42
CA ARG H 111 9.15 -13.42 42.38
C ARG H 111 9.32 -14.93 42.27
N GLN H 112 10.13 -15.40 41.31
CA GLN H 112 10.35 -16.85 41.08
C GLN H 112 11.70 -17.32 41.58
N PRO H 113 11.77 -18.44 42.32
CA PRO H 113 13.10 -18.94 42.76
C PRO H 113 14.03 -19.25 41.59
N GLN H 114 15.27 -18.89 41.77
CA GLN H 114 16.33 -19.10 40.79
C GLN H 114 17.10 -20.38 41.08
N PRO H 115 17.75 -21.01 40.05
CA PRO H 115 17.74 -20.64 38.63
C PRO H 115 16.39 -20.90 37.97
N TRP H 116 15.94 -19.92 37.15
N TRP H 116 15.92 -19.95 37.15
CA TRP H 116 14.67 -20.00 36.43
CA TRP H 116 14.68 -20.23 36.46
C TRP H 116 14.94 -20.27 34.91
C TRP H 116 14.97 -20.39 34.95
N CYS H 117 14.03 -21.05 34.25
CA CYS H 117 14.17 -21.40 32.84
C CYS H 117 12.91 -21.07 32.03
N LEU H 118 13.06 -20.27 30.97
CA LEU H 118 11.97 -19.93 30.02
C LEU H 118 11.77 -21.12 29.08
N VAL H 119 10.51 -21.54 28.88
CA VAL H 119 10.16 -22.70 28.04
C VAL H 119 9.17 -22.21 26.98
N ALA H 120 9.57 -22.26 25.71
CA ALA H 120 8.74 -21.83 24.57
C ALA H 120 8.85 -22.82 23.41
N HIS H 121 7.73 -23.09 22.72
CA HIS H 121 7.67 -23.98 21.58
C HIS H 121 8.24 -23.23 20.38
N ASN H 122 9.37 -23.69 19.83
CA ASN H 122 10.05 -22.99 18.73
C ASN H 122 10.58 -21.60 19.22
N GLY H 123 10.93 -21.56 20.52
CA GLY H 123 11.48 -20.41 21.22
C GLY H 123 12.78 -19.88 20.66
N ASP H 124 13.69 -20.78 20.22
CA ASP H 124 14.99 -20.35 19.63
C ASP H 124 14.86 -19.51 18.37
N ARG H 125 13.90 -19.79 17.49
CA ARG H 125 13.79 -18.98 16.29
C ARG H 125 12.82 -17.80 16.46
N TYR H 126 11.91 -17.88 17.42
CA TYR H 126 10.88 -16.86 17.44
C TYR H 126 10.89 -16.05 18.72
N ASP H 127 10.23 -16.55 19.78
CA ASP H 127 10.01 -15.90 21.09
C ASP H 127 11.26 -15.41 21.79
N PHE H 128 12.32 -16.25 21.93
CA PHE H 128 13.53 -15.86 22.64
C PHE H 128 14.28 -14.71 21.91
N PRO H 129 14.58 -14.75 20.57
CA PRO H 129 15.28 -13.61 19.94
C PRO H 129 14.45 -12.34 19.84
N LEU H 130 13.10 -12.48 19.76
CA LEU H 130 12.21 -11.31 19.70
C LEU H 130 12.15 -10.60 21.06
N LEU H 131 12.10 -11.34 22.20
CA LEU H 131 12.14 -10.71 23.52
C LEU H 131 13.49 -9.94 23.67
N GLN H 132 14.60 -10.54 23.21
CA GLN H 132 15.93 -9.94 23.21
C GLN H 132 15.95 -8.66 22.37
N ALA H 133 15.32 -8.69 21.17
CA ALA H 133 15.20 -7.52 20.28
C ALA H 133 14.46 -6.38 21.00
N GLU H 134 13.37 -6.69 21.73
CA GLU H 134 12.58 -5.70 22.46
C GLU H 134 13.35 -5.09 23.64
N LEU H 135 14.09 -5.93 24.38
CA LEU H 135 14.87 -5.50 25.54
C LEU H 135 16.06 -4.65 25.10
N ALA H 136 16.76 -5.08 24.01
CA ALA H 136 17.92 -4.39 23.43
C ALA H 136 17.52 -3.00 22.93
N MET H 137 16.32 -2.87 22.31
CA MET H 137 15.83 -1.58 21.81
C MET H 137 15.57 -0.60 22.97
N LEU H 138 15.37 -1.10 24.18
CA LEU H 138 15.19 -0.29 25.40
C LEU H 138 16.53 -0.02 26.12
N GLY H 139 17.62 -0.57 25.57
CA GLY H 139 18.95 -0.48 26.17
C GLY H 139 19.12 -1.42 27.33
N LEU H 140 18.32 -2.51 27.39
CA LEU H 140 18.35 -3.53 28.46
C LEU H 140 18.86 -4.89 27.94
N THR H 141 20.00 -4.86 27.22
CA THR H 141 20.67 -5.98 26.56
C THR H 141 21.10 -7.12 27.54
N SER H 142 21.35 -6.79 28.82
CA SER H 142 21.77 -7.75 29.84
C SER H 142 20.71 -7.98 30.95
N ALA H 143 19.46 -7.53 30.73
CA ALA H 143 18.38 -7.58 31.72
C ALA H 143 18.04 -9.01 32.20
N LEU H 144 18.05 -10.00 31.29
CA LEU H 144 17.72 -11.39 31.62
C LEU H 144 18.96 -12.34 31.56
N ASP H 145 20.19 -11.79 31.72
N ASP H 145 20.11 -11.80 32.05
CA ASP H 145 21.42 -12.58 31.55
CA ASP H 145 21.34 -12.52 32.31
C ASP H 145 21.61 -13.72 32.60
C ASP H 145 21.06 -13.30 33.61
N GLY H 146 20.98 -13.60 33.78
N GLY H 146 21.65 -14.48 33.73
CA GLY H 146 21.03 -14.62 34.83
CA GLY H 146 21.40 -15.36 34.86
C GLY H 146 19.82 -15.53 34.83
C GLY H 146 20.18 -16.23 34.63
N ALA H 147 19.34 -15.86 33.63
CA ALA H 147 18.16 -16.66 33.30
C ALA H 147 18.58 -17.72 32.29
N PHE H 148 17.78 -18.78 32.16
CA PHE H 148 17.99 -19.88 31.21
C PHE H 148 16.77 -20.04 30.32
N CYS H 149 16.91 -20.82 29.25
CA CYS H 149 15.82 -21.05 28.32
C CYS H 149 15.98 -22.40 27.63
N VAL H 150 14.86 -23.02 27.29
CA VAL H 150 14.83 -24.27 26.53
C VAL H 150 13.75 -24.11 25.46
N ASP H 151 13.99 -24.74 24.31
CA ASP H 151 13.04 -24.80 23.22
C ASP H 151 12.33 -26.14 23.42
N SER H 152 11.01 -26.09 23.71
CA SER H 152 10.25 -27.31 23.98
C SER H 152 10.15 -28.24 22.72
N ILE H 153 10.44 -27.76 21.49
CA ILE H 153 10.47 -28.64 20.31
C ILE H 153 11.65 -29.62 20.47
N THR H 154 12.85 -29.09 20.83
CA THR H 154 14.11 -29.83 21.08
C THR H 154 13.89 -30.86 22.17
N ALA H 155 13.30 -30.44 23.33
CA ALA H 155 13.02 -31.30 24.49
C ALA H 155 12.07 -32.43 24.16
N LEU H 156 10.93 -32.13 23.51
CA LEU H 156 9.93 -33.14 23.15
C LEU H 156 10.41 -34.05 22.03
N LYS H 157 11.38 -33.61 21.20
CA LYS H 157 11.95 -34.46 20.15
C LYS H 157 12.86 -35.50 20.81
N ALA H 158 13.68 -35.06 21.80
CA ALA H 158 14.59 -35.94 22.55
C ALA H 158 13.81 -36.90 23.46
N LEU H 159 12.60 -36.50 23.89
CA LEU H 159 11.72 -37.31 24.72
C LEU H 159 11.04 -38.43 23.92
N GLU H 160 11.16 -38.39 22.58
CA GLU H 160 10.60 -39.38 21.65
C GLU H 160 11.70 -39.91 20.70
N LYS H 172 6.42 -36.24 10.39
CA LYS H 172 5.92 -36.04 11.75
C LYS H 172 5.98 -34.56 12.16
N SER H 173 4.81 -33.91 12.26
CA SER H 173 4.73 -32.51 12.67
C SER H 173 5.02 -32.38 14.16
N TYR H 174 5.76 -31.34 14.52
CA TYR H 174 6.07 -31.04 15.91
C TYR H 174 5.44 -29.70 16.24
N SER H 175 4.23 -29.51 15.70
CA SER H 175 3.36 -28.37 15.94
C SER H 175 2.77 -28.57 17.33
N LEU H 176 2.50 -27.46 18.04
CA LEU H 176 1.88 -27.49 19.36
C LEU H 176 0.60 -28.35 19.30
N GLY H 177 -0.31 -28.00 18.38
CA GLY H 177 -1.56 -28.71 18.15
C GLY H 177 -1.39 -30.16 17.72
N SER H 178 -0.35 -30.47 16.93
CA SER H 178 -0.08 -31.85 16.48
C SER H 178 0.41 -32.73 17.61
N ILE H 179 1.33 -32.23 18.46
CA ILE H 179 1.87 -32.95 19.60
C ILE H 179 0.72 -33.21 20.59
N TYR H 180 -0.07 -32.16 20.88
CA TYR H 180 -1.22 -32.21 21.78
C TYR H 180 -2.27 -33.25 21.34
N THR H 181 -2.67 -33.26 20.06
CA THR H 181 -3.66 -34.22 19.52
C THR H 181 -3.11 -35.64 19.64
N ARG H 182 -1.82 -35.85 19.30
CA ARG H 182 -1.13 -37.13 19.36
C ARG H 182 -1.08 -37.66 20.81
N LEU H 183 -0.95 -36.77 21.82
CA LEU H 183 -0.90 -37.21 23.24
C LEU H 183 -2.29 -37.31 23.89
N TYR H 184 -3.23 -36.39 23.56
CA TYR H 184 -4.52 -36.29 24.25
C TYR H 184 -5.79 -36.47 23.36
N GLY H 185 -5.64 -37.07 22.17
CA GLY H 185 -6.74 -37.36 21.25
C GLY H 185 -7.73 -36.25 20.93
N GLN H 186 -7.39 -34.98 21.20
CA GLN H 186 -8.26 -33.83 20.92
C GLN H 186 -7.43 -32.57 20.68
N SER H 187 -8.05 -31.51 20.14
CA SER H 187 -7.35 -30.25 19.86
C SER H 187 -7.44 -29.28 21.05
N PRO H 188 -6.40 -28.45 21.31
CA PRO H 188 -6.49 -27.51 22.44
C PRO H 188 -7.43 -26.31 22.20
N PRO H 189 -8.04 -25.75 23.26
CA PRO H 189 -8.93 -24.58 23.04
C PRO H 189 -8.19 -23.23 23.04
N ASP H 190 -8.81 -22.21 22.39
CA ASP H 190 -8.31 -20.82 22.28
C ASP H 190 -6.86 -20.76 21.75
N SER H 191 -6.62 -21.41 20.59
CA SER H 191 -5.30 -21.42 19.96
C SER H 191 -4.95 -20.08 19.33
N HIS H 192 -3.64 -19.83 19.19
CA HIS H 192 -2.98 -18.66 18.64
C HIS H 192 -3.34 -17.36 19.41
N THR H 193 -3.57 -17.50 20.74
CA THR H 193 -3.62 -16.45 21.75
C THR H 193 -2.50 -16.91 22.66
N ALA H 194 -1.65 -15.99 23.10
CA ALA H 194 -0.47 -16.28 23.91
C ALA H 194 -0.79 -17.20 25.09
N GLU H 195 -1.88 -16.90 25.84
CA GLU H 195 -2.23 -17.71 27.02
C GLU H 195 -2.65 -19.11 26.63
N GLY H 196 -3.49 -19.23 25.61
CA GLY H 196 -3.98 -20.53 25.14
C GLY H 196 -2.83 -21.45 24.73
N ASP H 197 -1.80 -20.88 24.06
CA ASP H 197 -0.61 -21.57 23.57
C ASP H 197 0.29 -21.98 24.73
N VAL H 198 0.35 -21.14 25.76
CA VAL H 198 1.12 -21.42 26.98
C VAL H 198 0.47 -22.58 27.76
N LEU H 199 -0.86 -22.53 27.94
CA LEU H 199 -1.61 -23.54 28.66
C LEU H 199 -1.56 -24.90 27.95
N ALA H 200 -1.53 -24.92 26.58
CA ALA H 200 -1.45 -26.19 25.81
C ALA H 200 -0.04 -26.80 25.94
N LEU H 201 1.00 -25.93 25.96
CA LEU H 201 2.42 -26.26 26.14
C LEU H 201 2.61 -26.87 27.52
N LEU H 202 2.03 -26.24 28.57
CA LEU H 202 2.11 -26.77 29.93
C LEU H 202 1.50 -28.20 30.00
N SER H 203 0.31 -28.41 29.38
CA SER H 203 -0.36 -29.73 29.33
C SER H 203 0.53 -30.80 28.70
N ILE H 204 1.26 -30.45 27.64
CA ILE H 204 2.16 -31.34 26.91
C ILE H 204 3.41 -31.67 27.76
N CYS H 205 3.93 -30.67 28.49
CA CYS H 205 5.12 -30.85 29.31
C CYS H 205 4.80 -31.60 30.62
N GLN H 206 3.51 -31.74 30.95
CA GLN H 206 3.00 -32.46 32.10
C GLN H 206 2.71 -33.94 31.79
N TRP H 207 2.87 -34.35 30.50
CA TRP H 207 2.63 -35.71 29.99
C TRP H 207 3.58 -36.71 30.67
N ARG H 208 4.90 -36.44 30.60
CA ARG H 208 5.96 -37.20 31.28
C ARG H 208 6.73 -36.09 32.00
N PRO H 209 6.24 -35.62 33.18
CA PRO H 209 6.84 -34.40 33.79
C PRO H 209 8.26 -34.57 34.32
N GLN H 210 8.58 -35.71 34.97
CA GLN H 210 9.91 -36.00 35.52
C GLN H 210 10.97 -36.10 34.44
N ALA H 211 10.63 -36.74 33.31
CA ALA H 211 11.56 -36.88 32.17
C ALA H 211 11.75 -35.52 31.49
N LEU H 212 10.68 -34.70 31.38
CA LEU H 212 10.77 -33.35 30.81
C LEU H 212 11.71 -32.48 31.67
N LEU H 213 11.52 -32.54 33.01
CA LEU H 213 12.30 -31.81 34.00
C LEU H 213 13.79 -32.21 33.97
N ARG H 214 14.10 -33.53 33.85
CA ARG H 214 15.47 -34.05 33.74
C ARG H 214 16.17 -33.55 32.47
N TRP H 215 15.42 -33.49 31.36
CA TRP H 215 16.01 -33.01 30.12
C TRP H 215 16.40 -31.54 30.28
N VAL H 216 15.43 -30.70 30.70
CA VAL H 216 15.58 -29.25 30.97
C VAL H 216 16.81 -28.98 31.86
N ASP H 217 16.95 -29.68 33.01
CA ASP H 217 18.08 -29.51 33.94
C ASP H 217 19.43 -29.76 33.25
N ALA H 218 19.47 -30.71 32.31
CA ALA H 218 20.69 -31.08 31.58
C ALA H 218 20.99 -30.16 30.41
N HIS H 219 19.97 -29.57 29.77
CA HIS H 219 20.18 -28.80 28.55
C HIS H 219 19.72 -27.32 28.59
N ALA H 220 19.38 -26.76 29.79
CA ALA H 220 19.00 -25.34 29.90
C ALA H 220 20.16 -24.44 29.42
N ARG H 221 19.90 -23.49 28.51
CA ARG H 221 21.01 -22.65 28.04
C ARG H 221 20.89 -21.22 28.57
N PRO H 222 22.02 -20.54 28.88
CA PRO H 222 21.93 -19.15 29.38
C PRO H 222 21.26 -18.25 28.36
N PHE H 223 20.29 -17.44 28.82
CA PHE H 223 19.51 -16.53 27.98
C PHE H 223 20.39 -15.53 27.22
N GLY H 224 21.50 -15.12 27.83
CA GLY H 224 22.49 -14.22 27.24
C GLY H 224 23.07 -14.72 25.93
N THR H 225 23.08 -16.06 25.69
CA THR H 225 23.57 -16.62 24.42
C THR H 225 22.56 -16.41 23.26
N ILE H 226 21.29 -16.01 23.58
CA ILE H 226 20.26 -15.70 22.59
C ILE H 226 20.54 -14.30 22.00
N ARG H 227 20.85 -14.26 20.70
CA ARG H 227 21.09 -13.01 19.99
C ARG H 227 19.76 -12.27 19.70
N PRO H 228 19.72 -10.92 19.61
CA PRO H 228 18.43 -10.28 19.25
C PRO H 228 18.04 -10.63 17.82
N MET H 229 16.73 -10.68 17.51
CA MET H 229 16.20 -10.97 16.16
C MET H 229 16.76 -9.95 15.14
N TYR H 230 16.86 -8.69 15.59
CA TYR H 230 17.37 -7.54 14.83
C TYR H 230 17.71 -6.44 15.84
N GLY H 231 18.23 -5.32 15.35
N LEU I 3 12.02 66.71 -28.73
CA LEU I 3 11.09 66.06 -29.64
C LEU I 3 10.71 64.62 -29.15
N PRO I 4 9.42 64.20 -29.29
CA PRO I 4 9.02 62.86 -28.79
C PRO I 4 9.66 61.70 -29.56
N PRO I 5 9.78 60.47 -28.96
CA PRO I 5 10.43 59.36 -29.68
C PRO I 5 9.60 58.73 -30.81
N GLY I 6 8.27 58.81 -30.67
CA GLY I 6 7.34 58.19 -31.61
C GLY I 6 7.19 56.71 -31.31
N PRO I 7 6.65 55.90 -32.25
CA PRO I 7 6.45 54.47 -31.95
C PRO I 7 7.77 53.69 -31.84
N MET I 8 7.82 52.78 -30.85
CA MET I 8 8.99 51.93 -30.58
C MET I 8 9.23 51.07 -31.80
N GLN I 9 10.48 50.96 -32.23
CA GLN I 9 10.78 50.20 -33.43
C GLN I 9 11.24 48.79 -33.08
N THR I 10 11.85 48.61 -31.90
CA THR I 10 12.34 47.30 -31.44
C THR I 10 11.94 47.07 -29.98
N LEU I 11 11.35 45.91 -29.73
CA LEU I 11 11.02 45.47 -28.39
C LEU I 11 12.08 44.45 -28.07
N ILE I 12 12.87 44.74 -27.04
CA ILE I 12 13.94 43.83 -26.63
C ILE I 12 13.51 43.14 -25.36
N PHE I 13 13.05 41.87 -25.50
CA PHE I 13 12.63 41.03 -24.36
C PHE I 13 13.89 40.68 -23.56
N PHE I 14 13.83 40.97 -22.25
CA PHE I 14 14.99 40.91 -21.37
C PHE I 14 14.69 40.25 -20.03
N ASP I 15 15.71 39.52 -19.52
CA ASP I 15 15.69 38.82 -18.25
C ASP I 15 17.11 38.55 -17.78
N MET I 16 17.30 38.57 -16.46
CA MET I 16 18.57 38.27 -15.83
C MET I 16 18.39 37.39 -14.60
N GLU I 17 19.41 36.57 -14.33
CA GLU I 17 19.57 35.78 -13.11
C GLU I 17 20.63 36.54 -12.29
N ALA I 18 20.60 36.39 -10.96
CA ALA I 18 21.56 37.07 -10.09
C ALA I 18 21.97 36.15 -8.93
N THR I 19 22.89 36.60 -8.06
CA THR I 19 23.39 35.85 -6.89
C THR I 19 22.36 35.74 -5.74
N GLY I 20 21.33 36.56 -5.76
CA GLY I 20 20.30 36.57 -4.72
C GLY I 20 19.31 37.69 -4.94
N LEU I 21 18.51 37.98 -3.89
CA LEU I 21 17.47 39.01 -3.99
C LEU I 21 18.01 40.43 -3.63
N PRO I 22 17.29 41.54 -4.02
CA PRO I 22 17.82 42.91 -3.82
C PRO I 22 18.49 43.22 -2.47
N PHE I 23 18.00 42.67 -1.33
CA PHE I 23 18.63 42.92 -0.03
C PHE I 23 20.11 42.47 0.02
N SER I 24 20.49 41.44 -0.75
CA SER I 24 21.84 40.91 -0.73
C SER I 24 22.83 41.72 -1.56
N GLN I 25 22.39 42.82 -2.25
CA GLN I 25 23.15 43.63 -3.24
C GLN I 25 23.68 42.67 -4.32
N PRO I 26 22.74 41.99 -5.01
CA PRO I 26 23.13 40.92 -5.94
C PRO I 26 23.97 41.34 -7.14
N LYS I 27 24.66 40.37 -7.75
CA LYS I 27 25.44 40.60 -8.98
C LYS I 27 24.84 39.68 -10.05
N VAL I 28 24.86 40.11 -11.33
CA VAL I 28 24.32 39.35 -12.48
C VAL I 28 25.11 38.06 -12.67
N THR I 29 24.38 36.94 -12.91
CA THR I 29 24.98 35.64 -13.20
C THR I 29 24.65 35.20 -14.64
N GLU I 30 23.54 35.69 -15.21
CA GLU I 30 23.09 35.35 -16.55
C GLU I 30 22.16 36.45 -17.09
N LEU I 31 22.18 36.66 -18.40
CA LEU I 31 21.32 37.63 -19.05
C LEU I 31 20.90 37.14 -20.42
N CYS I 32 19.67 37.47 -20.83
CA CYS I 32 19.19 37.17 -22.17
C CYS I 32 18.46 38.36 -22.71
N LEU I 33 18.76 38.70 -23.96
CA LEU I 33 18.20 39.82 -24.72
C LEU I 33 17.69 39.23 -26.04
N LEU I 34 16.41 39.47 -26.34
CA LEU I 34 15.77 38.97 -27.56
C LEU I 34 15.09 40.13 -28.24
N ALA I 35 15.74 40.64 -29.28
CA ALA I 35 15.27 41.79 -30.04
C ALA I 35 14.32 41.38 -31.15
N VAL I 36 13.13 42.01 -31.15
CA VAL I 36 12.05 41.76 -32.10
C VAL I 36 11.63 43.11 -32.72
N HIS I 37 11.57 43.20 -34.07
CA HIS I 37 11.11 44.39 -34.78
C HIS I 37 9.61 44.49 -34.60
N ARG I 38 9.06 45.73 -34.60
CA ARG I 38 7.63 45.98 -34.35
C ARG I 38 6.74 45.33 -35.43
N CYS I 39 7.22 45.18 -36.70
CA CYS I 39 6.43 44.57 -37.79
C CYS I 39 6.06 43.11 -37.48
N ALA I 40 6.82 42.42 -36.60
CA ALA I 40 6.53 41.04 -36.19
C ALA I 40 5.36 40.98 -35.20
N LEU I 41 4.96 42.13 -34.60
CA LEU I 41 3.85 42.20 -33.65
C LEU I 41 2.68 43.02 -34.22
N GLU I 42 2.96 44.00 -35.10
CA GLU I 42 1.87 44.77 -35.70
C GLU I 42 1.29 44.03 -36.91
N SER I 43 2.13 43.22 -37.59
CA SER I 43 1.72 42.43 -38.77
C SER I 43 2.21 40.97 -38.66
N PRO I 44 1.65 40.15 -37.73
CA PRO I 44 2.13 38.76 -37.62
C PRO I 44 1.51 37.84 -38.70
N PRO I 45 2.33 37.00 -39.38
CA PRO I 45 1.78 36.11 -40.41
C PRO I 45 0.94 34.97 -39.86
N THR I 53 -2.46 27.28 -30.52
CA THR I 53 -2.49 27.40 -29.07
C THR I 53 -1.48 28.46 -28.61
N VAL I 54 -0.16 28.15 -28.70
CA VAL I 54 0.92 29.06 -28.34
C VAL I 54 1.54 29.64 -29.62
N PRO I 55 1.49 30.99 -29.82
CA PRO I 55 2.03 31.59 -31.06
C PRO I 55 3.49 31.27 -31.28
N PRO I 56 3.90 31.01 -32.54
CA PRO I 56 5.31 30.70 -32.78
C PRO I 56 6.18 31.97 -32.66
N PRO I 57 7.44 31.87 -32.18
CA PRO I 57 8.27 33.07 -32.11
C PRO I 57 8.53 33.60 -33.54
N PRO I 58 8.73 34.93 -33.74
CA PRO I 58 9.01 35.42 -35.10
C PRO I 58 10.24 34.72 -35.72
N ARG I 59 10.23 34.54 -37.04
CA ARG I 59 11.32 33.93 -37.79
C ARG I 59 12.59 34.78 -37.67
N VAL I 60 12.41 36.12 -37.78
CA VAL I 60 13.48 37.10 -37.77
C VAL I 60 13.59 37.75 -36.38
N VAL I 61 14.51 37.25 -35.55
CA VAL I 61 14.82 37.80 -34.22
C VAL I 61 16.35 37.84 -34.04
N ASP I 62 16.81 38.66 -33.08
CA ASP I 62 18.22 38.76 -32.70
C ASP I 62 18.25 38.30 -31.24
N LYS I 63 19.17 37.40 -30.90
CA LYS I 63 19.24 36.81 -29.56
C LYS I 63 20.65 36.82 -29.00
N LEU I 64 20.77 37.18 -27.71
CA LEU I 64 22.03 37.16 -26.98
C LEU I 64 21.77 36.61 -25.58
N SER I 65 22.45 35.54 -25.23
CA SER I 65 22.32 34.88 -23.95
C SER I 65 23.73 34.64 -23.41
N LEU I 66 24.05 35.22 -22.23
CA LEU I 66 25.40 35.14 -21.64
C LEU I 66 25.38 34.85 -20.17
N CYS I 67 26.38 34.06 -19.72
CA CYS I 67 26.66 33.80 -18.31
C CYS I 67 27.82 34.73 -17.82
N VAL I 68 27.72 35.20 -16.58
CA VAL I 68 28.61 36.20 -15.99
C VAL I 68 29.15 35.67 -14.67
N ALA I 69 30.47 35.84 -14.46
CA ALA I 69 31.17 35.51 -13.21
C ALA I 69 30.77 36.64 -12.22
N PRO I 70 30.02 36.32 -11.13
CA PRO I 70 29.54 37.41 -10.25
C PRO I 70 30.55 37.98 -9.24
N GLY I 71 31.69 37.33 -9.02
CA GLY I 71 32.67 37.82 -8.05
C GLY I 71 32.36 37.50 -6.59
N LYS I 72 31.21 36.82 -6.33
CA LYS I 72 30.78 36.36 -4.99
C LYS I 72 29.83 35.17 -5.12
N ALA I 73 29.63 34.43 -4.02
CA ALA I 73 28.73 33.28 -3.96
C ALA I 73 27.28 33.63 -4.26
N CYS I 74 26.58 32.69 -4.92
CA CYS I 74 25.14 32.74 -5.15
C CYS I 74 24.57 32.23 -3.84
N SER I 75 23.39 32.71 -3.45
CA SER I 75 22.73 32.19 -2.28
C SER I 75 22.28 30.76 -2.62
N PRO I 76 22.14 29.84 -1.62
CA PRO I 76 21.70 28.47 -1.94
C PRO I 76 20.37 28.45 -2.72
N ALA I 77 19.42 29.33 -2.35
CA ALA I 77 18.13 29.51 -3.02
C ALA I 77 18.32 29.87 -4.48
N ALA I 78 19.18 30.89 -4.78
CA ALA I 78 19.46 31.33 -6.15
C ALA I 78 20.07 30.17 -6.99
N SER I 79 20.98 29.39 -6.41
CA SER I 79 21.58 28.20 -7.07
C SER I 79 20.57 27.09 -7.34
N GLU I 80 19.70 26.82 -6.37
CA GLU I 80 18.70 25.78 -6.54
C GLU I 80 17.68 26.16 -7.64
N ILE I 81 17.30 27.41 -7.68
CA ILE I 81 16.30 27.91 -8.60
C ILE I 81 16.87 28.07 -10.02
N THR I 82 18.03 28.70 -10.16
CA THR I 82 18.58 28.97 -11.49
C THR I 82 19.49 27.88 -12.04
N GLY I 83 19.95 26.95 -11.21
CA GLY I 83 20.89 25.92 -11.63
C GLY I 83 22.31 26.43 -11.86
N LEU I 84 22.60 27.68 -11.43
CA LEU I 84 23.91 28.35 -11.54
C LEU I 84 24.52 28.56 -10.19
N SER I 85 25.84 28.38 -10.12
CA SER I 85 26.66 28.66 -8.94
C SER I 85 27.98 29.31 -9.39
N THR I 86 28.56 30.13 -8.51
CA THR I 86 29.80 30.86 -8.76
C THR I 86 30.95 29.87 -9.12
N ALA I 87 31.03 28.70 -8.43
CA ALA I 87 32.01 27.64 -8.68
C ALA I 87 31.78 26.98 -10.05
N VAL I 88 30.52 26.81 -10.50
CA VAL I 88 30.28 26.18 -11.81
C VAL I 88 30.60 27.21 -12.92
N LEU I 89 30.25 28.49 -12.71
CA LEU I 89 30.60 29.57 -13.65
C LEU I 89 32.12 29.71 -13.80
N ALA I 90 32.89 29.52 -12.69
CA ALA I 90 34.37 29.54 -12.71
C ALA I 90 34.91 28.33 -13.48
N ALA I 91 34.30 27.16 -13.28
CA ALA I 91 34.69 25.92 -13.99
C ALA I 91 34.48 26.06 -15.52
N HIS I 92 33.56 26.93 -15.92
CA HIS I 92 33.20 27.24 -17.30
C HIS I 92 33.95 28.48 -17.82
N GLY I 93 34.89 29.02 -17.02
CA GLY I 93 35.75 30.15 -17.37
C GLY I 93 35.06 31.47 -17.69
N ARG I 94 33.93 31.73 -17.02
CA ARG I 94 33.17 32.97 -17.23
C ARG I 94 33.93 34.17 -16.75
N GLN I 95 33.73 35.30 -17.41
CA GLN I 95 34.33 36.56 -17.04
C GLN I 95 33.31 37.41 -16.33
N CYS I 96 33.78 38.40 -15.56
CA CYS I 96 32.88 39.27 -14.82
C CYS I 96 32.19 40.30 -15.75
N PHE I 97 31.26 41.10 -15.18
CA PHE I 97 30.57 42.18 -15.89
C PHE I 97 31.63 43.27 -16.03
N ASP I 98 32.24 43.38 -17.20
CA ASP I 98 33.35 44.32 -17.45
C ASP I 98 33.09 45.20 -18.68
N ASP I 99 34.02 46.09 -19.03
CA ASP I 99 33.91 47.00 -20.18
C ASP I 99 33.60 46.25 -21.49
N ASN I 100 34.28 45.11 -21.75
CA ASN I 100 34.01 44.30 -22.93
C ASN I 100 32.55 43.79 -22.95
N LEU I 101 31.97 43.42 -21.77
CA LEU I 101 30.57 43.00 -21.74
C LEU I 101 29.64 44.20 -22.06
N ALA I 102 29.91 45.40 -21.49
CA ALA I 102 29.10 46.59 -21.76
C ALA I 102 29.11 46.99 -23.24
N ASN I 103 30.30 46.90 -23.88
CA ASN I 103 30.47 47.20 -25.29
C ASN I 103 29.75 46.18 -26.16
N LEU I 104 29.77 44.90 -25.76
CA LEU I 104 29.06 43.83 -26.45
C LEU I 104 27.53 44.06 -26.42
N LEU I 105 26.97 44.43 -25.26
CA LEU I 105 25.55 44.72 -25.08
C LEU I 105 25.14 45.87 -26.02
N LEU I 106 25.95 46.94 -26.05
CA LEU I 106 25.78 48.13 -26.87
C LEU I 106 25.95 47.86 -28.37
N ALA I 107 26.90 47.00 -28.78
CA ALA I 107 27.10 46.64 -30.21
C ALA I 107 25.87 45.87 -30.70
N PHE I 108 25.27 45.05 -29.80
CA PHE I 108 24.08 44.26 -30.08
C PHE I 108 22.82 45.16 -30.18
N LEU I 109 22.73 46.20 -29.35
CA LEU I 109 21.59 47.10 -29.37
C LEU I 109 21.63 48.03 -30.57
N ARG I 110 22.84 48.40 -31.03
CA ARG I 110 23.08 49.25 -32.19
C ARG I 110 22.65 48.58 -33.52
N ARG I 111 22.49 47.25 -33.51
CA ARG I 111 22.02 46.47 -34.69
C ARG I 111 20.50 46.58 -34.80
N GLN I 112 19.84 47.14 -33.75
CA GLN I 112 18.38 47.27 -33.72
C GLN I 112 17.91 48.67 -34.08
N PRO I 113 16.88 48.82 -34.94
CA PRO I 113 16.34 50.16 -35.20
C PRO I 113 15.80 50.79 -33.91
N GLN I 114 16.06 52.08 -33.76
CA GLN I 114 15.65 52.90 -32.61
C GLN I 114 14.30 53.61 -32.86
N PRO I 115 13.52 53.95 -31.81
CA PRO I 115 13.80 53.74 -30.37
C PRO I 115 13.69 52.29 -29.94
N TRP I 116 14.60 51.87 -29.03
CA TRP I 116 14.63 50.53 -28.44
C TRP I 116 13.79 50.57 -27.18
N CYS I 117 13.00 49.51 -26.95
CA CYS I 117 12.27 49.39 -25.71
C CYS I 117 12.54 48.04 -25.06
N LEU I 118 13.22 48.05 -23.90
CA LEU I 118 13.49 46.86 -23.09
C LEU I 118 12.19 46.39 -22.40
N VAL I 119 11.84 45.11 -22.55
CA VAL I 119 10.64 44.55 -21.92
C VAL I 119 11.05 43.47 -20.94
N ALA I 120 10.76 43.65 -19.65
CA ALA I 120 11.10 42.67 -18.62
C ALA I 120 9.96 42.53 -17.63
N HIS I 121 9.71 41.28 -17.17
CA HIS I 121 8.64 40.99 -16.21
C HIS I 121 9.16 41.35 -14.82
N ASN I 122 8.49 42.33 -14.14
CA ASN I 122 8.93 42.84 -12.83
C ASN I 122 10.30 43.53 -13.00
N GLY I 123 10.49 44.15 -14.16
CA GLY I 123 11.72 44.84 -14.56
C GLY I 123 12.06 46.01 -13.66
N ASP I 124 11.06 46.86 -13.33
CA ASP I 124 11.16 48.07 -12.51
C ASP I 124 11.86 47.86 -11.17
N ARG I 125 11.55 46.76 -10.47
CA ARG I 125 12.17 46.48 -9.19
C ARG I 125 13.38 45.57 -9.32
N TYR I 126 13.46 44.76 -10.41
CA TYR I 126 14.54 43.78 -10.47
C TYR I 126 15.59 43.99 -11.60
N ASP I 127 15.34 43.54 -12.85
CA ASP I 127 16.26 43.55 -14.00
C ASP I 127 16.83 44.94 -14.36
N PHE I 128 15.97 45.99 -14.47
CA PHE I 128 16.40 47.34 -14.86
C PHE I 128 17.30 48.02 -13.78
N PRO I 129 16.95 48.10 -12.45
CA PRO I 129 17.88 48.73 -11.50
C PRO I 129 19.17 47.95 -11.32
N LEU I 130 19.15 46.60 -11.47
CA LEU I 130 20.37 45.81 -11.35
C LEU I 130 21.29 46.04 -12.57
N LEU I 131 20.74 46.16 -13.80
CA LEU I 131 21.55 46.47 -14.99
C LEU I 131 22.17 47.85 -14.82
N GLN I 132 21.39 48.81 -14.26
CA GLN I 132 21.88 50.15 -13.99
C GLN I 132 23.00 50.14 -12.95
N ALA I 133 22.87 49.33 -11.89
CA ALA I 133 23.89 49.20 -10.84
C ALA I 133 25.18 48.64 -11.44
N GLU I 134 25.07 47.61 -12.31
CA GLU I 134 26.20 46.99 -12.98
C GLU I 134 26.91 48.01 -13.90
N LEU I 135 26.16 48.77 -14.69
CA LEU I 135 26.70 49.80 -15.57
C LEU I 135 27.31 50.94 -14.77
N ALA I 136 26.70 51.34 -13.64
CA ALA I 136 27.26 52.40 -12.79
C ALA I 136 28.60 51.98 -12.18
N MET I 137 28.71 50.73 -11.70
CA MET I 137 29.94 50.22 -11.08
C MET I 137 31.16 50.27 -12.03
N LEU I 138 30.90 50.26 -13.35
CA LEU I 138 31.93 50.37 -14.39
C LEU I 138 32.24 51.83 -14.74
N GLY I 139 31.40 52.75 -14.26
CA GLY I 139 31.48 54.17 -14.58
C GLY I 139 30.79 54.46 -15.91
N LEU I 140 29.74 53.68 -16.24
CA LEU I 140 28.98 53.79 -17.49
C LEU I 140 27.49 54.10 -17.22
N THR I 141 27.23 55.11 -16.36
CA THR I 141 25.89 55.53 -15.90
C THR I 141 24.96 56.08 -17.03
N SER I 142 25.53 56.42 -18.21
CA SER I 142 24.74 56.97 -19.32
C SER I 142 24.65 56.02 -20.54
N ALA I 143 25.31 54.84 -20.50
CA ALA I 143 25.41 53.88 -21.61
C ALA I 143 24.07 53.53 -22.29
N LEU I 144 23.01 53.29 -21.51
CA LEU I 144 21.73 52.89 -22.09
C LEU I 144 20.66 53.99 -21.97
N ASP I 145 21.08 55.26 -21.74
CA ASP I 145 20.18 56.41 -21.66
C ASP I 145 19.43 56.68 -22.99
N GLY I 146 19.83 55.98 -24.06
CA GLY I 146 19.17 56.07 -25.35
C GLY I 146 17.93 55.20 -25.42
N ALA I 147 17.93 54.08 -24.65
CA ALA I 147 16.84 53.10 -24.57
C ALA I 147 15.63 53.60 -23.75
N PHE I 148 14.49 52.90 -23.93
CA PHE I 148 13.24 53.08 -23.21
C PHE I 148 12.95 51.72 -22.57
N CYS I 149 12.04 51.66 -21.59
CA CYS I 149 11.74 50.39 -20.93
C CYS I 149 10.31 50.35 -20.48
N VAL I 150 9.77 49.13 -20.37
CA VAL I 150 8.43 48.85 -19.87
C VAL I 150 8.49 47.60 -18.97
N ASP I 151 7.69 47.61 -17.89
CA ASP I 151 7.53 46.46 -17.02
C ASP I 151 6.30 45.72 -17.56
N SER I 152 6.45 44.47 -18.04
CA SER I 152 5.33 43.74 -18.65
C SER I 152 4.22 43.41 -17.66
N ILE I 153 4.50 43.39 -16.33
CA ILE I 153 3.44 43.21 -15.33
C ILE I 153 2.45 44.37 -15.53
N THR I 154 2.96 45.63 -15.54
CA THR I 154 2.19 46.85 -15.75
C THR I 154 1.47 46.81 -17.11
N ALA I 155 2.19 46.43 -18.17
CA ALA I 155 1.62 46.32 -19.52
C ALA I 155 0.44 45.33 -19.57
N LEU I 156 0.59 44.16 -18.92
CA LEU I 156 -0.44 43.13 -18.94
C LEU I 156 -1.58 43.42 -17.95
N LYS I 157 -1.30 44.13 -16.83
CA LYS I 157 -2.36 44.55 -15.87
C LYS I 157 -3.28 45.54 -16.58
N ALA I 158 -2.70 46.38 -17.45
CA ALA I 158 -3.42 47.37 -18.24
C ALA I 158 -4.27 46.68 -19.31
N LEU I 159 -3.67 45.74 -20.06
CA LEU I 159 -4.32 44.97 -21.13
C LEU I 159 -5.50 44.13 -20.62
N GLU I 160 -5.35 43.52 -19.41
CA GLU I 160 -6.38 42.69 -18.77
C GLU I 160 -7.59 43.54 -18.33
N ARG I 161 -7.35 44.75 -17.78
CA ARG I 161 -8.40 45.67 -17.31
C ARG I 161 -9.17 46.29 -18.48
N LYS I 172 -5.15 37.29 -7.37
CA LYS I 172 -4.77 37.16 -8.78
C LYS I 172 -3.28 37.46 -8.97
N SER I 173 -2.48 36.39 -9.20
CA SER I 173 -1.04 36.46 -9.42
C SER I 173 -0.74 36.98 -10.82
N TYR I 174 0.17 37.96 -10.91
CA TYR I 174 0.58 38.50 -12.21
C TYR I 174 2.04 38.05 -12.48
N SER I 175 2.34 36.78 -12.12
CA SER I 175 3.65 36.14 -12.33
C SER I 175 3.70 35.50 -13.72
N LEU I 176 4.91 35.37 -14.29
CA LEU I 176 5.12 34.80 -15.63
C LEU I 176 4.42 33.46 -15.79
N GLY I 177 4.59 32.56 -14.81
CA GLY I 177 3.95 31.25 -14.80
C GLY I 177 2.42 31.30 -14.78
N SER I 178 1.84 32.22 -13.95
CA SER I 178 0.39 32.39 -13.81
C SER I 178 -0.27 33.00 -15.04
N ILE I 179 0.32 34.07 -15.62
CA ILE I 179 -0.21 34.74 -16.82
C ILE I 179 -0.22 33.75 -18.00
N TYR I 180 0.87 32.96 -18.16
CA TYR I 180 1.05 31.95 -19.20
C TYR I 180 -0.04 30.86 -19.16
N THR I 181 -0.30 30.28 -17.95
CA THR I 181 -1.32 29.24 -17.74
C THR I 181 -2.72 29.78 -18.03
N ARG I 182 -3.00 31.02 -17.59
CA ARG I 182 -4.28 31.73 -17.78
C ARG I 182 -4.58 31.97 -19.28
N LEU I 183 -3.53 32.02 -20.14
CA LEU I 183 -3.67 32.27 -21.58
C LEU I 183 -3.50 31.03 -22.48
N TYR I 184 -2.59 30.10 -22.12
CA TYR I 184 -2.22 28.96 -22.97
C TYR I 184 -2.43 27.57 -22.33
N GLY I 185 -3.32 27.50 -21.33
CA GLY I 185 -3.69 26.28 -20.60
C GLY I 185 -2.60 25.26 -20.29
N GLN I 186 -1.34 25.71 -20.16
CA GLN I 186 -0.18 24.86 -19.86
C GLN I 186 0.92 25.64 -19.16
N SER I 187 1.96 24.95 -18.69
CA SER I 187 3.11 25.53 -18.01
C SER I 187 4.27 25.75 -19.01
N PRO I 188 5.06 26.83 -18.89
CA PRO I 188 6.16 27.03 -19.85
C PRO I 188 7.43 26.22 -19.53
N PRO I 189 8.17 25.74 -20.55
CA PRO I 189 9.41 25.00 -20.26
C PRO I 189 10.63 25.93 -20.07
N ASP I 190 11.75 25.37 -19.55
CA ASP I 190 13.02 26.05 -19.25
C ASP I 190 12.78 27.19 -18.23
N SER I 191 12.16 26.82 -17.09
CA SER I 191 11.88 27.77 -16.02
C SER I 191 13.16 28.17 -15.29
N HIS I 192 13.26 29.48 -15.03
CA HIS I 192 14.35 30.17 -14.34
C HIS I 192 15.74 29.95 -15.00
N THR I 193 15.79 30.09 -16.33
CA THR I 193 16.98 30.23 -17.17
C THR I 193 16.62 31.53 -17.90
N ALA I 194 17.58 32.49 -17.98
CA ALA I 194 17.31 33.80 -18.59
C ALA I 194 16.62 33.67 -19.97
N GLU I 195 17.07 32.76 -20.84
CA GLU I 195 16.45 32.54 -22.17
C GLU I 195 15.03 31.98 -22.09
N GLY I 196 14.83 30.96 -21.27
CA GLY I 196 13.52 30.34 -21.10
C GLY I 196 12.47 31.32 -20.64
N ASP I 197 12.87 32.22 -19.73
CA ASP I 197 12.00 33.25 -19.18
C ASP I 197 11.71 34.33 -20.23
N VAL I 198 12.65 34.59 -21.17
CA VAL I 198 12.52 35.57 -22.26
C VAL I 198 11.56 35.02 -23.32
N LEU I 199 11.72 33.74 -23.68
CA LEU I 199 10.83 33.05 -24.64
C LEU I 199 9.43 32.90 -24.08
N ALA I 200 9.28 32.74 -22.75
CA ALA I 200 7.96 32.64 -22.12
C ALA I 200 7.26 34.00 -22.14
N LEU I 201 8.02 35.09 -21.87
CA LEU I 201 7.54 36.48 -21.89
C LEU I 201 7.12 36.91 -23.33
N LEU I 202 7.91 36.52 -24.36
CA LEU I 202 7.62 36.83 -25.75
C LEU I 202 6.25 36.23 -26.15
N SER I 203 5.98 34.95 -25.81
CA SER I 203 4.71 34.25 -26.07
C SER I 203 3.51 34.97 -25.44
N ILE I 204 3.68 35.42 -24.18
CA ILE I 204 2.66 36.14 -23.42
C ILE I 204 2.35 37.49 -24.08
N CYS I 205 3.38 38.17 -24.64
CA CYS I 205 3.27 39.48 -25.31
C CYS I 205 2.73 39.33 -26.75
N GLN I 206 2.74 38.09 -27.28
CA GLN I 206 2.25 37.73 -28.61
C GLN I 206 0.75 37.39 -28.59
N TRP I 207 0.14 37.37 -27.38
CA TRP I 207 -1.27 37.09 -27.14
C TRP I 207 -2.14 38.16 -27.83
N ARG I 208 -1.96 39.44 -27.48
CA ARG I 208 -2.66 40.59 -28.07
C ARG I 208 -1.55 41.56 -28.53
N PRO I 209 -0.83 41.25 -29.65
CA PRO I 209 0.36 42.05 -30.00
C PRO I 209 0.11 43.51 -30.37
N GLN I 210 -0.94 43.81 -31.16
CA GLN I 210 -1.28 45.18 -31.59
C GLN I 210 -1.66 46.09 -30.40
N ALA I 211 -2.34 45.51 -29.39
CA ALA I 211 -2.72 46.25 -28.19
C ALA I 211 -1.49 46.43 -27.27
N LEU I 212 -0.62 45.40 -27.20
CA LEU I 212 0.64 45.45 -26.43
C LEU I 212 1.51 46.59 -27.01
N LEU I 213 1.66 46.62 -28.36
CA LEU I 213 2.41 47.66 -29.08
C LEU I 213 1.87 49.05 -28.80
N ARG I 214 0.52 49.20 -28.79
CA ARG I 214 -0.15 50.47 -28.49
C ARG I 214 0.18 50.97 -27.09
N TRP I 215 0.04 50.11 -26.07
CA TRP I 215 0.33 50.48 -24.68
C TRP I 215 1.80 50.91 -24.51
N VAL I 216 2.73 50.09 -24.99
CA VAL I 216 4.18 50.31 -24.94
C VAL I 216 4.54 51.68 -25.56
N ASP I 217 4.01 52.01 -26.77
CA ASP I 217 4.27 53.26 -27.49
C ASP I 217 3.87 54.49 -26.67
N ALA I 218 2.79 54.37 -25.90
CA ALA I 218 2.21 55.42 -25.05
C ALA I 218 2.79 55.45 -23.64
N HIS I 219 3.36 54.33 -23.14
CA HIS I 219 3.83 54.29 -21.76
C HIS I 219 5.31 53.89 -21.57
N ALA I 220 6.13 53.83 -22.66
CA ALA I 220 7.56 53.52 -22.58
C ALA I 220 8.33 54.62 -21.84
N ARG I 221 9.03 54.23 -20.79
CA ARG I 221 9.78 55.10 -19.87
C ARG I 221 11.25 55.23 -20.29
N PRO I 222 11.85 56.44 -20.31
CA PRO I 222 13.30 56.53 -20.63
C PRO I 222 14.13 55.76 -19.60
N PHE I 223 15.06 54.91 -20.05
CA PHE I 223 15.87 54.07 -19.16
C PHE I 223 16.71 54.89 -18.17
N GLY I 224 17.06 56.13 -18.54
CA GLY I 224 17.82 57.05 -17.69
C GLY I 224 17.12 57.37 -16.37
N THR I 225 15.77 57.20 -16.33
CA THR I 225 14.94 57.46 -15.13
C THR I 225 15.06 56.29 -14.12
N ILE I 226 15.65 55.16 -14.54
CA ILE I 226 15.86 53.99 -13.69
C ILE I 226 17.09 54.25 -12.82
N ARG I 227 16.86 54.29 -11.51
CA ARG I 227 17.94 54.50 -10.55
C ARG I 227 18.63 53.18 -10.33
N PRO I 228 19.98 53.17 -10.18
CA PRO I 228 20.66 51.88 -9.92
C PRO I 228 20.22 51.28 -8.59
N MET I 229 20.10 49.94 -8.50
CA MET I 229 19.72 49.19 -7.30
C MET I 229 20.53 49.59 -6.06
N TYR I 230 21.86 49.71 -6.19
CA TYR I 230 22.78 50.07 -5.10
C TYR I 230 24.00 50.74 -5.71
N LEU J 3 54.84 27.90 -30.89
CA LEU J 3 54.48 27.19 -29.67
C LEU J 3 53.07 26.56 -29.76
N PRO J 4 52.95 25.19 -29.60
CA PRO J 4 51.63 24.53 -29.68
C PRO J 4 50.57 25.13 -28.72
N PRO J 5 49.31 25.19 -29.20
CA PRO J 5 48.25 25.86 -28.43
C PRO J 5 47.79 25.17 -27.15
N GLY J 6 47.97 23.85 -27.07
CA GLY J 6 47.46 23.04 -25.97
C GLY J 6 45.99 22.74 -26.18
N PRO J 7 45.30 22.09 -25.20
CA PRO J 7 43.87 21.76 -25.40
C PRO J 7 42.99 22.99 -25.60
N MET J 8 41.95 22.85 -26.45
CA MET J 8 40.98 23.89 -26.76
C MET J 8 40.10 24.11 -25.54
N GLN J 9 40.06 25.35 -25.02
CA GLN J 9 39.29 25.65 -23.80
C GLN J 9 37.82 25.93 -24.10
N THR J 10 37.53 26.39 -25.33
CA THR J 10 36.17 26.69 -25.75
C THR J 10 35.86 26.11 -27.12
N LEU J 11 34.72 25.44 -27.23
CA LEU J 11 34.23 24.94 -28.51
C LEU J 11 33.07 25.86 -28.88
N ILE J 12 33.19 26.57 -30.01
CA ILE J 12 32.15 27.51 -30.45
C ILE J 12 31.45 26.89 -31.64
N PHE J 13 30.26 26.35 -31.38
CA PHE J 13 29.43 25.72 -32.41
C PHE J 13 28.86 26.85 -33.29
N PHE J 14 29.04 26.70 -34.62
CA PHE J 14 28.75 27.76 -35.57
C PHE J 14 28.01 27.28 -36.82
N ASP J 15 27.09 28.13 -37.32
CA ASP J 15 26.32 27.90 -38.53
C ASP J 15 25.78 29.20 -39.11
N MET J 16 25.76 29.27 -40.44
CA MET J 16 25.27 30.43 -41.17
C MET J 16 24.30 30.10 -42.28
N GLU J 17 23.38 31.04 -42.55
CA GLU J 17 22.48 31.00 -43.69
C GLU J 17 23.05 32.06 -44.65
N ALA J 18 22.77 31.93 -45.95
CA ALA J 18 23.25 32.86 -46.98
C ALA J 18 22.20 33.04 -48.07
N THR J 19 22.45 33.97 -49.02
CA THR J 19 21.56 34.30 -50.14
C THR J 19 21.41 33.15 -51.17
N GLY J 20 22.28 32.17 -51.08
CA GLY J 20 22.33 31.01 -51.96
C GLY J 20 23.54 30.15 -51.68
N LEU J 21 23.87 29.28 -52.63
CA LEU J 21 25.01 28.36 -52.54
C LEU J 21 26.32 29.05 -52.99
N PRO J 22 27.52 28.47 -52.69
CA PRO J 22 28.79 29.14 -53.06
C PRO J 22 28.91 29.62 -54.51
N PHE J 23 28.38 28.85 -55.50
CA PHE J 23 28.44 29.11 -56.95
C PHE J 23 27.99 30.51 -57.36
N SER J 24 27.06 31.09 -56.56
CA SER J 24 26.42 32.38 -56.78
C SER J 24 27.09 33.53 -56.01
N GLN J 25 28.21 33.25 -55.29
CA GLN J 25 28.96 34.20 -54.44
C GLN J 25 27.99 34.79 -53.40
N PRO J 26 27.58 33.98 -52.41
CA PRO J 26 26.54 34.45 -51.49
C PRO J 26 27.00 35.44 -50.44
N LYS J 27 26.01 36.00 -49.76
CA LYS J 27 26.19 36.92 -48.64
C LYS J 27 25.45 36.35 -47.43
N VAL J 28 26.06 36.44 -46.24
CA VAL J 28 25.48 35.99 -44.96
C VAL J 28 24.12 36.67 -44.73
N THR J 29 23.09 35.86 -44.36
CA THR J 29 21.75 36.37 -44.05
C THR J 29 21.45 36.13 -42.58
N GLU J 30 22.09 35.13 -41.97
CA GLU J 30 21.91 34.75 -40.57
C GLU J 30 23.13 34.02 -40.05
N LEU J 31 23.42 34.21 -38.77
CA LEU J 31 24.52 33.50 -38.12
C LEU J 31 24.13 33.15 -36.69
N CYS J 32 24.72 32.07 -36.17
CA CYS J 32 24.59 31.65 -34.77
C CYS J 32 25.90 31.12 -34.26
N LEU J 33 26.30 31.58 -33.06
CA LEU J 33 27.50 31.18 -32.32
C LEU J 33 27.03 30.68 -30.96
N LEU J 34 27.47 29.47 -30.57
CA LEU J 34 27.16 28.82 -29.29
C LEU J 34 28.46 28.35 -28.65
N ALA J 35 28.97 29.12 -27.68
CA ALA J 35 30.21 28.79 -27.00
C ALA J 35 29.96 27.90 -25.78
N VAL J 36 30.72 26.78 -25.74
CA VAL J 36 30.65 25.75 -24.69
C VAL J 36 32.06 25.50 -24.17
N HIS J 37 32.24 25.58 -22.84
CA HIS J 37 33.54 25.32 -22.25
C HIS J 37 33.86 23.82 -22.36
N ARG J 38 35.15 23.47 -22.51
CA ARG J 38 35.58 22.07 -22.66
C ARG J 38 35.10 21.16 -21.49
N CYS J 39 34.98 21.71 -20.26
CA CYS J 39 34.54 20.92 -19.10
C CYS J 39 33.16 20.28 -19.33
N ALA J 40 32.30 20.92 -20.17
CA ALA J 40 30.96 20.41 -20.55
C ALA J 40 31.05 19.16 -21.41
N LEU J 41 32.17 18.94 -22.12
CA LEU J 41 32.40 17.75 -22.92
C LEU J 41 33.32 16.74 -22.24
N GLU J 42 34.33 17.18 -21.46
CA GLU J 42 35.24 16.23 -20.81
C GLU J 42 34.65 15.70 -19.52
N SER J 43 33.84 16.51 -18.83
CA SER J 43 33.20 16.12 -17.58
C SER J 43 31.66 16.36 -17.64
N PRO J 44 30.89 15.60 -18.48
CA PRO J 44 29.43 15.81 -18.53
C PRO J 44 28.72 15.38 -17.23
N PRO J 45 27.55 15.98 -16.88
CA PRO J 45 26.91 15.61 -15.61
C PRO J 45 25.87 14.50 -15.74
N THR J 53 17.08 10.19 -24.16
CA THR J 53 17.94 9.66 -25.23
C THR J 53 18.83 10.82 -25.80
N VAL J 54 18.26 11.99 -26.14
CA VAL J 54 19.02 13.15 -26.63
C VAL J 54 19.66 13.84 -25.40
N PRO J 55 20.98 14.13 -25.35
CA PRO J 55 21.54 14.76 -24.14
C PRO J 55 21.06 16.20 -24.03
N PRO J 56 20.74 16.68 -22.81
CA PRO J 56 20.35 18.09 -22.68
C PRO J 56 21.54 18.99 -23.00
N PRO J 57 21.31 20.21 -23.54
CA PRO J 57 22.45 21.11 -23.77
C PRO J 57 23.08 21.45 -22.41
N PRO J 58 24.38 21.80 -22.35
CA PRO J 58 24.95 22.21 -21.05
C PRO J 58 24.19 23.43 -20.51
N ARG J 59 23.99 23.50 -19.17
CA ARG J 59 23.34 24.61 -18.52
C ARG J 59 24.11 25.93 -18.78
N VAL J 60 25.45 25.89 -18.75
CA VAL J 60 26.26 27.10 -18.95
C VAL J 60 26.72 27.19 -20.41
N VAL J 61 26.09 28.09 -21.18
CA VAL J 61 26.43 28.35 -22.59
C VAL J 61 26.29 29.85 -22.89
N ASP J 62 26.98 30.31 -23.92
CA ASP J 62 26.90 31.68 -24.40
C ASP J 62 26.35 31.51 -25.79
N LYS J 63 25.28 32.22 -26.11
CA LYS J 63 24.63 32.09 -27.40
C LYS J 63 24.41 33.47 -28.00
N LEU J 64 24.72 33.59 -29.30
CA LEU J 64 24.56 34.77 -30.13
C LEU J 64 23.91 34.33 -31.42
N SER J 65 22.77 34.93 -31.77
CA SER J 65 22.07 34.65 -33.02
C SER J 65 21.61 35.97 -33.65
N LEU J 66 22.05 36.21 -34.90
CA LEU J 66 21.78 37.46 -35.61
C LEU J 66 21.38 37.28 -37.05
N CYS J 67 20.44 38.11 -37.51
CA CYS J 67 20.00 38.18 -38.90
C CYS J 67 20.73 39.34 -39.55
N VAL J 68 21.19 39.15 -40.80
CA VAL J 68 22.02 40.09 -41.55
C VAL J 68 21.37 40.45 -42.88
N ALA J 69 21.34 41.76 -43.21
CA ALA J 69 20.84 42.28 -44.48
C ALA J 69 21.98 42.00 -45.49
N PRO J 70 21.73 41.17 -46.52
CA PRO J 70 22.85 40.76 -47.40
C PRO J 70 23.29 41.78 -48.46
N GLY J 71 22.41 42.70 -48.86
CA GLY J 71 22.75 43.67 -49.91
C GLY J 71 22.49 43.21 -51.34
N LYS J 72 22.06 41.95 -51.51
CA LYS J 72 21.70 41.31 -52.78
C LYS J 72 20.45 40.44 -52.56
N ALA J 73 19.82 39.95 -53.64
CA ALA J 73 18.62 39.09 -53.50
C ALA J 73 18.95 37.67 -53.01
N CYS J 74 17.99 37.01 -52.34
CA CYS J 74 18.16 35.59 -51.99
C CYS J 74 17.59 34.81 -53.16
N SER J 75 18.15 33.61 -53.43
CA SER J 75 17.62 32.75 -54.48
C SER J 75 16.23 32.23 -54.05
N PRO J 76 15.29 31.95 -54.98
CA PRO J 76 13.97 31.45 -54.56
C PRO J 76 14.06 30.22 -53.66
N ALA J 77 15.09 29.36 -53.89
CA ALA J 77 15.36 28.14 -53.11
C ALA J 77 15.88 28.44 -51.71
N ALA J 78 16.85 29.40 -51.58
CA ALA J 78 17.42 29.79 -50.30
C ALA J 78 16.33 30.39 -49.42
N SER J 79 15.40 31.16 -50.03
CA SER J 79 14.25 31.79 -49.36
C SER J 79 13.27 30.71 -48.88
N GLU J 80 13.12 29.65 -49.67
CA GLU J 80 12.23 28.52 -49.40
C GLU J 80 12.74 27.69 -48.22
N ILE J 81 14.04 27.34 -48.22
CA ILE J 81 14.64 26.48 -47.21
C ILE J 81 14.86 27.24 -45.87
N THR J 82 15.44 28.46 -45.93
CA THR J 82 15.73 29.24 -44.71
C THR J 82 14.52 30.05 -44.19
N GLY J 83 13.56 30.38 -45.05
CA GLY J 83 12.41 31.19 -44.65
C GLY J 83 12.76 32.67 -44.52
N LEU J 84 13.91 33.10 -45.11
CA LEU J 84 14.39 34.49 -45.09
C LEU J 84 14.46 35.03 -46.51
N SER J 85 14.18 36.34 -46.67
CA SER J 85 14.29 37.02 -47.96
C SER J 85 14.79 38.42 -47.72
N THR J 86 15.57 38.95 -48.66
CA THR J 86 16.13 40.31 -48.62
C THR J 86 15.04 41.35 -48.26
N ALA J 87 13.80 41.19 -48.81
CA ALA J 87 12.68 42.10 -48.54
C ALA J 87 12.16 41.99 -47.08
N VAL J 88 12.17 40.78 -46.51
CA VAL J 88 11.76 40.51 -45.12
C VAL J 88 12.82 41.03 -44.14
N LEU J 89 14.11 40.82 -44.46
CA LEU J 89 15.21 41.31 -43.63
C LEU J 89 15.23 42.84 -43.64
N ALA J 90 14.79 43.46 -44.76
CA ALA J 90 14.71 44.92 -44.89
C ALA J 90 13.53 45.46 -44.09
N ALA J 91 12.38 44.75 -44.13
CA ALA J 91 11.16 45.08 -43.37
C ALA J 91 11.42 45.05 -41.85
N HIS J 92 12.37 44.22 -41.41
CA HIS J 92 12.78 44.09 -40.01
C HIS J 92 13.95 45.04 -39.70
N GLY J 93 14.34 45.85 -40.68
CA GLY J 93 15.42 46.84 -40.56
C GLY J 93 16.80 46.27 -40.25
N ARG J 94 17.12 45.08 -40.79
CA ARG J 94 18.42 44.47 -40.55
C ARG J 94 19.55 45.28 -41.16
N GLN J 95 20.70 45.25 -40.47
CA GLN J 95 21.92 45.91 -40.88
C GLN J 95 22.81 44.90 -41.56
N CYS J 96 23.64 45.37 -42.50
CA CYS J 96 24.56 44.55 -43.27
C CYS J 96 25.75 44.08 -42.42
N PHE J 97 26.58 43.19 -42.97
CA PHE J 97 27.78 42.67 -42.29
C PHE J 97 28.81 43.79 -42.28
N ASP J 98 28.84 44.62 -41.22
CA ASP J 98 29.75 45.77 -41.19
C ASP J 98 30.80 45.66 -40.05
N ASP J 99 31.46 46.81 -39.70
CA ASP J 99 32.49 46.88 -38.66
C ASP J 99 31.93 46.57 -37.29
N ASN J 100 30.77 47.16 -36.95
CA ASN J 100 30.11 46.94 -35.65
C ASN J 100 29.78 45.47 -35.44
N LEU J 101 29.38 44.74 -36.50
CA LEU J 101 29.11 43.31 -36.48
C LEU J 101 30.42 42.58 -36.20
N ALA J 102 31.51 42.95 -36.87
CA ALA J 102 32.81 42.33 -36.65
C ALA J 102 33.28 42.51 -35.22
N ASN J 103 33.10 43.73 -34.67
CA ASN J 103 33.45 44.06 -33.28
C ASN J 103 32.59 43.34 -32.27
N LEU J 104 31.28 43.16 -32.61
CA LEU J 104 30.31 42.46 -31.76
C LEU J 104 30.70 40.95 -31.66
N LEU J 105 31.08 40.34 -32.80
CA LEU J 105 31.51 38.95 -32.87
C LEU J 105 32.80 38.77 -32.02
N LEU J 106 33.77 39.71 -32.15
CA LEU J 106 35.02 39.68 -31.38
C LEU J 106 34.81 39.90 -29.88
N ALA J 107 33.88 40.79 -29.48
CA ALA J 107 33.58 40.98 -28.04
C ALA J 107 32.93 39.70 -27.47
N PHE J 108 32.10 39.02 -28.26
CA PHE J 108 31.47 37.77 -27.85
C PHE J 108 32.54 36.66 -27.69
N LEU J 109 33.47 36.55 -28.66
CA LEU J 109 34.56 35.58 -28.64
C LEU J 109 35.52 35.86 -27.51
N ARG J 110 35.85 37.12 -27.25
CA ARG J 110 36.73 37.54 -26.15
C ARG J 110 36.18 37.20 -24.74
N ARG J 111 34.89 36.83 -24.63
CA ARG J 111 34.27 36.42 -23.35
C ARG J 111 34.62 34.95 -23.09
N GLN J 112 35.21 34.28 -24.09
CA GLN J 112 35.48 32.86 -24.05
C GLN J 112 36.94 32.58 -23.72
N PRO J 113 37.25 31.68 -22.76
CA PRO J 113 38.68 31.37 -22.49
C PRO J 113 39.38 30.73 -23.71
N GLN J 114 40.60 31.16 -24.00
CA GLN J 114 41.37 30.70 -25.16
C GLN J 114 42.25 29.48 -24.85
N PRO J 115 42.60 28.62 -25.85
CA PRO J 115 42.29 28.70 -27.30
C PRO J 115 40.83 28.35 -27.66
N TRP J 116 40.26 29.14 -28.60
CA TRP J 116 38.91 28.96 -29.14
C TRP J 116 38.99 28.04 -30.31
N CYS J 117 37.93 27.23 -30.52
CA CYS J 117 37.80 26.38 -31.68
C CYS J 117 36.36 26.42 -32.21
N LEU J 118 36.17 26.98 -33.43
CA LEU J 118 34.88 27.02 -34.12
C LEU J 118 34.59 25.62 -34.62
N VAL J 119 33.36 25.15 -34.48
CA VAL J 119 32.93 23.83 -34.92
C VAL J 119 31.70 24.04 -35.79
N ALA J 120 31.81 23.70 -37.09
CA ALA J 120 30.72 23.85 -38.04
C ALA J 120 30.62 22.57 -38.87
N HIS J 121 29.38 22.08 -39.10
CA HIS J 121 29.10 20.88 -39.89
C HIS J 121 29.22 21.22 -41.36
N ASN J 122 30.30 20.75 -42.02
CA ASN J 122 30.67 21.06 -43.41
C ASN J 122 31.26 22.49 -43.48
N GLY J 123 31.88 22.92 -42.38
CA GLY J 123 32.46 24.25 -42.23
C GLY J 123 33.45 24.66 -43.30
N ASP J 124 34.39 23.75 -43.62
CA ASP J 124 35.47 23.94 -44.62
C ASP J 124 34.99 24.39 -46.00
N ARG J 125 33.81 23.92 -46.42
CA ARG J 125 33.22 24.20 -47.72
C ARG J 125 32.24 25.37 -47.71
N TYR J 126 31.58 25.62 -46.56
CA TYR J 126 30.58 26.66 -46.50
C TYR J 126 30.88 27.75 -45.45
N ASP J 127 30.51 27.53 -44.18
CA ASP J 127 30.58 28.49 -43.07
C ASP J 127 31.93 29.20 -42.95
N PHE J 128 33.03 28.45 -42.87
CA PHE J 128 34.36 29.03 -42.66
C PHE J 128 34.80 29.92 -43.86
N PRO J 129 34.90 29.48 -45.16
CA PRO J 129 35.35 30.41 -46.22
C PRO J 129 34.43 31.62 -46.45
N LEU J 130 33.12 31.53 -46.12
CA LEU J 130 32.20 32.67 -46.26
C LEU J 130 32.44 33.73 -45.16
N LEU J 131 32.72 33.30 -43.91
CA LEU J 131 33.00 34.20 -42.77
C LEU J 131 34.28 34.96 -43.11
N GLN J 132 35.30 34.25 -43.65
CA GLN J 132 36.58 34.79 -44.10
C GLN J 132 36.37 35.82 -45.22
N ALA J 133 35.45 35.52 -46.16
CA ALA J 133 35.09 36.40 -47.28
C ALA J 133 34.43 37.69 -46.78
N GLU J 134 33.53 37.59 -45.79
CA GLU J 134 32.84 38.76 -45.22
C GLU J 134 33.83 39.64 -44.48
N LEU J 135 34.74 39.01 -43.71
CA LEU J 135 35.78 39.71 -42.94
C LEU J 135 36.83 40.31 -43.86
N ALA J 136 37.06 39.73 -45.06
CA ALA J 136 38.04 40.27 -46.01
C ALA J 136 37.53 41.57 -46.62
N MET J 137 36.24 41.58 -46.97
CA MET J 137 35.51 42.72 -47.57
C MET J 137 35.49 43.93 -46.62
N LEU J 138 35.75 43.69 -45.31
CA LEU J 138 35.84 44.74 -44.29
C LEU J 138 37.31 45.10 -43.96
N GLY J 139 38.25 44.43 -44.62
CA GLY J 139 39.68 44.60 -44.39
C GLY J 139 40.10 44.09 -43.03
N LEU J 140 39.47 42.99 -42.57
CA LEU J 140 39.72 42.39 -41.26
C LEU J 140 40.12 40.93 -41.43
N THR J 141 41.04 40.68 -42.39
CA THR J 141 41.55 39.36 -42.76
C THR J 141 42.27 38.63 -41.60
N SER J 142 43.04 39.37 -40.76
CA SER J 142 43.81 38.84 -39.64
C SER J 142 43.02 38.67 -38.33
N ALA J 143 41.74 39.14 -38.28
CA ALA J 143 40.89 39.19 -37.09
C ALA J 143 40.76 37.86 -36.31
N LEU J 144 40.48 36.73 -37.00
CA LEU J 144 40.28 35.47 -36.29
C LEU J 144 41.45 34.51 -36.48
N ASP J 145 42.66 35.05 -36.77
CA ASP J 145 43.86 34.23 -36.96
C ASP J 145 44.32 33.59 -35.63
N GLY J 146 43.76 34.05 -34.52
CA GLY J 146 44.04 33.51 -33.19
C GLY J 146 43.22 32.25 -32.91
N ALA J 147 42.00 32.19 -33.50
CA ALA J 147 41.04 31.09 -33.39
C ALA J 147 41.46 29.83 -34.19
N PHE J 148 40.81 28.72 -33.87
CA PHE J 148 41.01 27.44 -34.53
C PHE J 148 39.66 26.97 -35.08
N CYS J 149 39.65 25.94 -35.93
CA CYS J 149 38.41 25.45 -36.51
C CYS J 149 38.50 23.96 -36.84
N VAL J 150 37.36 23.28 -36.74
CA VAL J 150 37.20 21.88 -37.09
C VAL J 150 35.89 21.71 -37.86
N ASP J 151 35.93 20.89 -38.90
CA ASP J 151 34.73 20.55 -39.65
C ASP J 151 34.25 19.30 -38.92
N SER J 152 33.04 19.35 -38.34
CA SER J 152 32.51 18.22 -37.57
C SER J 152 32.21 16.99 -38.46
N ILE J 153 32.13 17.15 -39.81
CA ILE J 153 31.97 16.00 -40.71
C ILE J 153 33.25 15.15 -40.63
N THR J 154 34.43 15.82 -40.66
CA THR J 154 35.75 15.18 -40.58
C THR J 154 35.88 14.54 -39.19
N ALA J 155 35.36 15.26 -38.16
CA ALA J 155 35.37 14.83 -36.77
C ALA J 155 34.56 13.55 -36.55
N LEU J 156 33.31 13.52 -37.02
CA LEU J 156 32.40 12.40 -36.84
C LEU J 156 32.79 11.19 -37.69
N LYS J 157 33.37 11.41 -38.90
CA LYS J 157 33.86 10.33 -39.76
C LYS J 157 34.99 9.59 -39.05
N ALA J 158 35.94 10.33 -38.46
CA ALA J 158 37.05 9.75 -37.70
C ALA J 158 36.58 8.97 -36.46
N LEU J 159 35.57 9.50 -35.73
CA LEU J 159 35.01 8.86 -34.53
C LEU J 159 34.36 7.54 -34.84
N GLU J 160 33.48 7.51 -35.86
CA GLU J 160 32.74 6.31 -36.27
C GLU J 160 33.67 5.31 -37.00
N ARG J 161 34.38 5.77 -38.06
CA ARG J 161 35.30 4.96 -38.86
C ARG J 161 36.75 5.24 -38.47
N LYS J 172 26.73 5.03 -45.73
CA LYS J 172 26.45 5.77 -44.49
C LYS J 172 26.58 7.28 -44.76
N SER J 173 25.45 8.04 -44.64
CA SER J 173 25.41 9.48 -44.87
C SER J 173 25.84 10.28 -43.63
N TYR J 174 26.58 11.36 -43.86
CA TYR J 174 27.08 12.21 -42.78
C TYR J 174 26.48 13.63 -42.81
N SER J 175 25.24 13.78 -43.32
CA SER J 175 24.54 15.06 -43.28
C SER J 175 23.96 15.19 -41.87
N LEU J 176 23.81 16.43 -41.35
CA LEU J 176 23.30 16.72 -39.99
C LEU J 176 22.08 15.86 -39.60
N GLY J 177 21.08 15.80 -40.48
CA GLY J 177 19.85 15.03 -40.28
C GLY J 177 20.07 13.54 -40.16
N SER J 178 20.88 12.96 -41.06
CA SER J 178 21.18 11.52 -41.09
C SER J 178 21.89 11.07 -39.81
N ILE J 179 22.97 11.78 -39.39
CA ILE J 179 23.73 11.47 -38.18
C ILE J 179 22.79 11.50 -36.96
N TYR J 180 22.02 12.60 -36.80
CA TYR J 180 21.09 12.80 -35.70
C TYR J 180 20.06 11.65 -35.57
N THR J 181 19.48 11.21 -36.70
CA THR J 181 18.49 10.12 -36.76
C THR J 181 19.16 8.77 -36.43
N ARG J 182 20.39 8.56 -36.94
CA ARG J 182 21.18 7.36 -36.68
C ARG J 182 21.56 7.28 -35.18
N LEU J 183 21.74 8.44 -34.50
CA LEU J 183 22.14 8.48 -33.09
C LEU J 183 20.96 8.51 -32.11
N TYR J 184 19.93 9.33 -32.39
CA TYR J 184 18.81 9.53 -31.46
C TYR J 184 17.45 9.02 -31.99
N GLY J 185 17.47 8.31 -33.11
CA GLY J 185 16.29 7.71 -33.71
C GLY J 185 15.15 8.63 -34.10
N GLN J 186 15.43 9.94 -34.31
CA GLN J 186 14.40 10.91 -34.68
C GLN J 186 14.98 12.11 -35.45
N SER J 187 14.11 12.90 -36.12
CA SER J 187 14.52 14.08 -36.88
C SER J 187 14.66 15.31 -35.96
N PRO J 188 15.70 16.17 -36.14
CA PRO J 188 15.88 17.32 -35.24
C PRO J 188 14.84 18.43 -35.42
N PRO J 189 14.56 19.26 -34.38
CA PRO J 189 13.58 20.34 -34.53
C PRO J 189 14.20 21.66 -35.01
N ASP J 190 13.37 22.75 -35.14
CA ASP J 190 13.72 24.11 -35.57
C ASP J 190 14.66 24.10 -36.81
N SER J 191 14.34 23.21 -37.77
CA SER J 191 15.10 22.94 -39.00
C SER J 191 15.29 24.19 -39.89
N HIS J 192 16.52 24.31 -40.42
CA HIS J 192 17.04 25.33 -41.33
C HIS J 192 16.84 26.79 -40.80
N THR J 193 17.38 27.01 -39.60
CA THR J 193 17.55 28.29 -38.90
C THR J 193 18.94 28.10 -38.31
N ALA J 194 19.84 29.09 -38.48
CA ALA J 194 21.23 29.00 -38.00
C ALA J 194 21.32 28.42 -36.59
N GLU J 195 20.40 28.84 -35.67
CA GLU J 195 20.35 28.35 -34.29
C GLU J 195 19.94 26.87 -34.18
N GLY J 196 18.93 26.46 -34.97
CA GLY J 196 18.43 25.09 -35.02
C GLY J 196 19.50 24.09 -35.42
N ASP J 197 20.32 24.47 -36.41
CA ASP J 197 21.41 23.62 -36.94
C ASP J 197 22.61 23.57 -36.00
N VAL J 198 22.78 24.59 -35.14
CA VAL J 198 23.87 24.65 -34.12
C VAL J 198 23.47 23.75 -32.94
N LEU J 199 22.20 23.85 -32.51
CA LEU J 199 21.68 23.06 -31.41
C LEU J 199 21.64 21.56 -31.75
N ALA J 200 21.36 21.21 -33.02
CA ALA J 200 21.36 19.81 -33.49
C ALA J 200 22.80 19.31 -33.60
N LEU J 201 23.75 20.20 -33.99
CA LEU J 201 25.18 19.89 -34.07
C LEU J 201 25.73 19.63 -32.67
N LEU J 202 25.36 20.47 -31.68
CA LEU J 202 25.80 20.30 -30.29
C LEU J 202 25.36 18.93 -29.76
N SER J 203 24.10 18.54 -30.02
CA SER J 203 23.55 17.26 -29.61
C SER J 203 24.33 16.08 -30.19
N ILE J 204 24.73 16.17 -31.47
CA ILE J 204 25.47 15.10 -32.15
C ILE J 204 26.87 14.97 -31.52
N CYS J 205 27.52 16.11 -31.20
CA CYS J 205 28.86 16.13 -30.60
C CYS J 205 28.84 15.72 -29.12
N GLN J 206 27.65 15.74 -28.48
CA GLN J 206 27.44 15.33 -27.09
C GLN J 206 27.20 13.80 -26.94
N TRP J 207 27.22 13.05 -28.06
CA TRP J 207 27.04 11.59 -28.08
C TRP J 207 28.25 10.90 -27.46
N ARG J 208 29.43 11.14 -28.04
CA ARG J 208 30.70 10.62 -27.52
C ARG J 208 31.51 11.89 -27.26
N PRO J 209 31.29 12.56 -26.10
CA PRO J 209 31.91 13.88 -25.91
C PRO J 209 33.40 13.86 -25.58
N GLN J 210 33.89 12.89 -24.77
CA GLN J 210 35.31 12.79 -24.43
C GLN J 210 36.14 12.46 -25.66
N ALA J 211 35.64 11.56 -26.52
CA ALA J 211 36.34 11.15 -27.75
C ALA J 211 36.34 12.27 -28.80
N LEU J 212 35.22 13.05 -28.89
CA LEU J 212 35.14 14.19 -29.81
C LEU J 212 36.17 15.26 -29.42
N LEU J 213 36.20 15.64 -28.11
CA LEU J 213 37.12 16.62 -27.53
C LEU J 213 38.59 16.22 -27.74
N ARG J 214 38.93 14.92 -27.55
CA ARG J 214 40.28 14.38 -27.78
C ARG J 214 40.71 14.56 -29.24
N TRP J 215 39.79 14.33 -30.20
CA TRP J 215 40.04 14.47 -31.64
C TRP J 215 40.22 15.93 -32.05
N VAL J 216 39.37 16.84 -31.54
CA VAL J 216 39.41 18.28 -31.80
C VAL J 216 40.76 18.86 -31.34
N ASP J 217 41.19 18.51 -30.10
CA ASP J 217 42.46 18.97 -29.51
C ASP J 217 43.66 18.55 -30.36
N ALA J 218 43.52 17.46 -31.15
CA ALA J 218 44.58 16.90 -31.99
C ALA J 218 44.53 17.36 -33.46
N HIS J 219 43.37 17.80 -33.97
CA HIS J 219 43.24 18.13 -35.39
C HIS J 219 42.73 19.54 -35.67
N ALA J 220 42.66 20.42 -34.64
CA ALA J 220 42.20 21.79 -34.79
C ALA J 220 43.17 22.55 -35.69
N ARG J 221 42.65 23.16 -36.77
CA ARG J 221 43.50 23.91 -37.69
C ARG J 221 43.37 25.41 -37.43
N PRO J 222 44.51 26.14 -37.44
CA PRO J 222 44.45 27.61 -37.25
C PRO J 222 43.46 28.19 -38.26
N PHE J 223 42.60 29.11 -37.82
CA PHE J 223 41.54 29.66 -38.67
C PHE J 223 42.09 30.46 -39.88
N GLY J 224 43.24 31.09 -39.71
CA GLY J 224 43.88 31.86 -40.78
C GLY J 224 44.32 31.06 -41.99
N THR J 225 44.26 29.70 -41.93
CA THR J 225 44.62 28.81 -43.04
C THR J 225 43.44 28.68 -44.02
N ILE J 226 42.21 29.06 -43.57
CA ILE J 226 40.96 29.09 -44.35
C ILE J 226 41.01 30.37 -45.19
N ARG J 227 40.93 30.24 -46.51
CA ARG J 227 40.93 31.39 -47.41
C ARG J 227 39.50 31.83 -47.76
N PRO J 228 39.26 33.12 -48.15
CA PRO J 228 37.89 33.55 -48.46
C PRO J 228 37.25 32.82 -49.64
N MET J 229 35.93 32.59 -49.57
CA MET J 229 35.14 31.91 -50.60
C MET J 229 35.33 32.59 -51.98
N TYR J 230 35.36 33.94 -51.97
CA TYR J 230 35.53 34.79 -53.13
C TYR J 230 36.04 36.15 -52.63
N GLY J 231 36.71 36.92 -53.51
N LEU K 3 -40.86 -22.92 2.55
CA LEU K 3 -41.87 -21.89 2.74
C LEU K 3 -41.47 -20.54 2.07
N PRO K 4 -41.46 -20.43 0.71
CA PRO K 4 -41.04 -19.17 0.08
C PRO K 4 -42.21 -18.20 -0.19
N PRO K 5 -42.02 -16.86 0.04
CA PRO K 5 -43.14 -15.92 -0.19
C PRO K 5 -43.44 -15.61 -1.68
N GLY K 6 -42.39 -15.63 -2.51
CA GLY K 6 -42.47 -15.31 -3.92
C GLY K 6 -42.26 -13.82 -4.17
N PRO K 7 -42.65 -13.29 -5.35
CA PRO K 7 -42.43 -11.86 -5.61
C PRO K 7 -43.34 -10.95 -4.76
N MET K 8 -42.78 -9.85 -4.25
CA MET K 8 -43.49 -8.86 -3.45
C MET K 8 -44.54 -8.18 -4.33
N GLN K 9 -45.79 -8.18 -3.89
CA GLN K 9 -46.82 -7.59 -4.72
C GLN K 9 -46.95 -6.10 -4.42
N THR K 10 -46.69 -5.70 -3.16
CA THR K 10 -46.76 -4.31 -2.78
C THR K 10 -45.51 -3.86 -2.05
N LEU K 11 -45.00 -2.67 -2.42
CA LEU K 11 -43.88 -2.01 -1.75
C LEU K 11 -44.50 -0.84 -1.00
N ILE K 12 -44.42 -0.85 0.34
CA ILE K 12 -44.97 0.21 1.20
C ILE K 12 -43.81 1.10 1.68
N PHE K 13 -43.65 2.26 1.03
CA PHE K 13 -42.64 3.26 1.36
C PHE K 13 -43.04 3.87 2.70
N PHE K 14 -42.10 3.85 3.64
CA PHE K 14 -42.36 4.16 5.04
C PHE K 14 -41.31 5.05 5.66
N ASP K 15 -41.79 6.01 6.45
CA ASP K 15 -40.97 6.94 7.24
C ASP K 15 -41.75 7.39 8.49
N MET K 16 -41.02 7.58 9.58
CA MET K 16 -41.54 8.03 10.87
C MET K 16 -40.66 9.10 11.46
N GLU K 17 -41.32 10.05 12.19
CA GLU K 17 -40.68 11.09 12.98
C GLU K 17 -40.90 10.62 14.42
N ALA K 18 -40.05 11.04 15.37
CA ALA K 18 -40.11 10.60 16.76
C ALA K 18 -39.67 11.72 17.72
N THR K 19 -39.80 11.49 19.04
CA THR K 19 -39.42 12.48 20.07
C THR K 19 -37.92 12.73 20.17
N GLY K 20 -37.11 11.88 19.58
CA GLY K 20 -35.64 11.97 19.63
C GLY K 20 -34.97 10.73 19.06
N LEU K 21 -33.66 10.63 19.31
CA LEU K 21 -32.84 9.52 18.79
C LEU K 21 -32.91 8.24 19.71
N PRO K 22 -32.53 7.04 19.20
CA PRO K 22 -32.69 5.79 19.98
C PRO K 22 -32.22 5.75 21.46
N PHE K 23 -31.13 6.42 21.87
CA PHE K 23 -30.69 6.36 23.29
C PHE K 23 -31.78 6.94 24.26
N SER K 24 -32.63 7.87 23.79
CA SER K 24 -33.68 8.49 24.62
C SER K 24 -34.96 7.62 24.81
N GLN K 25 -35.07 6.47 24.10
CA GLN K 25 -36.24 5.57 24.05
C GLN K 25 -37.40 6.36 23.42
N PRO K 26 -37.22 6.72 22.12
CA PRO K 26 -38.20 7.62 21.46
C PRO K 26 -39.59 7.03 21.29
N LYS K 27 -40.57 7.94 21.11
CA LYS K 27 -41.96 7.63 20.84
C LYS K 27 -42.30 8.25 19.51
N VAL K 28 -43.07 7.54 18.65
CA VAL K 28 -43.49 8.05 17.34
C VAL K 28 -44.26 9.37 17.49
N THR K 29 -43.99 10.36 16.61
CA THR K 29 -44.72 11.62 16.56
C THR K 29 -45.44 11.74 15.22
N GLU K 30 -44.91 11.06 14.20
CA GLU K 30 -45.48 11.07 12.86
C GLU K 30 -45.10 9.80 12.08
N LEU K 31 -45.97 9.37 11.16
CA LEU K 31 -45.74 8.23 10.27
C LEU K 31 -46.40 8.47 8.90
N CYS K 32 -45.76 7.96 7.85
CA CYS K 32 -46.30 7.97 6.50
C CYS K 32 -46.05 6.63 5.82
N LEU K 33 -47.12 6.06 5.25
CA LEU K 33 -47.13 4.81 4.51
C LEU K 33 -47.62 5.14 3.12
N LEU K 34 -46.84 4.75 2.10
CA LEU K 34 -47.20 4.95 0.70
C LEU K 34 -47.05 3.62 -0.02
N ALA K 35 -48.17 2.93 -0.23
CA ALA K 35 -48.24 1.61 -0.85
C ALA K 35 -48.29 1.73 -2.35
N VAL K 36 -47.32 1.11 -3.01
CA VAL K 36 -47.16 1.13 -4.46
C VAL K 36 -47.26 -0.32 -5.00
N HIS K 37 -48.11 -0.56 -6.01
CA HIS K 37 -48.15 -1.90 -6.58
C HIS K 37 -46.87 -2.15 -7.42
N ARG K 38 -46.36 -3.39 -7.39
CA ARG K 38 -45.12 -3.78 -8.09
C ARG K 38 -45.18 -3.49 -9.60
N CYS K 39 -46.38 -3.50 -10.22
CA CYS K 39 -46.53 -3.23 -11.65
C CYS K 39 -46.19 -1.77 -11.97
N ALA K 40 -46.31 -0.85 -10.98
CA ALA K 40 -45.95 0.56 -11.15
C ALA K 40 -44.40 0.75 -11.22
N LEU K 41 -43.63 -0.30 -10.86
CA LEU K 41 -42.17 -0.32 -10.92
C LEU K 41 -41.70 -1.24 -12.06
N GLU K 42 -42.32 -2.43 -12.19
CA GLU K 42 -41.99 -3.39 -13.23
C GLU K 42 -42.47 -2.89 -14.61
N SER K 43 -43.51 -2.03 -14.65
CA SER K 43 -44.07 -1.48 -15.89
C SER K 43 -44.47 0.04 -15.75
N PRO K 44 -43.49 0.98 -15.63
CA PRO K 44 -43.87 2.41 -15.59
C PRO K 44 -44.19 2.97 -16.99
N PRO K 45 -45.08 4.00 -17.12
CA PRO K 45 -45.40 4.51 -18.47
C PRO K 45 -44.29 5.37 -19.08
N THR K 53 -36.63 14.68 -15.58
CA THR K 53 -35.56 14.44 -14.60
C THR K 53 -36.07 13.51 -13.49
N VAL K 54 -36.80 14.03 -12.49
CA VAL K 54 -37.34 13.21 -11.40
C VAL K 54 -38.58 12.46 -11.94
N PRO K 55 -38.67 11.12 -11.79
CA PRO K 55 -39.85 10.42 -12.29
C PRO K 55 -41.12 10.85 -11.56
N PRO K 56 -42.26 10.97 -12.29
CA PRO K 56 -43.50 11.35 -11.59
C PRO K 56 -43.98 10.17 -10.72
N PRO K 57 -44.60 10.42 -9.55
CA PRO K 57 -45.11 9.29 -8.75
C PRO K 57 -46.19 8.47 -9.48
N PRO K 58 -46.41 7.17 -9.14
CA PRO K 58 -47.47 6.41 -9.84
C PRO K 58 -48.85 7.00 -9.57
N ARG K 59 -49.70 7.05 -10.62
CA ARG K 59 -51.08 7.55 -10.57
C ARG K 59 -51.86 6.80 -9.48
N VAL K 60 -51.77 5.45 -9.49
CA VAL K 60 -52.47 4.59 -8.55
C VAL K 60 -51.54 4.25 -7.38
N VAL K 61 -51.79 4.93 -6.25
CA VAL K 61 -51.09 4.78 -4.97
C VAL K 61 -52.13 4.91 -3.81
N ASP K 62 -51.79 4.36 -2.64
CA ASP K 62 -52.54 4.45 -1.39
C ASP K 62 -51.63 5.17 -0.40
N LYS K 63 -52.11 6.27 0.20
CA LYS K 63 -51.34 7.11 1.13
C LYS K 63 -52.04 7.26 2.47
N LEU K 64 -51.24 7.21 3.55
CA LEU K 64 -51.68 7.40 4.92
C LEU K 64 -50.58 8.16 5.67
N SER K 65 -50.90 9.39 6.07
CA SER K 65 -49.97 10.22 6.83
C SER K 65 -50.70 10.64 8.09
N LEU K 66 -50.13 10.32 9.26
CA LEU K 66 -50.77 10.62 10.54
C LEU K 66 -49.80 11.23 11.54
N CYS K 67 -50.29 12.18 12.40
CA CYS K 67 -49.49 12.71 13.51
C CYS K 67 -49.96 12.02 14.80
N VAL K 68 -49.04 11.73 15.73
CA VAL K 68 -49.28 10.94 16.94
C VAL K 68 -48.85 11.71 18.17
N ALA K 69 -49.72 11.76 19.23
CA ALA K 69 -49.39 12.38 20.53
C ALA K 69 -48.38 11.40 21.19
N PRO K 70 -47.11 11.84 21.47
CA PRO K 70 -46.11 10.88 21.96
C PRO K 70 -46.14 10.51 23.47
N GLY K 71 -46.79 11.32 24.31
CA GLY K 71 -46.90 11.06 25.74
C GLY K 71 -45.75 11.60 26.61
N LYS K 72 -44.76 12.22 25.96
CA LYS K 72 -43.60 12.84 26.60
C LYS K 72 -43.05 13.93 25.65
N ALA K 73 -42.15 14.78 26.13
CA ALA K 73 -41.56 15.88 25.37
C ALA K 73 -40.67 15.40 24.23
N CYS K 74 -40.68 16.13 23.11
CA CYS K 74 -39.73 15.95 22.01
C CYS K 74 -38.49 16.67 22.49
N SER K 75 -37.29 16.23 22.09
CA SER K 75 -36.06 16.92 22.41
C SER K 75 -36.04 18.19 21.54
N PRO K 76 -35.32 19.27 21.97
CA PRO K 76 -35.27 20.49 21.13
C PRO K 76 -34.76 20.26 19.69
N ALA K 77 -33.86 19.28 19.48
CA ALA K 77 -33.33 18.93 18.15
C ALA K 77 -34.44 18.30 17.27
N ALA K 78 -35.17 17.31 17.83
CA ALA K 78 -36.30 16.66 17.13
C ALA K 78 -37.35 17.70 16.71
N SER K 79 -37.73 18.65 17.61
CA SER K 79 -38.71 19.69 17.29
C SER K 79 -38.26 20.64 16.16
N GLU K 80 -36.97 21.06 16.20
CA GLU K 80 -36.39 21.98 15.23
C GLU K 80 -36.26 21.34 13.84
N ILE K 81 -35.86 20.08 13.77
CA ILE K 81 -35.72 19.35 12.51
C ILE K 81 -37.11 19.01 11.92
N THR K 82 -38.01 18.41 12.73
CA THR K 82 -39.29 17.91 12.22
C THR K 82 -40.45 18.92 12.22
N GLY K 83 -40.31 20.04 12.93
CA GLY K 83 -41.37 21.05 13.01
C GLY K 83 -42.53 20.68 13.91
N LEU K 84 -42.40 19.58 14.68
CA LEU K 84 -43.42 19.05 15.60
C LEU K 84 -42.93 19.10 17.06
N SER K 85 -43.84 19.28 17.99
CA SER K 85 -43.52 19.24 19.41
C SER K 85 -44.71 18.67 20.12
N THR K 86 -44.53 18.15 21.33
CA THR K 86 -45.61 17.55 22.11
C THR K 86 -46.71 18.60 22.37
N ALA K 87 -46.34 19.84 22.72
CA ALA K 87 -47.31 20.91 22.98
C ALA K 87 -48.13 21.26 21.75
N VAL K 88 -47.53 21.27 20.54
CA VAL K 88 -48.23 21.63 19.29
C VAL K 88 -49.14 20.47 18.86
N LEU K 89 -48.67 19.22 19.06
CA LEU K 89 -49.46 18.03 18.75
C LEU K 89 -50.72 18.00 19.62
N ALA K 90 -50.64 18.47 20.87
CA ALA K 90 -51.78 18.51 21.81
C ALA K 90 -52.76 19.63 21.45
N ALA K 91 -52.26 20.77 20.91
CA ALA K 91 -53.10 21.89 20.48
C ALA K 91 -53.94 21.48 19.28
N HIS K 92 -53.44 20.50 18.52
CA HIS K 92 -54.08 19.91 17.36
C HIS K 92 -54.92 18.65 17.71
N GLY K 93 -55.06 18.40 19.02
CA GLY K 93 -55.83 17.29 19.57
C GLY K 93 -55.43 15.91 19.12
N ARG K 94 -54.13 15.66 18.90
CA ARG K 94 -53.65 14.34 18.51
C ARG K 94 -53.78 13.31 19.63
N GLN K 95 -54.06 12.05 19.22
CA GLN K 95 -54.18 10.90 20.10
C GLN K 95 -52.88 10.09 20.05
N CYS K 96 -52.64 9.35 21.14
CA CYS K 96 -51.45 8.54 21.30
C CYS K 96 -51.51 7.31 20.37
N PHE K 97 -50.41 6.50 20.37
CA PHE K 97 -50.29 5.25 19.64
C PHE K 97 -51.09 4.24 20.45
N ASP K 98 -52.36 4.03 20.08
CA ASP K 98 -53.29 3.14 20.79
C ASP K 98 -53.79 2.03 19.88
N ASP K 99 -54.66 1.14 20.43
CA ASP K 99 -55.26 0.00 19.71
C ASP K 99 -55.89 0.42 18.40
N ASN K 100 -56.70 1.50 18.41
CA ASN K 100 -57.34 2.07 17.22
C ASN K 100 -56.31 2.46 16.13
N LEU K 101 -55.14 3.04 16.52
CA LEU K 101 -54.12 3.36 15.53
C LEU K 101 -53.59 2.06 14.87
N ALA K 102 -53.24 1.04 15.67
CA ALA K 102 -52.73 -0.24 15.19
C ALA K 102 -53.71 -0.93 14.24
N ASN K 103 -55.03 -0.86 14.53
CA ASN K 103 -56.09 -1.44 13.68
C ASN K 103 -56.22 -0.64 12.40
N LEU K 104 -56.04 0.70 12.47
CA LEU K 104 -56.08 1.61 11.32
C LEU K 104 -54.93 1.23 10.33
N LEU K 105 -53.74 0.95 10.88
CA LEU K 105 -52.58 0.55 10.07
C LEU K 105 -52.82 -0.82 9.46
N LEU K 106 -53.40 -1.75 10.25
CA LEU K 106 -53.75 -3.10 9.82
C LEU K 106 -54.77 -3.10 8.69
N ALA K 107 -55.84 -2.28 8.82
CA ALA K 107 -56.89 -2.11 7.82
C ALA K 107 -56.31 -1.50 6.52
N PHE K 108 -55.33 -0.57 6.63
CA PHE K 108 -54.65 0.06 5.49
C PHE K 108 -53.82 -0.99 4.74
N LEU K 109 -53.00 -1.77 5.47
CA LEU K 109 -52.18 -2.81 4.86
C LEU K 109 -53.02 -3.89 4.20
N ARG K 110 -54.18 -4.25 4.80
CA ARG K 110 -55.09 -5.25 4.28
C ARG K 110 -55.77 -4.87 2.94
N ARG K 111 -55.67 -3.60 2.50
CA ARG K 111 -56.20 -3.12 1.22
C ARG K 111 -55.19 -3.41 0.09
N GLN K 112 -53.98 -3.84 0.46
CA GLN K 112 -52.89 -4.10 -0.47
C GLN K 112 -52.67 -5.59 -0.72
N PRO K 113 -52.43 -6.00 -2.00
CA PRO K 113 -52.15 -7.42 -2.27
C PRO K 113 -50.85 -7.89 -1.60
N GLN K 114 -50.87 -9.14 -1.11
CA GLN K 114 -49.74 -9.78 -0.41
C GLN K 114 -48.87 -10.63 -1.33
N PRO K 115 -47.56 -10.85 -1.05
CA PRO K 115 -46.75 -10.39 0.10
C PRO K 115 -46.52 -8.88 0.10
N TRP K 116 -46.57 -8.23 1.31
CA TRP K 116 -46.28 -6.79 1.48
C TRP K 116 -44.85 -6.63 1.89
N CYS K 117 -44.18 -5.62 1.34
CA CYS K 117 -42.83 -5.29 1.75
C CYS K 117 -42.72 -3.82 2.13
N LEU K 118 -42.39 -3.53 3.43
CA LEU K 118 -42.15 -2.20 3.97
C LEU K 118 -40.76 -1.75 3.52
N VAL K 119 -40.64 -0.49 3.05
CA VAL K 119 -39.37 0.08 2.55
C VAL K 119 -39.09 1.38 3.29
N ALA K 120 -38.01 1.43 4.07
CA ALA K 120 -37.60 2.60 4.82
C ALA K 120 -36.09 2.82 4.71
N HIS K 121 -35.68 4.08 4.54
CA HIS K 121 -34.27 4.48 4.45
C HIS K 121 -33.71 4.46 5.85
N ASN K 122 -32.73 3.58 6.13
CA ASN K 122 -32.17 3.36 7.47
C ASN K 122 -33.25 2.78 8.41
N GLY K 123 -34.20 2.02 7.82
CA GLY K 123 -35.30 1.36 8.51
C GLY K 123 -34.89 0.34 9.56
N ASP K 124 -33.83 -0.47 9.29
CA ASP K 124 -33.33 -1.51 10.21
C ASP K 124 -32.90 -0.96 11.56
N ARG K 125 -32.22 0.20 11.59
CA ARG K 125 -31.81 0.82 12.84
C ARG K 125 -32.90 1.70 13.46
N TYR K 126 -33.75 2.38 12.65
CA TYR K 126 -34.69 3.35 13.22
C TYR K 126 -36.17 2.96 13.10
N ASP K 127 -36.82 3.19 11.94
CA ASP K 127 -38.27 3.02 11.74
C ASP K 127 -38.81 1.60 12.06
N PHE K 128 -38.12 0.51 11.62
CA PHE K 128 -38.67 -0.84 11.86
C PHE K 128 -38.61 -1.21 13.35
N PRO K 129 -37.46 -1.11 14.08
CA PRO K 129 -37.49 -1.48 15.52
C PRO K 129 -38.39 -0.57 16.37
N LEU K 130 -38.57 0.72 15.99
CA LEU K 130 -39.47 1.62 16.74
C LEU K 130 -40.93 1.20 16.55
N LEU K 131 -41.33 0.86 15.32
CA LEU K 131 -42.68 0.38 15.04
C LEU K 131 -42.96 -0.91 15.83
N GLN K 132 -41.93 -1.77 16.01
CA GLN K 132 -42.07 -2.98 16.78
C GLN K 132 -42.17 -2.69 18.26
N ALA K 133 -41.49 -1.66 18.74
CA ALA K 133 -41.55 -1.22 20.14
C ALA K 133 -42.97 -0.72 20.49
N GLU K 134 -43.57 0.11 19.61
CA GLU K 134 -44.91 0.66 19.77
C GLU K 134 -45.97 -0.42 19.75
N LEU K 135 -45.83 -1.43 18.83
CA LEU K 135 -46.80 -2.52 18.76
C LEU K 135 -46.64 -3.45 19.97
N ALA K 136 -45.38 -3.69 20.42
CA ALA K 136 -45.13 -4.53 21.58
C ALA K 136 -45.68 -3.89 22.85
N MET K 137 -45.68 -2.53 22.93
CA MET K 137 -46.23 -1.80 24.09
C MET K 137 -47.76 -1.95 24.19
N LEU K 138 -48.43 -2.22 23.06
CA LEU K 138 -49.87 -2.48 23.02
C LEU K 138 -50.21 -3.95 23.21
N GLY K 139 -49.17 -4.78 23.26
CA GLY K 139 -49.31 -6.24 23.37
C GLY K 139 -49.62 -6.87 22.04
N LEU K 140 -49.24 -6.19 20.95
CA LEU K 140 -49.47 -6.65 19.57
C LEU K 140 -48.14 -7.04 18.92
N THR K 141 -47.31 -7.80 19.67
CA THR K 141 -45.97 -8.26 19.30
C THR K 141 -45.94 -8.98 17.92
N SER K 142 -46.98 -9.78 17.58
CA SER K 142 -47.03 -10.52 16.30
C SER K 142 -47.98 -9.89 15.22
N ALA K 143 -48.47 -8.63 15.42
CA ALA K 143 -49.43 -7.97 14.53
C ALA K 143 -48.99 -7.90 13.06
N LEU K 144 -47.70 -7.61 12.81
CA LEU K 144 -47.15 -7.41 11.47
C LEU K 144 -46.18 -8.53 11.04
N ASP K 145 -46.27 -9.73 11.64
CA ASP K 145 -45.42 -10.88 11.32
C ASP K 145 -45.65 -11.43 9.89
N GLY K 146 -46.76 -11.06 9.27
CA GLY K 146 -47.06 -11.45 7.89
C GLY K 146 -46.27 -10.65 6.87
N ALA K 147 -45.96 -9.39 7.20
CA ALA K 147 -45.23 -8.45 6.35
C ALA K 147 -43.73 -8.78 6.23
N PHE K 148 -43.09 -8.21 5.19
CA PHE K 148 -41.67 -8.29 4.87
C PHE K 148 -41.09 -6.88 4.90
N CYS K 149 -39.77 -6.72 5.03
CA CYS K 149 -39.19 -5.38 5.07
C CYS K 149 -37.77 -5.36 4.46
N VAL K 150 -37.43 -4.22 3.83
CA VAL K 150 -36.10 -3.94 3.27
C VAL K 150 -35.67 -2.52 3.72
N ASP K 151 -34.35 -2.37 3.92
CA ASP K 151 -33.72 -1.10 4.24
C ASP K 151 -33.23 -0.64 2.86
N SER K 152 -33.72 0.53 2.38
CA SER K 152 -33.35 1.02 1.06
C SER K 152 -31.88 1.41 0.97
N ILE K 153 -31.20 1.68 2.11
CA ILE K 153 -29.76 1.96 2.13
C ILE K 153 -29.00 0.68 1.69
N THR K 154 -29.37 -0.48 2.27
CA THR K 154 -28.75 -1.78 1.96
C THR K 154 -29.05 -2.16 0.51
N ALA K 155 -30.25 -1.80 0.01
CA ALA K 155 -30.70 -2.06 -1.37
C ALA K 155 -29.96 -1.17 -2.37
N LEU K 156 -29.88 0.15 -2.10
CA LEU K 156 -29.23 1.10 -3.02
C LEU K 156 -27.71 0.90 -3.11
N LYS K 157 -27.06 0.43 -2.01
CA LYS K 157 -25.62 0.14 -2.00
C LYS K 157 -25.34 -1.04 -2.93
N ALA K 158 -26.22 -2.05 -2.90
CA ALA K 158 -26.15 -3.26 -3.72
C ALA K 158 -26.39 -2.96 -5.21
N LEU K 159 -27.48 -2.22 -5.53
CA LEU K 159 -27.88 -1.83 -6.88
C LEU K 159 -26.88 -0.84 -7.54
N GLU K 160 -25.92 -0.26 -6.78
CA GLU K 160 -24.91 0.64 -7.36
C GLU K 160 -23.55 -0.06 -7.51
N ARG K 161 -23.17 -0.91 -6.53
CA ARG K 161 -21.91 -1.66 -6.56
C ARG K 161 -22.05 -2.95 -7.37
N SER K 173 -21.53 9.30 0.58
CA SER K 173 -22.65 9.35 1.52
C SER K 173 -23.91 8.65 0.97
N TYR K 174 -24.50 7.77 1.79
CA TYR K 174 -25.70 7.04 1.42
C TYR K 174 -26.92 7.61 2.20
N SER K 175 -26.97 8.94 2.35
CA SER K 175 -28.07 9.67 2.98
C SER K 175 -29.13 9.95 1.90
N LEU K 176 -30.40 10.17 2.29
CA LEU K 176 -31.49 10.43 1.34
C LEU K 176 -31.18 11.61 0.38
N GLY K 177 -30.72 12.73 0.96
CA GLY K 177 -30.34 13.92 0.20
C GLY K 177 -29.14 13.71 -0.73
N SER K 178 -28.13 12.96 -0.27
CA SER K 178 -26.93 12.72 -1.09
C SER K 178 -27.22 11.77 -2.25
N ILE K 179 -28.20 10.86 -2.09
CA ILE K 179 -28.58 9.92 -3.14
C ILE K 179 -29.49 10.64 -4.16
N TYR K 180 -30.43 11.50 -3.68
CA TYR K 180 -31.36 12.26 -4.52
C TYR K 180 -30.59 13.21 -5.48
N THR K 181 -29.58 13.92 -4.93
CA THR K 181 -28.71 14.85 -5.67
C THR K 181 -27.80 14.08 -6.66
N ARG K 182 -27.34 12.87 -6.27
CA ARG K 182 -26.49 12.02 -7.10
C ARG K 182 -27.20 11.54 -8.38
N LEU K 183 -28.53 11.34 -8.31
CA LEU K 183 -29.29 10.84 -9.47
C LEU K 183 -30.03 11.93 -10.26
N TYR K 184 -30.41 13.06 -9.63
CA TYR K 184 -31.19 14.09 -10.33
C TYR K 184 -30.48 15.44 -10.39
N GLY K 185 -29.57 15.71 -9.46
CA GLY K 185 -28.83 16.98 -9.41
C GLY K 185 -29.63 18.12 -8.84
N GLN K 186 -30.73 17.81 -8.13
CA GLN K 186 -31.62 18.79 -7.51
C GLN K 186 -31.90 18.42 -6.04
N SER K 187 -32.44 19.38 -5.26
CA SER K 187 -32.75 19.18 -3.84
C SER K 187 -34.18 18.63 -3.64
N PRO K 188 -34.41 17.71 -2.68
CA PRO K 188 -35.76 17.19 -2.48
C PRO K 188 -36.67 18.15 -1.71
N PRO K 189 -37.98 18.27 -2.07
CA PRO K 189 -38.88 19.17 -1.31
C PRO K 189 -39.44 18.52 -0.03
N ASP K 190 -39.84 19.37 0.96
CA ASP K 190 -40.44 19.02 2.26
C ASP K 190 -39.55 18.04 3.08
N SER K 191 -38.33 18.48 3.42
CA SER K 191 -37.37 17.70 4.21
C SER K 191 -37.87 17.56 5.65
N HIS K 192 -37.74 16.34 6.19
CA HIS K 192 -38.12 15.91 7.54
C HIS K 192 -39.59 16.34 7.93
N THR K 193 -40.50 15.68 7.24
CA THR K 193 -41.93 15.49 7.37
C THR K 193 -41.96 14.05 6.90
N ALA K 194 -42.69 13.17 7.59
CA ALA K 194 -42.71 11.75 7.23
C ALA K 194 -43.08 11.56 5.73
N GLU K 195 -44.02 12.36 5.21
CA GLU K 195 -44.49 12.30 3.83
C GLU K 195 -43.45 12.75 2.80
N GLY K 196 -42.78 13.88 3.05
CA GLY K 196 -41.77 14.43 2.16
C GLY K 196 -40.61 13.47 1.95
N ASP K 197 -40.21 12.77 3.04
CA ASP K 197 -39.14 11.77 3.05
C ASP K 197 -39.57 10.51 2.33
N VAL K 198 -40.87 10.16 2.40
CA VAL K 198 -41.43 8.99 1.73
C VAL K 198 -41.44 9.23 0.21
N LEU K 199 -41.92 10.43 -0.22
CA LEU K 199 -41.98 10.82 -1.62
C LEU K 199 -40.58 10.95 -2.24
N ALA K 200 -39.59 11.42 -1.45
CA ALA K 200 -38.19 11.54 -1.87
C ALA K 200 -37.62 10.14 -2.10
N LEU K 201 -37.88 9.20 -1.15
CA LEU K 201 -37.47 7.79 -1.22
C LEU K 201 -38.04 7.07 -2.45
N LEU K 202 -39.35 7.24 -2.71
CA LEU K 202 -40.08 6.71 -3.87
C LEU K 202 -39.37 7.13 -5.18
N SER K 203 -39.06 8.45 -5.31
CA SER K 203 -38.33 9.01 -6.45
C SER K 203 -37.02 8.28 -6.65
N ILE K 204 -36.29 7.99 -5.55
CA ILE K 204 -34.99 7.32 -5.61
C ILE K 204 -35.14 5.87 -6.07
N CYS K 205 -36.21 5.19 -5.63
CA CYS K 205 -36.42 3.79 -5.95
C CYS K 205 -36.99 3.63 -7.38
N GLN K 206 -37.54 4.73 -7.98
CA GLN K 206 -38.08 4.77 -9.35
C GLN K 206 -36.95 4.94 -10.41
N TRP K 207 -35.69 5.17 -9.96
CA TRP K 207 -34.50 5.34 -10.82
C TRP K 207 -34.23 4.04 -11.63
N ARG K 208 -33.99 2.91 -10.95
CA ARG K 208 -33.76 1.59 -11.56
C ARG K 208 -34.85 0.68 -10.95
N PRO K 209 -36.13 0.79 -11.40
CA PRO K 209 -37.21 0.10 -10.69
C PRO K 209 -37.23 -1.41 -10.85
N GLN K 210 -36.86 -1.94 -12.03
CA GLN K 210 -36.88 -3.39 -12.29
C GLN K 210 -35.75 -4.11 -11.51
N ALA K 211 -34.56 -3.48 -11.40
CA ALA K 211 -33.45 -4.02 -10.62
C ALA K 211 -33.76 -3.93 -9.11
N LEU K 212 -34.42 -2.84 -8.67
CA LEU K 212 -34.81 -2.63 -7.27
C LEU K 212 -35.74 -3.76 -6.86
N LEU K 213 -36.77 -4.01 -7.68
CA LEU K 213 -37.76 -5.06 -7.50
C LEU K 213 -37.08 -6.44 -7.51
N ARG K 214 -36.02 -6.62 -8.32
CA ARG K 214 -35.25 -7.86 -8.38
C ARG K 214 -34.52 -8.12 -7.05
N TRP K 215 -33.88 -7.08 -6.49
CA TRP K 215 -33.13 -7.21 -5.26
C TRP K 215 -34.05 -7.46 -4.07
N VAL K 216 -35.17 -6.70 -3.97
CA VAL K 216 -36.17 -6.79 -2.91
C VAL K 216 -36.75 -8.22 -2.85
N ASP K 217 -37.24 -8.76 -3.99
CA ASP K 217 -37.83 -10.11 -4.12
C ASP K 217 -36.90 -11.21 -3.57
N ALA K 218 -35.58 -11.03 -3.70
CA ALA K 218 -34.61 -12.01 -3.23
C ALA K 218 -34.05 -11.69 -1.82
N HIS K 219 -34.20 -10.45 -1.32
CA HIS K 219 -33.61 -10.14 -0.02
C HIS K 219 -34.59 -9.54 1.00
N ALA K 220 -35.93 -9.61 0.77
CA ALA K 220 -36.93 -9.12 1.73
C ALA K 220 -36.88 -9.93 3.03
N ARG K 221 -36.83 -9.23 4.16
CA ARG K 221 -36.72 -9.83 5.48
C ARG K 221 -38.08 -9.94 6.20
N PRO K 222 -38.47 -11.10 6.78
CA PRO K 222 -39.74 -11.17 7.53
C PRO K 222 -39.71 -10.18 8.71
N PHE K 223 -40.75 -9.34 8.84
CA PHE K 223 -40.81 -8.28 9.84
C PHE K 223 -40.71 -8.80 11.28
N GLY K 224 -41.09 -10.05 11.51
CA GLY K 224 -41.00 -10.68 12.82
C GLY K 224 -39.60 -10.91 13.33
N THR K 225 -38.59 -10.85 12.42
CA THR K 225 -37.15 -11.01 12.76
C THR K 225 -36.61 -9.69 13.36
N ILE K 226 -37.39 -8.59 13.23
CA ILE K 226 -37.08 -7.24 13.75
C ILE K 226 -37.41 -7.18 15.25
N ARG K 227 -36.37 -7.00 16.07
CA ARG K 227 -36.51 -6.87 17.51
C ARG K 227 -37.01 -5.46 17.82
N PRO K 228 -37.90 -5.29 18.82
CA PRO K 228 -38.30 -3.92 19.18
C PRO K 228 -37.07 -3.16 19.67
N MET K 229 -37.06 -1.86 19.44
CA MET K 229 -35.99 -0.98 19.87
C MET K 229 -35.78 -1.06 21.40
N TYR K 230 -36.87 -1.13 22.19
CA TYR K 230 -36.81 -1.23 23.65
C TYR K 230 -38.10 -1.89 24.23
N GLY K 231 -38.04 -2.30 25.51
CA GLY K 231 -39.15 -2.95 26.20
N LEU L 3 -77.47 19.64 23.61
CA LEU L 3 -77.91 19.20 22.27
C LEU L 3 -77.03 19.85 21.14
N PRO L 4 -76.94 21.21 20.96
CA PRO L 4 -76.07 21.74 19.88
C PRO L 4 -74.60 21.31 20.02
N PRO L 5 -73.90 21.05 18.88
CA PRO L 5 -72.52 20.53 18.96
C PRO L 5 -71.45 21.46 19.51
N GLY L 6 -71.60 22.77 19.31
CA GLY L 6 -70.59 23.75 19.62
C GLY L 6 -69.62 23.86 18.45
N PRO L 7 -68.49 24.58 18.60
CA PRO L 7 -67.54 24.72 17.48
C PRO L 7 -66.94 23.41 16.99
N MET L 8 -66.79 23.28 15.66
CA MET L 8 -66.18 22.14 15.00
C MET L 8 -64.70 22.08 15.39
N GLN L 9 -64.29 20.99 16.02
CA GLN L 9 -62.91 20.85 16.47
C GLN L 9 -62.01 20.42 15.30
N THR L 10 -62.57 19.67 14.33
CA THR L 10 -61.84 19.18 13.16
C THR L 10 -62.62 19.41 11.86
N LEU L 11 -61.92 19.91 10.84
CA LEU L 11 -62.46 20.08 9.52
C LEU L 11 -61.76 19.01 8.69
N ILE L 12 -62.53 18.05 8.16
CA ILE L 12 -62.02 17.00 7.29
C ILE L 12 -62.30 17.39 5.83
N PHE L 13 -61.28 17.90 5.11
CA PHE L 13 -61.42 18.26 3.68
C PHE L 13 -61.53 16.96 2.87
N PHE L 14 -62.57 16.86 2.05
CA PHE L 14 -62.91 15.62 1.37
C PHE L 14 -63.21 15.77 -0.11
N ASP L 15 -62.78 14.77 -0.88
CA ASP L 15 -63.02 14.67 -2.31
C ASP L 15 -62.93 13.23 -2.79
N MET L 16 -63.78 12.89 -3.77
CA MET L 16 -63.83 11.57 -4.38
C MET L 16 -63.88 11.61 -5.89
N GLU L 17 -63.28 10.62 -6.53
CA GLU L 17 -63.39 10.38 -7.96
C GLU L 17 -64.35 9.19 -8.08
N ALA L 18 -65.13 9.13 -9.18
CA ALA L 18 -66.08 8.01 -9.38
C ALA L 18 -66.05 7.49 -10.83
N THR L 19 -66.89 6.48 -11.12
CA THR L 19 -66.99 5.86 -12.45
C THR L 19 -67.70 6.77 -13.46
N GLY L 20 -68.31 7.85 -12.96
CA GLY L 20 -69.04 8.80 -13.78
C GLY L 20 -69.88 9.74 -12.97
N LEU L 21 -70.78 10.46 -13.65
CA LEU L 21 -71.68 11.44 -13.04
C LEU L 21 -72.94 10.75 -12.44
N PRO L 22 -73.67 11.44 -11.50
CA PRO L 22 -74.79 10.81 -10.76
C PRO L 22 -75.83 10.01 -11.55
N PHE L 23 -76.12 10.36 -12.80
CA PHE L 23 -77.11 9.71 -13.65
C PHE L 23 -76.75 8.24 -13.99
N SER L 24 -75.45 7.88 -13.92
CA SER L 24 -74.94 6.55 -14.21
C SER L 24 -74.91 5.62 -12.97
N GLN L 25 -75.39 6.11 -11.78
CA GLN L 25 -75.33 5.43 -10.48
C GLN L 25 -73.84 5.06 -10.27
N PRO L 26 -72.96 6.08 -10.13
CA PRO L 26 -71.52 5.82 -10.11
C PRO L 26 -71.00 5.12 -8.85
N LYS L 27 -69.77 4.62 -8.95
CA LYS L 27 -69.07 3.96 -7.86
C LYS L 27 -67.75 4.70 -7.63
N VAL L 28 -67.33 4.81 -6.37
CA VAL L 28 -66.06 5.46 -5.97
C VAL L 28 -64.86 4.75 -6.61
N THR L 29 -63.89 5.54 -7.16
CA THR L 29 -62.65 5.01 -7.74
C THR L 29 -61.48 5.49 -6.90
N GLU L 30 -61.67 6.60 -6.18
CA GLU L 30 -60.65 7.21 -5.34
C GLU L 30 -61.30 8.08 -4.30
N LEU L 31 -60.68 8.19 -3.11
CA LEU L 31 -61.15 9.07 -2.05
C LEU L 31 -59.97 9.75 -1.35
N CYS L 32 -60.19 10.97 -0.86
CA CYS L 32 -59.18 11.67 -0.07
C CYS L 32 -59.82 12.39 1.09
N LEU L 33 -59.25 12.19 2.27
CA LEU L 33 -59.63 12.85 3.52
C LEU L 33 -58.38 13.52 4.05
N LEU L 34 -58.49 14.80 4.42
CA LEU L 34 -57.39 15.55 5.00
C LEU L 34 -57.96 16.29 6.21
N ALA L 35 -57.64 15.77 7.40
CA ALA L 35 -58.13 16.30 8.67
C ALA L 35 -57.22 17.41 9.20
N VAL L 36 -57.83 18.57 9.45
CA VAL L 36 -57.17 19.79 9.92
C VAL L 36 -57.86 20.25 11.20
N HIS L 37 -57.08 20.45 12.30
CA HIS L 37 -57.66 20.95 13.55
C HIS L 37 -58.12 22.42 13.35
N ARG L 38 -59.20 22.85 14.05
CA ARG L 38 -59.72 24.23 13.92
C ARG L 38 -58.64 25.31 14.27
N CYS L 39 -57.65 24.99 15.15
CA CYS L 39 -56.59 25.94 15.56
C CYS L 39 -55.71 26.35 14.35
N ALA L 40 -55.60 25.48 13.33
CA ALA L 40 -54.87 25.79 12.09
C ALA L 40 -55.58 26.89 11.29
N LEU L 41 -56.91 27.06 11.49
CA LEU L 41 -57.66 28.09 10.78
C LEU L 41 -57.97 29.30 11.67
N GLU L 42 -58.15 29.12 12.98
CA GLU L 42 -58.45 30.26 13.86
C GLU L 42 -57.19 30.94 14.36
N SER L 43 -56.06 30.21 14.35
CA SER L 43 -54.77 30.74 14.78
C SER L 43 -53.67 30.38 13.75
N PRO L 44 -53.78 30.80 12.45
CA PRO L 44 -52.74 30.42 11.48
C PRO L 44 -51.37 31.04 11.77
N PRO L 45 -50.24 30.31 11.55
CA PRO L 45 -48.91 30.90 11.81
C PRO L 45 -48.42 31.78 10.66
N THR L 53 -48.20 34.00 -2.35
CA THR L 53 -49.63 34.32 -2.34
C THR L 53 -50.43 33.13 -1.78
N VAL L 54 -50.16 31.89 -2.25
CA VAL L 54 -50.85 30.68 -1.79
C VAL L 54 -50.34 30.35 -0.37
N PRO L 55 -51.25 30.22 0.64
CA PRO L 55 -50.77 29.90 1.99
C PRO L 55 -50.25 28.47 2.04
N PRO L 56 -49.26 28.13 2.90
CA PRO L 56 -48.81 26.74 2.95
C PRO L 56 -49.84 25.89 3.70
N PRO L 57 -49.95 24.57 3.43
CA PRO L 57 -50.89 23.76 4.24
C PRO L 57 -50.41 23.70 5.70
N PRO L 58 -51.23 23.44 6.75
CA PRO L 58 -50.67 23.41 8.11
C PRO L 58 -49.69 22.23 8.27
N ARG L 59 -48.72 22.35 9.19
CA ARG L 59 -47.70 21.33 9.44
C ARG L 59 -48.35 20.04 9.95
N VAL L 60 -49.23 20.16 10.94
CA VAL L 60 -49.92 19.04 11.54
C VAL L 60 -51.22 18.77 10.78
N VAL L 61 -51.25 17.66 10.03
CA VAL L 61 -52.42 17.18 9.27
C VAL L 61 -52.46 15.68 9.30
N ASP L 62 -53.63 15.12 9.08
CA ASP L 62 -53.85 13.69 8.92
C ASP L 62 -54.40 13.56 7.50
N LYS L 63 -53.78 12.68 6.73
CA LYS L 63 -54.12 12.51 5.32
C LYS L 63 -54.32 11.04 5.04
N LEU L 64 -55.42 10.72 4.34
CA LEU L 64 -55.78 9.36 3.91
C LEU L 64 -56.26 9.44 2.46
N SER L 65 -55.50 8.82 1.53
CA SER L 65 -55.79 8.80 0.11
C SER L 65 -55.80 7.35 -0.39
N LEU L 66 -56.93 6.88 -0.97
CA LEU L 66 -57.06 5.48 -1.42
C LEU L 66 -57.68 5.36 -2.79
N CYS L 67 -57.28 4.34 -3.56
CA CYS L 67 -57.92 3.96 -4.82
C CYS L 67 -58.81 2.76 -4.52
N VAL L 68 -60.00 2.69 -5.17
CA VAL L 68 -61.02 1.66 -4.91
C VAL L 68 -61.48 1.03 -6.23
N ALA L 69 -61.61 -0.31 -6.27
CA ALA L 69 -62.11 -1.10 -7.40
C ALA L 69 -63.64 -0.88 -7.48
N PRO L 70 -64.16 -0.23 -8.55
CA PRO L 70 -65.59 0.12 -8.57
C PRO L 70 -66.53 -1.04 -8.91
N GLY L 71 -66.03 -2.08 -9.58
CA GLY L 71 -66.84 -3.25 -9.95
C GLY L 71 -67.58 -3.06 -11.26
N LYS L 72 -67.43 -1.88 -11.88
CA LYS L 72 -68.03 -1.50 -13.16
C LYS L 72 -67.06 -0.58 -13.92
N ALA L 73 -67.27 -0.44 -15.24
CA ALA L 73 -66.42 0.39 -16.09
C ALA L 73 -66.63 1.89 -15.84
N CYS L 74 -65.56 2.69 -16.07
CA CYS L 74 -65.60 4.16 -15.95
C CYS L 74 -66.06 4.69 -17.31
N SER L 75 -66.87 5.75 -17.32
CA SER L 75 -67.33 6.40 -18.56
C SER L 75 -66.07 7.00 -19.26
N PRO L 76 -66.08 7.24 -20.60
CA PRO L 76 -64.86 7.80 -21.25
C PRO L 76 -64.40 9.13 -20.64
N ALA L 77 -65.34 10.04 -20.29
CA ALA L 77 -65.04 11.33 -19.65
C ALA L 77 -64.39 11.14 -18.27
N ALA L 78 -64.90 10.20 -17.44
CA ALA L 78 -64.34 9.92 -16.11
C ALA L 78 -62.88 9.50 -16.21
N SER L 79 -62.57 8.56 -17.11
CA SER L 79 -61.23 8.01 -17.32
C SER L 79 -60.25 9.06 -17.86
N GLU L 80 -60.68 9.86 -18.86
CA GLU L 80 -59.82 10.90 -19.42
C GLU L 80 -59.54 12.00 -18.37
N ILE L 81 -60.58 12.47 -17.64
CA ILE L 81 -60.44 13.55 -16.65
C ILE L 81 -59.69 13.04 -15.38
N THR L 82 -60.06 11.87 -14.81
CA THR L 82 -59.41 11.38 -13.57
C THR L 82 -58.10 10.59 -13.80
N GLY L 83 -57.84 10.11 -15.01
CA GLY L 83 -56.63 9.33 -15.27
C GLY L 83 -56.70 7.90 -14.74
N LEU L 84 -57.87 7.51 -14.22
CA LEU L 84 -58.15 6.18 -13.69
C LEU L 84 -59.10 5.43 -14.60
N SER L 85 -58.90 4.11 -14.73
CA SER L 85 -59.77 3.20 -15.47
C SER L 85 -59.86 1.91 -14.66
N THR L 86 -60.98 1.20 -14.77
CA THR L 86 -61.27 -0.04 -14.03
C THR L 86 -60.24 -1.15 -14.35
N ALA L 87 -59.79 -1.25 -15.62
CA ALA L 87 -58.78 -2.21 -16.07
C ALA L 87 -57.46 -2.00 -15.37
N VAL L 88 -57.00 -0.73 -15.29
CA VAL L 88 -55.74 -0.31 -14.65
C VAL L 88 -55.83 -0.52 -13.12
N LEU L 89 -56.99 -0.19 -12.51
CA LEU L 89 -57.24 -0.36 -11.08
C LEU L 89 -57.13 -1.83 -10.66
N ALA L 90 -57.61 -2.73 -11.53
CA ALA L 90 -57.57 -4.17 -11.32
C ALA L 90 -56.14 -4.72 -11.52
N ALA L 91 -55.32 -4.04 -12.37
CA ALA L 91 -53.93 -4.43 -12.60
C ALA L 91 -53.09 -4.03 -11.38
N HIS L 92 -53.60 -3.10 -10.58
CA HIS L 92 -52.97 -2.61 -9.37
C HIS L 92 -53.51 -3.33 -8.12
N GLY L 93 -54.29 -4.40 -8.36
CA GLY L 93 -54.89 -5.26 -7.34
C GLY L 93 -55.80 -4.61 -6.32
N ARG L 94 -56.47 -3.51 -6.69
CA ARG L 94 -57.35 -2.76 -5.80
C ARG L 94 -58.57 -3.57 -5.36
N GLN L 95 -58.99 -3.34 -4.11
CA GLN L 95 -60.18 -3.97 -3.53
C GLN L 95 -61.32 -2.98 -3.63
N CYS L 96 -62.55 -3.49 -3.61
CA CYS L 96 -63.75 -2.67 -3.67
C CYS L 96 -64.06 -2.02 -2.32
N PHE L 97 -65.17 -1.27 -2.26
CA PHE L 97 -65.67 -0.58 -1.07
C PHE L 97 -66.37 -1.61 -0.21
N ASP L 98 -65.63 -2.20 0.73
CA ASP L 98 -66.13 -3.26 1.62
C ASP L 98 -66.07 -2.83 3.10
N ASP L 99 -66.43 -3.76 4.02
CA ASP L 99 -66.44 -3.54 5.47
C ASP L 99 -65.10 -3.04 6.02
N ASN L 100 -63.96 -3.59 5.55
CA ASN L 100 -62.63 -3.18 5.99
C ASN L 100 -62.43 -1.70 5.65
N LEU L 101 -62.80 -1.29 4.41
CA LEU L 101 -62.69 0.10 3.96
C LEU L 101 -63.48 1.04 4.90
N ALA L 102 -64.75 0.69 5.23
CA ALA L 102 -65.57 1.48 6.16
C ALA L 102 -64.96 1.54 7.57
N ASN L 103 -64.39 0.43 8.08
CA ASN L 103 -63.74 0.39 9.39
C ASN L 103 -62.48 1.23 9.39
N LEU L 104 -61.73 1.20 8.28
CA LEU L 104 -60.54 2.00 8.03
C LEU L 104 -60.92 3.49 8.00
N LEU L 105 -62.07 3.85 7.40
CA LEU L 105 -62.53 5.23 7.34
C LEU L 105 -62.93 5.70 8.72
N LEU L 106 -63.63 4.86 9.49
CA LEU L 106 -64.06 5.17 10.86
C LEU L 106 -62.89 5.30 11.80
N ALA L 107 -61.88 4.43 11.65
CA ALA L 107 -60.65 4.42 12.48
C ALA L 107 -59.88 5.74 12.30
N PHE L 108 -59.84 6.25 11.05
CA PHE L 108 -59.16 7.51 10.69
C PHE L 108 -59.93 8.68 11.31
N LEU L 109 -61.28 8.63 11.21
CA LEU L 109 -62.14 9.67 11.78
C LEU L 109 -62.05 9.66 13.31
N ARG L 110 -61.95 8.48 13.97
CA ARG L 110 -61.84 8.40 15.44
C ARG L 110 -60.54 9.02 16.02
N ARG L 111 -59.51 9.28 15.17
CA ARG L 111 -58.25 9.92 15.58
C ARG L 111 -58.46 11.42 15.76
N GLN L 112 -59.57 11.93 15.21
CA GLN L 112 -59.86 13.37 15.18
C GLN L 112 -60.74 13.79 16.32
N PRO L 113 -60.46 14.95 16.98
CA PRO L 113 -61.37 15.40 18.04
C PRO L 113 -62.71 15.81 17.45
N GLN L 114 -63.77 15.55 18.20
CA GLN L 114 -65.12 15.85 17.81
C GLN L 114 -65.63 17.18 18.34
N PRO L 115 -66.63 17.84 17.71
CA PRO L 115 -67.34 17.50 16.46
C PRO L 115 -66.43 17.55 15.21
N TRP L 116 -66.65 16.60 14.27
CA TRP L 116 -65.92 16.49 13.01
C TRP L 116 -66.83 17.16 11.97
N CYS L 117 -66.23 17.84 11.01
CA CYS L 117 -66.99 18.41 9.91
C CYS L 117 -66.32 18.13 8.57
N LEU L 118 -66.98 17.31 7.73
CA LEU L 118 -66.52 17.00 6.38
C LEU L 118 -66.75 18.25 5.52
N VAL L 119 -65.73 18.66 4.76
CA VAL L 119 -65.83 19.84 3.89
C VAL L 119 -65.55 19.35 2.45
N ALA L 120 -66.53 19.47 1.54
CA ALA L 120 -66.34 19.07 0.14
C ALA L 120 -66.93 20.10 -0.78
N HIS L 121 -66.25 20.37 -1.91
CA HIS L 121 -66.67 21.34 -2.91
C HIS L 121 -67.72 20.69 -3.78
N ASN L 122 -68.95 21.24 -3.77
CA ASN L 122 -70.13 20.69 -4.48
C ASN L 122 -70.47 19.31 -3.90
N GLY L 123 -70.11 19.10 -2.63
CA GLY L 123 -70.29 17.86 -1.89
C GLY L 123 -71.74 17.45 -1.69
N ASP L 124 -72.64 18.42 -1.46
CA ASP L 124 -74.08 18.19 -1.23
C ASP L 124 -74.75 17.37 -2.35
N ARG L 125 -74.22 17.46 -3.58
CA ARG L 125 -74.75 16.83 -4.78
C ARG L 125 -73.89 15.67 -5.23
N TYR L 126 -72.60 15.64 -4.86
CA TYR L 126 -71.74 14.58 -5.35
C TYR L 126 -71.13 13.71 -4.25
N ASP L 127 -70.05 14.17 -3.60
CA ASP L 127 -69.25 13.43 -2.60
C ASP L 127 -70.06 12.90 -1.39
N PHE L 128 -70.93 13.72 -0.78
CA PHE L 128 -71.71 13.31 0.39
C PHE L 128 -72.78 12.24 0.04
N PRO L 129 -73.74 12.43 -0.92
CA PRO L 129 -74.68 11.35 -1.23
C PRO L 129 -74.02 10.08 -1.78
N LEU L 130 -72.86 10.19 -2.50
CA LEU L 130 -72.18 9.00 -3.00
C LEU L 130 -71.58 8.17 -1.85
N LEU L 131 -70.97 8.85 -0.83
CA LEU L 131 -70.40 8.21 0.36
C LEU L 131 -71.51 7.52 1.14
N GLN L 132 -72.66 8.21 1.33
CA GLN L 132 -73.86 7.67 2.00
C GLN L 132 -74.40 6.47 1.27
N ALA L 133 -74.38 6.48 -0.09
CA ALA L 133 -74.85 5.37 -0.91
C ALA L 133 -73.91 4.16 -0.77
N GLU L 134 -72.58 4.38 -0.77
CA GLU L 134 -71.59 3.33 -0.59
C GLU L 134 -71.70 2.65 0.77
N LEU L 135 -71.86 3.44 1.84
CA LEU L 135 -72.02 2.96 3.22
C LEU L 135 -73.35 2.23 3.42
N ALA L 136 -74.44 2.69 2.76
CA ALA L 136 -75.75 2.05 2.88
C ALA L 136 -75.80 0.70 2.16
N MET L 137 -75.01 0.55 1.08
CA MET L 137 -74.92 -0.70 0.31
C MET L 137 -74.22 -1.80 1.13
N LEU L 138 -73.44 -1.43 2.16
CA LEU L 138 -72.77 -2.38 3.06
C LEU L 138 -73.58 -2.64 4.32
N GLY L 139 -74.77 -2.04 4.41
CA GLY L 139 -75.67 -2.15 5.54
C GLY L 139 -75.27 -1.27 6.71
N LEU L 140 -74.25 -0.43 6.51
CA LEU L 140 -73.70 0.48 7.52
C LEU L 140 -74.23 1.89 7.24
N THR L 141 -75.57 1.98 7.16
CA THR L 141 -76.38 3.16 6.82
C THR L 141 -76.12 4.35 7.77
N SER L 142 -76.10 4.13 9.10
CA SER L 142 -75.91 5.20 10.10
C SER L 142 -74.45 5.33 10.61
N ALA L 143 -73.46 4.72 9.91
CA ALA L 143 -72.04 4.69 10.28
C ALA L 143 -71.41 6.08 10.55
N LEU L 144 -71.77 7.12 9.75
CA LEU L 144 -71.20 8.47 9.93
C LEU L 144 -72.22 9.48 10.48
N ASP L 145 -73.07 9.00 11.40
N ASP L 145 -73.23 9.01 11.24
CA ASP L 145 -73.97 9.81 12.21
CA ASP L 145 -74.33 9.86 11.76
C ASP L 145 -73.05 10.38 13.29
C ASP L 145 -73.87 10.95 12.77
N GLY L 146 -73.40 11.57 13.78
N GLY L 146 -72.80 10.70 13.52
CA GLY L 146 -72.54 12.26 14.73
CA GLY L 146 -72.28 11.60 14.55
C GLY L 146 -71.63 13.22 13.99
C GLY L 146 -71.40 12.76 14.08
N ALA L 147 -71.20 12.85 12.75
CA ALA L 147 -70.37 13.79 11.98
C ALA L 147 -71.24 14.88 11.33
N PHE L 148 -70.60 15.98 10.98
CA PHE L 148 -71.25 17.11 10.33
C PHE L 148 -70.63 17.32 8.94
N CYS L 149 -71.29 18.17 8.10
CA CYS L 149 -70.76 18.44 6.79
C CYS L 149 -71.16 19.82 6.31
N VAL L 150 -70.34 20.36 5.40
CA VAL L 150 -70.56 21.64 4.75
C VAL L 150 -70.12 21.53 3.29
N ASP L 151 -70.92 22.10 2.40
CA ASP L 151 -70.54 22.18 1.01
C ASP L 151 -69.81 23.54 0.96
N SER L 152 -68.54 23.52 0.52
CA SER L 152 -67.69 24.72 0.43
C SER L 152 -68.13 25.71 -0.67
N ILE L 153 -69.05 25.32 -1.58
CA ILE L 153 -69.60 26.24 -2.59
C ILE L 153 -70.52 27.21 -1.83
N THR L 154 -71.40 26.66 -0.95
CA THR L 154 -72.34 27.42 -0.10
C THR L 154 -71.55 28.40 0.80
N ALA L 155 -70.41 27.95 1.33
CA ALA L 155 -69.54 28.70 2.24
C ALA L 155 -68.84 29.88 1.55
N LEU L 156 -68.18 29.65 0.40
CA LEU L 156 -67.44 30.72 -0.31
C LEU L 156 -68.40 31.70 -1.03
N LYS L 157 -69.68 31.31 -1.26
CA LYS L 157 -70.68 32.22 -1.84
C LYS L 157 -71.02 33.22 -0.73
N ALA L 158 -71.25 32.71 0.49
CA ALA L 158 -71.61 33.47 1.69
C ALA L 158 -70.54 34.51 2.11
N LEU L 159 -69.24 34.18 1.98
CA LEU L 159 -68.15 35.10 2.37
C LEU L 159 -67.94 36.21 1.34
N SER L 173 -68.33 32.38 -11.81
CA SER L 173 -68.14 30.95 -11.63
C SER L 173 -67.64 30.61 -10.22
N TYR L 174 -68.12 29.47 -9.68
CA TYR L 174 -67.78 29.03 -8.34
C TYR L 174 -67.19 27.60 -8.36
N SER L 175 -66.55 27.21 -9.49
CA SER L 175 -65.86 25.92 -9.61
C SER L 175 -64.53 26.04 -8.84
N LEU L 176 -63.96 24.90 -8.40
CA LEU L 176 -62.70 24.85 -7.63
C LEU L 176 -61.56 25.60 -8.36
N GLY L 177 -61.49 25.46 -9.69
CA GLY L 177 -60.48 26.12 -10.54
C GLY L 177 -60.67 27.61 -10.71
N SER L 178 -61.95 28.07 -10.89
CA SER L 178 -62.29 29.50 -11.04
C SER L 178 -61.99 30.29 -9.76
N ILE L 179 -62.39 29.75 -8.58
CA ILE L 179 -62.17 30.35 -7.26
C ILE L 179 -60.67 30.43 -6.98
N TYR L 180 -59.93 29.35 -7.28
CA TYR L 180 -58.48 29.25 -7.10
C TYR L 180 -57.74 30.32 -7.92
N THR L 181 -58.04 30.43 -9.23
CA THR L 181 -57.41 31.40 -10.13
C THR L 181 -57.74 32.84 -9.70
N ARG L 182 -59.00 33.08 -9.32
CA ARG L 182 -59.50 34.37 -8.85
C ARG L 182 -58.75 34.84 -7.60
N LEU L 183 -58.45 33.91 -6.66
CA LEU L 183 -57.75 34.24 -5.41
C LEU L 183 -56.22 34.21 -5.52
N TYR L 184 -55.64 33.26 -6.29
CA TYR L 184 -54.19 33.06 -6.32
C TYR L 184 -53.51 33.29 -7.70
N GLY L 185 -54.26 33.78 -8.70
CA GLY L 185 -53.72 34.16 -10.00
C GLY L 185 -53.38 33.06 -11.00
N GLN L 186 -53.26 31.80 -10.55
CA GLN L 186 -52.90 30.69 -11.43
C GLN L 186 -53.81 29.46 -11.23
N SER L 187 -53.62 28.44 -12.07
CA SER L 187 -54.36 27.18 -11.98
C SER L 187 -53.68 26.30 -10.90
N PRO L 188 -54.41 25.44 -10.16
CA PRO L 188 -53.74 24.61 -9.14
C PRO L 188 -53.04 23.37 -9.71
N PRO L 189 -52.06 22.76 -8.99
CA PRO L 189 -51.42 21.53 -9.53
C PRO L 189 -52.19 20.23 -9.19
N ASP L 190 -51.89 19.13 -9.93
CA ASP L 190 -52.46 17.77 -9.81
C ASP L 190 -54.00 17.77 -9.82
N SER L 191 -54.59 18.59 -10.71
CA SER L 191 -56.04 18.74 -10.88
C SER L 191 -56.75 17.43 -11.25
N HIS L 192 -58.05 17.34 -10.89
CA HIS L 192 -58.99 16.23 -11.11
C HIS L 192 -58.52 14.88 -10.46
N THR L 193 -57.54 14.95 -9.51
CA THR L 193 -57.09 13.81 -8.67
C THR L 193 -57.60 14.15 -7.25
N ALA L 194 -58.20 13.18 -6.54
CA ALA L 194 -58.86 13.38 -5.24
C ALA L 194 -57.99 14.21 -4.25
N GLU L 195 -56.71 13.85 -4.09
CA GLU L 195 -55.75 14.56 -3.21
C GLU L 195 -55.46 15.98 -3.74
N GLY L 196 -55.23 16.08 -5.05
CA GLY L 196 -54.97 17.35 -5.72
C GLY L 196 -56.10 18.34 -5.55
N ASP L 197 -57.35 17.85 -5.64
CA ASP L 197 -58.55 18.67 -5.43
C ASP L 197 -58.77 19.00 -3.92
N VAL L 198 -58.40 18.07 -2.98
CA VAL L 198 -58.48 18.30 -1.52
C VAL L 198 -57.47 19.40 -1.13
N LEU L 199 -56.24 19.34 -1.67
CA LEU L 199 -55.23 20.36 -1.36
C LEU L 199 -55.56 21.73 -2.02
N ALA L 200 -56.23 21.74 -3.19
CA ALA L 200 -56.64 23.00 -3.83
C ALA L 200 -57.77 23.66 -3.02
N LEU L 201 -58.69 22.84 -2.47
CA LEU L 201 -59.79 23.29 -1.61
C LEU L 201 -59.27 23.93 -0.31
N LEU L 202 -58.32 23.23 0.37
CA LEU L 202 -57.67 23.69 1.60
C LEU L 202 -57.05 25.07 1.39
N SER L 203 -56.30 25.26 0.28
CA SER L 203 -55.68 26.55 -0.09
C SER L 203 -56.74 27.64 -0.18
N ILE L 204 -57.85 27.38 -0.87
CA ILE L 204 -58.97 28.30 -1.03
C ILE L 204 -59.58 28.66 0.35
N CYS L 205 -59.81 27.63 1.19
CA CYS L 205 -60.38 27.78 2.54
C CYS L 205 -59.41 28.50 3.50
N GLN L 206 -58.12 28.62 3.14
CA GLN L 206 -57.10 29.34 3.91
C GLN L 206 -56.97 30.86 3.53
N TRP L 207 -57.76 31.37 2.54
CA TRP L 207 -57.76 32.78 2.13
C TRP L 207 -58.27 33.67 3.28
N ARG L 208 -59.49 33.37 3.79
CA ARG L 208 -60.12 34.04 4.94
C ARG L 208 -60.42 32.90 5.94
N PRO L 209 -59.37 32.37 6.65
CA PRO L 209 -59.58 31.17 7.49
C PRO L 209 -60.49 31.40 8.69
N GLN L 210 -60.41 32.56 9.35
CA GLN L 210 -61.25 32.88 10.51
C GLN L 210 -62.73 33.03 10.13
N ALA L 211 -63.00 33.74 9.02
CA ALA L 211 -64.37 33.98 8.56
C ALA L 211 -65.01 32.69 8.05
N LEU L 212 -64.22 31.78 7.42
CA LEU L 212 -64.75 30.51 6.95
C LEU L 212 -65.10 29.60 8.12
N LEU L 213 -64.19 29.52 9.11
CA LEU L 213 -64.37 28.72 10.31
C LEU L 213 -65.60 29.21 11.07
N ARG L 214 -65.81 30.54 11.16
CA ARG L 214 -66.99 31.14 11.80
C ARG L 214 -68.29 30.78 11.04
N TRP L 215 -68.25 30.69 9.69
CA TRP L 215 -69.43 30.28 8.91
C TRP L 215 -69.69 28.78 9.09
N VAL L 216 -68.64 27.95 9.12
CA VAL L 216 -68.76 26.49 9.27
C VAL L 216 -69.40 26.15 10.63
N ASP L 217 -68.97 26.85 11.72
CA ASP L 217 -69.46 26.67 13.09
C ASP L 217 -70.93 26.94 13.19
N ALA L 218 -71.40 27.94 12.43
CA ALA L 218 -72.79 28.36 12.39
C ALA L 218 -73.67 27.54 11.41
N HIS L 219 -73.08 26.90 10.37
CA HIS L 219 -73.91 26.25 9.35
C HIS L 219 -73.65 24.78 9.07
N ALA L 220 -72.86 24.09 9.90
CA ALA L 220 -72.59 22.65 9.74
C ALA L 220 -73.86 21.85 9.88
N ARG L 221 -74.11 20.91 8.95
CA ARG L 221 -75.32 20.06 8.93
C ARG L 221 -75.01 18.63 9.41
N PRO L 222 -75.86 18.00 10.26
CA PRO L 222 -75.61 16.58 10.61
C PRO L 222 -75.55 15.72 9.34
N PHE L 223 -74.53 14.82 9.23
CA PHE L 223 -74.31 14.02 8.01
C PHE L 223 -75.50 13.11 7.69
N GLY L 224 -76.28 12.73 8.71
CA GLY L 224 -77.47 11.89 8.57
C GLY L 224 -78.57 12.51 7.73
N THR L 225 -78.54 13.85 7.56
CA THR L 225 -79.51 14.59 6.74
C THR L 225 -79.22 14.39 5.24
N ILE L 226 -78.03 13.84 4.93
CA ILE L 226 -77.60 13.52 3.57
C ILE L 226 -78.22 12.17 3.23
N ARG L 227 -79.12 12.16 2.24
CA ARG L 227 -79.77 10.94 1.75
C ARG L 227 -78.80 10.23 0.77
N PRO L 228 -78.84 8.87 0.64
CA PRO L 228 -77.96 8.19 -0.33
C PRO L 228 -78.29 8.61 -1.78
N MET L 229 -77.28 8.70 -2.64
CA MET L 229 -77.44 9.03 -4.07
C MET L 229 -78.37 8.01 -4.77
N TYR L 230 -78.23 6.70 -4.41
CA TYR L 230 -79.04 5.57 -4.92
C TYR L 230 -78.91 4.36 -3.95
N GLY L 231 -79.83 3.41 -4.04
CA GLY L 231 -79.88 2.22 -3.21
#